data_4IIF
#
_entry.id   4IIF
#
_cell.length_a   82.375
_cell.length_b   122.242
_cell.length_c   222.181
_cell.angle_alpha   90.00
_cell.angle_beta   90.00
_cell.angle_gamma   90.00
#
_symmetry.space_group_name_H-M   'P 21 21 21'
#
loop_
_entity.id
_entity.type
_entity.pdbx_description
1 polymer 'Beta-glucosidase 1'
2 branched alpha-D-mannopyranose-(1-6)-beta-D-mannopyranose-(1-4)-2-acetamido-2-deoxy-beta-D-glucopyranose-(1-4)-2-acetamido-2-deoxy-beta-D-glucopyranose
3 branched beta-D-mannopyranose-(1-4)-2-acetamido-2-deoxy-beta-D-glucopyranose-(1-4)-2-acetamido-2-deoxy-beta-D-glucopyranose
4 branched 2-acetamido-2-deoxy-beta-D-glucopyranose-(1-4)-2-acetamido-2-deoxy-beta-D-glucopyranose
5 branched alpha-D-mannopyranose-(1-2)-alpha-D-mannopyranose-(1-3)-[alpha-D-mannopyranose-(1-2)-alpha-D-mannopyranose-(1-6)]alpha-D-mannopyranose-(1-6)-[alpha-D-mannopyranose-(1-2)-alpha-D-mannopyranose-(1-3)]beta-D-mannopyranose-(1-4)-2-acetamido-2-deoxy-beta-D-glucopyranose-(1-4)-2-acetamido-2-deoxy-beta-D-glucopyranose
6 branched alpha-D-mannopyranose-(1-2)-alpha-D-mannopyranose-(1-6)-alpha-D-mannopyranose-(1-6)-[alpha-D-mannopyranose-(1-3)]beta-D-mannopyranose-(1-4)-2-acetamido-2-deoxy-beta-D-glucopyranose-(1-4)-2-acetamido-2-deoxy-beta-D-glucopyranose
7 branched alpha-D-mannopyranose-(1-2)-alpha-D-mannopyranose-(1-3)-alpha-D-mannopyranose-(1-6)-beta-D-mannopyranose-(1-4)-2-acetamido-2-deoxy-beta-D-glucopyranose-(1-4)-2-acetamido-2-deoxy-beta-D-glucopyranose
8 branched alpha-D-mannopyranose-(1-2)-alpha-D-mannopyranose-(1-2)-alpha-D-mannopyranose-(1-3)-[alpha-D-mannopyranose-(1-6)]beta-D-mannopyranose-(1-4)-2-acetamido-2-deoxy-beta-D-glucopyranose-(1-4)-2-acetamido-2-deoxy-beta-D-glucopyranose
9 branched alpha-D-mannopyranose-(1-2)-alpha-D-mannopyranose-(1-3)-[alpha-D-mannopyranose-(1-6)]alpha-D-mannopyranose-(1-6)-[alpha-D-mannopyranose-(1-3)]beta-D-mannopyranose-(1-4)-2-acetamido-2-deoxy-beta-D-glucopyranose-(1-4)-2-acetamido-2-deoxy-beta-D-glucopyranose
10 non-polymer 2-acetamido-2-deoxy-beta-D-glucopyranose
11 non-polymer (4R)-2-METHYLPENTANE-2,4-DIOL
12 non-polymer (4S)-2-METHYL-2,4-PENTANEDIOL
13 non-polymer CASTANOSPERMINE
14 water water
#
_entity_poly.entity_id   1
_entity_poly.type   'polypeptide(L)'
_entity_poly.pdbx_seq_one_letter_code
;DELAFSPPFYPSPWANGQGEWAEAYQRAVAIVSQMTLDEKVNLTTGTGWELEKCVGQTGGVPRLNIGGMCLQDSPLGIRD
SDYNSAFPAGVNVAATWDKNLAYLRGQAMGQEFSDKGIDVQLGPAAGPLGRSPDGGRNWEGFSPDPALTGVLFAETIKGI
QDAGVVATAKHYILNEQEHFRQVAEAAGYGFNISDTISSNVDDKTIHEMYLWPFADAVRAGVGAIMCSYNQINNSYGCQN
SYTLNKLLKAELGFQGFVMSDWGAHHSGVGSALAGLDMSMPGDITFDSATSFWGTNLTIAVLNGTVPQWRVDDMAVRIMA
AYYKVGRDRLYQPPNFSSWTRDEYGFKYFYPQEGPYEKVNHFVNVQRNHSEVIRKLGADSTVLLKNNNALPLTGKERKVA
ILGEDAGSNSYGANGCSDRGCDNGTLAMAWGSGTAEFPYLVTPEQAIQAEVLKHKGSVYAITDNWALSQVETLAKQASVS
LVFVNSDAGEGYISVDGNEGDRNNLTLWKNGDNLIKAAANNCNNTIVVIHSVGPVLVDEWYDHPNVTAILWAGLPGQESG
NSLADVLYGRVNPGAKSPFTWGKTREAYGDYLVRELNNGNGAPQDDFSEGVFIDYRGFDKRNETPIYEFGHGLSYTTFNY
SGLHIQVLNASSNAQVATETGAAPTFGQVGNASDYVYPEGLTRISKFIYPWLNSTDLKASSGDPYYGVDTAEHVPEGATD
GSPQPVLPAGGGSGGNPRLYDELIRVSVTVKNTGRVAGDAVPQLYVSLGGPNEPKVVLRKFDRLTLKPSEETVWTTTLTR
RDLSNWDVAAQDWVITSYPKKVHVGSSSRQLPLHAALPKVQ
;
_entity_poly.pdbx_strand_id   A,B
#
loop_
_chem_comp.id
_chem_comp.type
_chem_comp.name
_chem_comp.formula
BMA D-saccharide, beta linking beta-D-mannopyranose 'C6 H12 O6'
CTS non-polymer CASTANOSPERMINE 'C8 H15 N O4'
MAN D-saccharide, alpha linking alpha-D-mannopyranose 'C6 H12 O6'
MPD non-polymer (4S)-2-METHYL-2,4-PENTANEDIOL 'C6 H14 O2'
MRD non-polymer (4R)-2-METHYLPENTANE-2,4-DIOL 'C6 H14 O2'
NAG D-saccharide, beta linking 2-acetamido-2-deoxy-beta-D-glucopyranose 'C8 H15 N O6'
#
# COMPACT_ATOMS: atom_id res chain seq x y z
N LEU A 3 21.59 44.04 25.40
CA LEU A 3 21.10 42.62 25.38
C LEU A 3 20.04 42.45 26.45
N ALA A 4 18.92 41.80 26.11
CA ALA A 4 17.88 41.53 27.08
C ALA A 4 18.45 40.88 28.38
N PHE A 5 17.90 41.30 29.52
CA PHE A 5 18.41 40.89 30.83
C PHE A 5 17.28 40.21 31.62
N SER A 6 17.60 39.14 32.36
CA SER A 6 16.63 38.45 33.18
C SER A 6 16.86 38.70 34.68
N PRO A 7 15.97 39.51 35.30
CA PRO A 7 16.14 39.99 36.68
C PRO A 7 16.03 38.84 37.66
N PRO A 8 16.85 38.84 38.75
CA PRO A 8 16.84 37.72 39.73
C PRO A 8 15.52 37.67 40.53
N PHE A 9 15.16 36.51 41.05
CA PHE A 9 14.06 36.40 41.98
C PHE A 9 14.43 35.25 42.90
N TYR A 10 14.70 35.58 44.17
CA TYR A 10 15.13 34.62 45.15
C TYR A 10 14.54 35.00 46.50
N PRO A 11 14.35 34.02 47.42
CA PRO A 11 14.66 32.59 47.33
C PRO A 11 13.71 31.82 46.44
N SER A 12 14.16 30.61 46.08
CA SER A 12 13.36 29.63 45.37
C SER A 12 12.28 29.07 46.30
N PRO A 13 10.99 29.42 46.05
CA PRO A 13 9.89 29.10 46.97
C PRO A 13 9.81 27.61 47.29
N TRP A 14 9.48 27.30 48.55
CA TRP A 14 9.35 25.90 49.03
C TRP A 14 7.89 25.51 49.03
N ALA A 15 7.65 24.21 48.82
CA ALA A 15 6.32 23.62 48.85
C ALA A 15 5.55 23.87 50.16
N ASN A 16 4.22 23.81 50.14
CA ASN A 16 3.42 24.04 51.36
C ASN A 16 2.12 23.26 51.47
N GLY A 17 1.96 22.16 50.73
CA GLY A 17 0.67 21.46 50.74
C GLY A 17 -0.50 22.34 50.30
N GLN A 18 -0.29 23.17 49.29
CA GLN A 18 -1.30 24.05 48.75
C GLN A 18 -2.46 23.21 48.21
N GLY A 19 -3.70 23.58 48.60
CA GLY A 19 -4.94 23.07 47.97
C GLY A 19 -5.08 21.55 47.87
N GLU A 20 -5.07 21.03 46.63
CA GLU A 20 -5.23 19.60 46.40
C GLU A 20 -3.95 18.80 46.68
N TRP A 21 -2.85 19.50 46.97
CA TRP A 21 -1.57 18.85 47.38
C TRP A 21 -1.40 18.54 48.89
N ALA A 22 -2.37 18.91 49.71
CA ALA A 22 -2.30 18.73 51.18
C ALA A 22 -1.74 17.35 51.56
N GLU A 23 -2.39 16.31 51.08
CA GLU A 23 -2.08 14.97 51.51
C GLU A 23 -0.76 14.41 50.96
N ALA A 24 -0.55 14.63 49.64
CA ALA A 24 0.72 14.25 49.02
C ALA A 24 1.86 14.97 49.73
N TYR A 25 1.66 16.23 50.12
CA TYR A 25 2.74 16.95 50.77
C TYR A 25 3.10 16.30 52.16
N GLN A 26 2.07 16.08 52.98
CA GLN A 26 2.23 15.38 54.26
C GLN A 26 3.02 14.13 54.08
N ARG A 27 2.64 13.31 53.10
CA ARG A 27 3.31 11.99 52.93
C ARG A 27 4.77 12.21 52.43
N ALA A 28 4.97 13.18 51.54
CA ALA A 28 6.30 13.48 51.00
C ALA A 28 7.26 13.84 52.14
N VAL A 29 6.76 14.72 53.01
CA VAL A 29 7.46 15.25 54.20
C VAL A 29 7.83 14.08 55.12
N ALA A 30 6.85 13.20 55.39
CA ALA A 30 7.10 12.09 56.30
C ALA A 30 8.17 11.14 55.77
N ILE A 31 8.28 10.98 54.44
CA ILE A 31 9.26 10.02 53.88
C ILE A 31 10.66 10.65 53.78
N VAL A 32 10.67 11.91 53.40
CA VAL A 32 11.93 12.60 53.13
C VAL A 32 12.64 12.83 54.50
N SER A 33 11.85 13.05 55.57
CA SER A 33 12.35 13.19 56.95
C SER A 33 13.26 12.06 57.38
N GLN A 34 13.03 10.86 56.81
CA GLN A 34 13.84 9.64 57.05
C GLN A 34 15.09 9.48 56.19
N MET A 35 15.31 10.41 55.27
CA MET A 35 16.23 10.11 54.21
C MET A 35 17.56 10.75 54.54
N THR A 36 18.62 10.08 54.14
CA THR A 36 19.96 10.63 54.25
C THR A 36 20.14 11.63 53.09
N LEU A 37 21.13 12.51 53.18
CA LEU A 37 21.33 13.52 52.15
C LEU A 37 21.59 12.87 50.78
N ASP A 38 22.39 11.77 50.72
CA ASP A 38 22.72 11.07 49.45
C ASP A 38 21.50 10.41 48.85
N GLU A 39 20.63 9.91 49.71
CA GLU A 39 19.34 9.38 49.27
C GLU A 39 18.55 10.51 48.56
N LYS A 40 18.49 11.71 49.19
CA LYS A 40 17.75 12.87 48.69
C LYS A 40 18.27 13.27 47.31
N VAL A 41 19.60 13.28 47.20
CA VAL A 41 20.29 13.66 45.99
C VAL A 41 19.95 12.70 44.84
N ASN A 42 19.85 11.41 45.18
CA ASN A 42 19.44 10.36 44.23
C ASN A 42 18.09 10.72 43.60
N LEU A 43 17.15 11.26 44.37
CA LEU A 43 15.83 11.60 43.84
C LEU A 43 15.94 12.69 42.73
N THR A 44 16.97 13.56 42.85
CA THR A 44 17.11 14.76 42.02
C THR A 44 17.90 14.62 40.71
N THR A 45 18.61 13.52 40.52
CA THR A 45 19.63 13.40 39.47
C THR A 45 19.48 12.09 38.68
N GLY A 46 19.39 12.15 37.35
CA GLY A 46 19.29 10.94 36.54
C GLY A 46 20.58 10.12 36.64
N THR A 47 20.61 8.90 36.17
CA THR A 47 21.80 8.12 36.46
C THR A 47 22.76 8.09 35.27
N GLY A 48 22.48 8.85 34.21
CA GLY A 48 23.36 8.92 33.05
C GLY A 48 22.68 8.38 31.79
N TRP A 49 22.98 9.00 30.65
CA TRP A 49 22.32 8.69 29.39
C TRP A 49 22.47 7.22 29.06
N GLU A 50 21.35 6.48 29.03
CA GLU A 50 21.34 5.05 28.57
C GLU A 50 21.88 4.03 29.54
N LEU A 51 21.95 4.44 30.80
CA LEU A 51 22.37 3.57 31.85
C LEU A 51 21.30 2.60 32.30
N GLU A 52 20.04 2.98 32.28
CA GLU A 52 19.04 2.02 32.68
C GLU A 52 17.98 1.76 31.56
N LYS A 53 16.69 1.82 31.87
CA LYS A 53 15.66 1.43 30.90
C LYS A 53 14.98 2.55 30.11
N CYS A 54 14.74 3.66 30.78
CA CYS A 54 13.94 4.75 30.25
C CYS A 54 14.78 5.91 29.75
N VAL A 55 14.20 6.77 28.90
CA VAL A 55 14.94 7.93 28.38
C VAL A 55 15.45 8.80 29.55
N GLY A 56 14.71 8.84 30.66
CA GLY A 56 15.25 9.38 31.92
C GLY A 56 15.00 8.38 33.03
N GLN A 57 15.90 8.28 34.00
CA GLN A 57 15.72 7.37 35.12
C GLN A 57 16.56 7.85 36.31
N THR A 58 15.95 7.97 37.48
CA THR A 58 16.71 8.21 38.70
C THR A 58 17.01 6.87 39.40
N GLY A 59 17.94 6.89 40.36
CA GLY A 59 18.33 5.72 41.12
C GLY A 59 17.35 5.32 42.22
N GLY A 60 16.41 6.19 42.58
CA GLY A 60 15.49 5.85 43.67
C GLY A 60 16.20 5.84 45.03
N VAL A 61 15.54 5.24 46.01
CA VAL A 61 16.02 5.14 47.37
C VAL A 61 15.73 3.72 47.83
N PRO A 62 16.70 2.82 47.61
CA PRO A 62 16.32 1.41 47.90
C PRO A 62 16.11 1.10 49.39
N ARG A 63 16.85 1.76 50.29
CA ARG A 63 16.63 1.56 51.71
C ARG A 63 15.21 1.88 52.07
N LEU A 64 14.54 2.79 51.37
CA LEU A 64 13.14 3.06 51.75
C LEU A 64 12.13 2.46 50.78
N ASN A 65 12.60 1.56 49.91
CA ASN A 65 11.70 0.88 48.99
C ASN A 65 11.03 1.83 47.96
N ILE A 66 11.81 2.77 47.43
CA ILE A 66 11.33 3.71 46.45
C ILE A 66 12.17 3.34 45.27
N GLY A 67 11.55 2.82 44.22
CA GLY A 67 12.30 2.38 43.07
C GLY A 67 12.66 3.61 42.26
N GLY A 68 13.69 3.45 41.42
CA GLY A 68 14.12 4.52 40.52
C GLY A 68 12.90 5.07 39.79
N MET A 69 12.80 6.39 39.63
CA MET A 69 11.74 6.94 38.79
C MET A 69 12.11 6.82 37.33
N CYS A 70 11.18 6.28 36.54
CA CYS A 70 11.36 6.10 35.09
C CYS A 70 10.55 7.14 34.32
N LEU A 71 11.24 7.98 33.52
CA LEU A 71 10.63 9.05 32.70
C LEU A 71 10.74 8.66 31.23
N GLN A 72 9.60 8.57 30.54
CA GLN A 72 9.56 8.15 29.14
C GLN A 72 8.79 9.10 28.30
N ASP A 73 9.29 9.39 27.10
CA ASP A 73 8.52 10.11 26.10
C ASP A 73 7.34 9.26 25.63
N SER A 74 6.35 9.78 24.89
CA SER A 74 6.23 11.12 24.40
C SER A 74 4.80 11.59 24.67
N PRO A 75 4.45 12.82 24.22
CA PRO A 75 3.10 13.31 24.39
C PRO A 75 2.00 12.63 23.60
N LEU A 76 2.32 11.65 22.72
CA LEU A 76 1.29 10.94 21.96
C LEU A 76 1.39 9.43 22.04
N GLY A 77 2.14 8.91 23.02
CA GLY A 77 2.25 7.47 23.21
C GLY A 77 3.67 7.04 23.60
N ILE A 78 3.83 5.82 24.14
CA ILE A 78 5.13 5.42 24.61
C ILE A 78 6.15 5.33 23.48
N ARG A 79 7.26 6.02 23.71
CA ARG A 79 8.41 6.06 22.83
C ARG A 79 9.34 4.88 23.10
N ASP A 80 9.87 4.30 22.02
CA ASP A 80 11.03 3.46 22.10
C ASP A 80 10.74 2.17 22.82
N SER A 81 9.53 1.66 22.62
CA SER A 81 9.07 0.46 23.36
C SER A 81 8.41 -0.49 22.38
N ASP A 82 7.60 -1.45 22.85
CA ASP A 82 6.83 -2.31 21.91
C ASP A 82 5.42 -2.54 22.40
N TYR A 83 4.52 -3.01 21.52
CA TYR A 83 3.11 -3.32 21.87
C TYR A 83 2.46 -2.17 22.65
N ASN A 84 2.67 -0.97 22.12
CA ASN A 84 2.05 0.26 22.55
C ASN A 84 1.24 0.84 21.39
N SER A 85 0.43 1.82 21.69
CA SER A 85 -0.40 2.52 20.73
C SER A 85 0.28 3.77 20.24
N ALA A 86 -0.16 4.28 19.10
CA ALA A 86 0.32 5.57 18.62
C ALA A 86 -0.86 6.47 18.47
N PHE A 87 -0.98 7.48 19.33
CA PHE A 87 -2.19 8.32 19.33
C PHE A 87 -2.08 9.51 18.37
N PRO A 88 -3.20 10.18 18.03
CA PRO A 88 -2.98 11.37 17.17
C PRO A 88 -2.18 12.45 17.92
N ALA A 89 -1.53 13.36 17.19
CA ALA A 89 -0.74 14.39 17.80
C ALA A 89 -1.58 15.41 18.62
N GLY A 90 -0.91 16.12 19.52
CA GLY A 90 -1.56 17.15 20.31
C GLY A 90 -2.39 18.13 19.47
N VAL A 91 -1.83 18.57 18.34
CA VAL A 91 -2.57 19.41 17.38
C VAL A 91 -3.92 18.78 16.93
N ASN A 92 -3.94 17.48 16.74
CA ASN A 92 -5.21 16.84 16.47
C ASN A 92 -6.20 17.06 17.63
N VAL A 93 -5.72 16.98 18.88
CA VAL A 93 -6.59 17.15 20.09
C VAL A 93 -7.18 18.56 20.03
N ALA A 94 -6.33 19.52 19.73
CA ALA A 94 -6.74 20.91 19.54
C ALA A 94 -7.90 21.04 18.52
N ALA A 95 -7.78 20.28 17.40
CA ALA A 95 -8.69 20.43 16.29
C ALA A 95 -10.04 19.84 16.67
N THR A 96 -10.06 18.89 17.62
CA THR A 96 -11.36 18.37 18.08
C THR A 96 -12.12 19.44 18.86
N TRP A 97 -11.45 20.40 19.49
CA TRP A 97 -12.12 21.35 20.39
C TRP A 97 -12.98 20.58 21.41
N ASP A 98 -12.51 19.39 21.79
CA ASP A 98 -13.27 18.51 22.65
C ASP A 98 -12.53 18.15 23.93
N LYS A 99 -12.97 18.77 25.04
CA LYS A 99 -12.45 18.59 26.40
C LYS A 99 -12.42 17.16 26.77
N ASN A 100 -13.50 16.51 26.42
CA ASN A 100 -13.67 15.13 26.72
C ASN A 100 -12.68 14.15 26.07
N LEU A 101 -12.55 14.28 24.75
CA LEU A 101 -11.58 13.52 23.98
C LEU A 101 -10.18 13.79 24.52
N ALA A 102 -9.90 15.05 24.90
CA ALA A 102 -8.57 15.32 25.45
C ALA A 102 -8.31 14.50 26.69
N TYR A 103 -9.32 14.43 27.56
CA TYR A 103 -9.22 13.65 28.80
C TYR A 103 -9.10 12.19 28.48
N LEU A 104 -9.97 11.68 27.59
CA LEU A 104 -9.96 10.24 27.21
C LEU A 104 -8.63 9.77 26.59
N ARG A 105 -8.05 10.58 25.71
CA ARG A 105 -6.71 10.31 25.20
C ARG A 105 -5.62 10.35 26.29
N GLY A 106 -5.73 11.27 27.24
CA GLY A 106 -4.78 11.27 28.39
C GLY A 106 -4.87 10.00 29.23
N GLN A 107 -6.09 9.53 29.48
CA GLN A 107 -6.28 8.34 30.29
C GLN A 107 -5.74 7.10 29.57
N ALA A 108 -6.10 6.97 28.29
CA ALA A 108 -5.66 5.86 27.48
C ALA A 108 -4.14 5.83 27.50
N MET A 109 -3.47 6.97 27.30
CA MET A 109 -1.98 7.01 27.39
C MET A 109 -1.47 6.65 28.84
N GLY A 110 -2.07 7.22 29.89
CA GLY A 110 -1.61 6.92 31.24
C GLY A 110 -1.74 5.42 31.53
N GLN A 111 -2.80 4.77 31.07
CA GLN A 111 -2.91 3.33 31.26
C GLN A 111 -1.73 2.65 30.58
N GLU A 112 -1.39 3.02 29.33
CA GLU A 112 -0.31 2.31 28.63
C GLU A 112 1.02 2.51 29.36
N PHE A 113 1.37 3.78 29.64
CA PHE A 113 2.58 4.15 30.40
C PHE A 113 2.67 3.35 31.68
N SER A 114 1.61 3.40 32.47
CA SER A 114 1.57 2.72 33.76
C SER A 114 1.87 1.21 33.69
N ASP A 115 1.31 0.56 32.67
CA ASP A 115 1.46 -0.89 32.49
C ASP A 115 2.84 -1.29 31.96
N LYS A 116 3.64 -0.31 31.50
CA LYS A 116 5.03 -0.58 31.16
C LYS A 116 5.98 -0.32 32.33
N GLY A 117 5.43 0.05 33.50
CA GLY A 117 6.28 0.41 34.65
C GLY A 117 7.02 1.75 34.50
N ILE A 118 6.44 2.67 33.73
CA ILE A 118 6.92 4.06 33.57
C ILE A 118 6.18 4.94 34.61
N ASP A 119 6.90 5.79 35.35
CA ASP A 119 6.27 6.59 36.42
C ASP A 119 5.95 7.98 35.96
N VAL A 120 6.63 8.47 34.91
CA VAL A 120 6.47 9.85 34.48
C VAL A 120 6.42 9.92 32.95
N GLN A 121 5.32 10.51 32.44
CA GLN A 121 5.19 10.77 31.00
C GLN A 121 5.78 12.13 30.68
N LEU A 122 6.67 12.13 29.73
CA LEU A 122 7.33 13.34 29.20
C LEU A 122 6.42 14.11 28.23
N GLY A 123 5.30 14.61 28.76
CA GLY A 123 4.29 15.35 28.01
C GLY A 123 3.12 15.53 28.96
N PRO A 124 2.06 16.25 28.53
CA PRO A 124 1.74 16.82 27.20
C PRO A 124 2.47 18.14 27.02
N ALA A 125 2.33 18.79 25.87
CA ALA A 125 3.12 19.99 25.58
C ALA A 125 2.24 21.16 25.38
N ALA A 126 2.77 22.34 25.74
CA ALA A 126 2.06 23.62 25.42
C ALA A 126 3.11 24.67 25.19
N GLY A 127 4.36 24.23 25.14
CA GLY A 127 5.44 25.07 24.75
C GLY A 127 6.27 24.22 23.84
N PRO A 128 6.42 24.63 22.58
CA PRO A 128 5.94 25.87 21.99
C PRO A 128 4.42 26.03 21.97
N LEU A 129 3.94 27.25 22.21
CA LEU A 129 2.55 27.56 21.98
C LEU A 129 2.21 27.66 20.49
N GLY A 130 3.17 28.13 19.68
CA GLY A 130 2.98 28.30 18.25
C GLY A 130 3.15 29.73 17.77
N ARG A 131 4.22 30.43 18.21
CA ARG A 131 4.53 31.80 17.78
C ARG A 131 4.57 31.92 16.22
N SER A 132 5.23 30.99 15.57
CA SER A 132 5.48 31.00 14.14
C SER A 132 4.86 29.74 13.45
N PRO A 133 4.09 29.91 12.37
CA PRO A 133 3.45 28.73 11.75
C PRO A 133 4.48 27.69 11.23
N ASP A 134 5.74 28.07 11.05
CA ASP A 134 6.82 27.13 10.65
C ASP A 134 7.70 26.60 11.77
N GLY A 135 7.35 26.79 13.03
CA GLY A 135 8.13 26.17 14.13
C GLY A 135 8.08 24.64 14.03
N GLY A 136 9.23 23.96 14.14
CA GLY A 136 9.30 22.52 14.01
C GLY A 136 8.45 21.68 14.96
N ARG A 137 7.89 22.27 16.02
CA ARG A 137 7.28 21.42 17.09
C ARG A 137 5.89 21.85 17.55
N ASN A 138 5.25 22.77 16.83
CA ASN A 138 3.95 23.27 17.19
C ASN A 138 2.99 22.14 17.34
N TRP A 139 3.14 21.14 16.45
CA TRP A 139 2.25 19.98 16.36
C TRP A 139 2.18 19.12 17.61
N GLU A 140 3.20 19.19 18.43
CA GLU A 140 3.36 18.33 19.58
C GLU A 140 2.46 18.93 20.67
N GLY A 141 2.12 20.22 20.48
CA GLY A 141 1.35 20.98 21.45
C GLY A 141 -0.13 21.04 21.04
N PHE A 142 -0.74 22.19 21.17
CA PHE A 142 -2.14 22.29 20.79
C PHE A 142 -2.36 23.36 19.71
N SER A 143 -2.35 24.61 20.15
CA SER A 143 -2.91 25.70 19.37
C SER A 143 -2.15 26.92 19.77
N PRO A 144 -1.93 27.86 18.82
CA PRO A 144 -1.39 29.16 19.21
C PRO A 144 -2.39 30.01 20.04
N ASP A 145 -3.58 29.47 20.34
CA ASP A 145 -4.51 30.17 21.20
C ASP A 145 -4.28 29.70 22.65
N PRO A 146 -4.02 30.64 23.58
CA PRO A 146 -3.72 30.25 24.98
C PRO A 146 -4.96 29.63 25.64
N ALA A 147 -6.15 30.11 25.31
CA ALA A 147 -7.35 29.59 26.02
C ALA A 147 -7.68 28.13 25.64
N LEU A 148 -7.75 27.89 24.31
CA LEU A 148 -7.95 26.56 23.72
C LEU A 148 -6.87 25.65 24.17
N THR A 149 -5.61 26.10 24.11
CA THR A 149 -4.50 25.24 24.52
C THR A 149 -4.52 24.88 26.02
N GLY A 150 -4.77 25.85 26.89
CA GLY A 150 -4.76 25.63 28.32
C GLY A 150 -5.79 24.65 28.81
N VAL A 151 -7.04 24.79 28.36
CA VAL A 151 -8.10 23.78 28.64
C VAL A 151 -7.74 22.32 28.17
N LEU A 152 -7.24 22.17 26.95
CA LEU A 152 -7.02 20.82 26.42
C LEU A 152 -5.78 20.23 27.06
N PHE A 153 -4.78 21.11 27.29
CA PHE A 153 -3.55 20.82 28.07
C PHE A 153 -3.94 20.27 29.45
N ALA A 154 -4.78 21.02 30.17
CA ALA A 154 -5.24 20.60 31.49
C ALA A 154 -5.99 19.26 31.48
N GLU A 155 -6.94 19.10 30.55
CA GLU A 155 -7.66 17.84 30.45
C GLU A 155 -6.73 16.69 30.12
N THR A 156 -5.81 16.89 29.16
CA THR A 156 -4.83 15.84 28.89
C THR A 156 -4.09 15.40 30.19
N ILE A 157 -3.55 16.39 30.91
CA ILE A 157 -2.87 16.20 32.16
C ILE A 157 -3.80 15.41 33.10
N LYS A 158 -5.07 15.79 33.18
CA LYS A 158 -5.91 15.07 34.16
C LYS A 158 -6.17 13.60 33.85
N GLY A 159 -6.31 13.29 32.56
CA GLY A 159 -6.45 11.92 32.11
C GLY A 159 -5.22 11.11 32.48
N ILE A 160 -4.02 11.63 32.20
CA ILE A 160 -2.77 10.91 32.51
C ILE A 160 -2.65 10.62 34.00
N GLN A 161 -2.81 11.67 34.81
CA GLN A 161 -2.64 11.59 36.27
C GLN A 161 -3.71 10.77 37.01
N ASP A 162 -4.98 10.80 36.57
CA ASP A 162 -6.07 9.94 37.12
C ASP A 162 -5.84 8.49 36.79
N ALA A 163 -5.03 8.22 35.77
CA ALA A 163 -4.63 6.87 35.38
C ALA A 163 -3.36 6.44 36.14
N GLY A 164 -2.83 7.30 37.02
CA GLY A 164 -1.74 6.89 37.88
C GLY A 164 -0.29 7.18 37.45
N VAL A 165 -0.10 8.13 36.55
CA VAL A 165 1.25 8.42 36.03
C VAL A 165 1.46 9.94 36.22
N VAL A 166 2.64 10.38 36.58
CA VAL A 166 2.97 11.83 36.65
C VAL A 166 3.16 12.39 35.23
N ALA A 167 2.40 13.43 34.89
CA ALA A 167 2.49 14.17 33.66
C ALA A 167 3.50 15.27 33.79
N THR A 168 4.16 15.62 32.67
CA THR A 168 5.16 16.65 32.64
C THR A 168 4.76 17.72 31.66
N ALA A 169 4.38 18.89 32.20
CA ALA A 169 4.06 20.04 31.37
C ALA A 169 5.38 20.57 30.83
N LYS A 170 5.52 20.55 29.51
CA LYS A 170 6.72 21.06 28.85
C LYS A 170 6.30 21.90 27.62
N HIS A 171 7.22 22.62 26.99
CA HIS A 171 8.55 22.99 27.52
C HIS A 171 8.47 24.39 28.12
N TYR A 172 8.94 24.50 29.35
CA TYR A 172 8.81 25.75 30.10
C TYR A 172 10.15 26.53 30.00
N ILE A 173 10.25 27.59 29.18
CA ILE A 173 9.11 28.25 28.50
C ILE A 173 9.72 28.99 27.30
N LEU A 174 8.89 29.33 26.32
CA LEU A 174 9.34 30.13 25.17
C LEU A 174 10.26 29.42 24.22
N ASN A 175 10.25 28.09 24.21
CA ASN A 175 10.98 27.32 23.19
C ASN A 175 10.18 27.35 21.82
N GLU A 176 10.04 28.53 21.23
CA GLU A 176 9.12 28.68 20.11
C GLU A 176 9.73 28.33 18.72
N GLN A 177 10.99 27.87 18.72
CA GLN A 177 11.61 27.43 17.44
C GLN A 177 12.76 26.46 17.69
N GLU A 178 13.07 25.65 16.67
CA GLU A 178 14.12 24.63 16.73
C GLU A 178 15.52 25.13 16.45
N HIS A 179 15.66 26.10 15.51
CA HIS A 179 16.94 26.67 15.14
C HIS A 179 17.65 27.34 16.34
N PHE A 180 18.91 26.92 16.56
CA PHE A 180 19.84 27.45 17.58
C PHE A 180 19.37 27.13 18.97
N ARG A 181 18.47 26.14 19.10
CA ARG A 181 17.99 25.72 20.42
C ARG A 181 19.08 25.04 21.28
N GLN A 182 20.12 24.51 20.63
CA GLN A 182 21.23 23.83 21.30
C GLN A 182 22.54 24.07 20.56
N VAL A 183 23.59 24.38 21.35
CA VAL A 183 24.91 24.69 20.86
C VAL A 183 25.45 23.58 19.92
N ALA A 184 25.58 22.35 20.38
CA ALA A 184 26.17 21.24 19.53
C ALA A 184 25.29 21.01 18.33
N GLU A 185 23.98 21.08 18.55
CA GLU A 185 23.04 20.86 17.47
C GLU A 185 23.23 21.91 16.37
N ALA A 186 23.43 23.18 16.77
CA ALA A 186 23.67 24.23 15.75
C ALA A 186 25.03 23.97 15.03
N ALA A 187 26.01 23.45 15.79
CA ALA A 187 27.37 23.21 15.29
C ALA A 187 27.28 22.18 14.16
N GLY A 188 26.55 21.07 14.38
CA GLY A 188 26.25 20.07 13.33
C GLY A 188 25.63 20.65 12.07
N TYR A 189 24.99 21.81 12.18
CA TYR A 189 24.41 22.44 10.99
C TYR A 189 25.31 23.55 10.44
N GLY A 190 26.53 23.69 10.97
CA GLY A 190 27.51 24.71 10.49
C GLY A 190 27.44 26.09 11.14
N PHE A 191 26.72 26.20 12.27
CA PHE A 191 26.59 27.46 12.96
C PHE A 191 27.37 27.34 14.26
N ASN A 192 28.11 28.39 14.56
CA ASN A 192 28.97 28.41 15.72
C ASN A 192 28.36 29.39 16.73
N ILE A 193 27.79 28.89 17.83
CA ILE A 193 27.24 29.84 18.82
C ILE A 193 27.77 29.45 20.18
N SER A 194 27.89 30.40 21.10
CA SER A 194 28.42 30.04 22.43
C SER A 194 27.34 29.65 23.42
N ASP A 195 26.12 30.12 23.17
CA ASP A 195 24.97 29.78 24.00
C ASP A 195 23.67 29.71 23.10
N THR A 196 22.58 29.20 23.67
CA THR A 196 21.37 28.92 22.92
C THR A 196 20.53 30.16 22.70
N ILE A 197 19.72 30.11 21.63
CA ILE A 197 18.87 31.20 21.23
C ILE A 197 18.22 31.80 22.48
N SER A 198 18.11 33.12 22.54
CA SER A 198 17.42 33.76 23.64
C SER A 198 16.01 34.31 23.25
N SER A 199 14.99 33.87 23.99
CA SER A 199 13.64 34.37 23.70
C SER A 199 13.43 35.61 24.53
N ASN A 200 13.25 36.77 23.90
CA ASN A 200 13.13 37.99 24.67
C ASN A 200 11.70 38.52 24.52
N VAL A 201 11.00 38.49 25.66
CA VAL A 201 9.56 38.74 25.70
C VAL A 201 9.23 39.69 26.88
N ASP A 202 8.33 40.63 26.63
CA ASP A 202 7.85 41.52 27.69
C ASP A 202 6.93 40.76 28.67
N ASP A 203 6.81 41.32 29.88
CA ASP A 203 6.07 40.69 30.98
C ASP A 203 4.54 40.59 30.73
N LYS A 204 3.97 41.53 30.03
CA LYS A 204 2.54 41.41 29.70
C LYS A 204 2.30 40.22 28.75
N THR A 205 3.12 40.12 27.70
CA THR A 205 2.95 39.12 26.64
C THR A 205 3.12 37.75 27.25
N ILE A 206 4.19 37.54 28.00
CA ILE A 206 4.37 36.21 28.60
C ILE A 206 3.17 35.82 29.49
N HIS A 207 2.59 36.77 30.23
CA HIS A 207 1.46 36.46 31.13
C HIS A 207 0.19 36.12 30.38
N GLU A 208 -0.07 36.87 29.32
CA GLU A 208 -1.31 36.75 28.55
C GLU A 208 -1.25 35.62 27.50
N MET A 209 -0.05 35.11 27.22
CA MET A 209 0.07 34.07 26.19
C MET A 209 0.78 32.81 26.66
N TYR A 210 2.12 32.84 26.68
CA TYR A 210 2.95 31.65 26.90
C TYR A 210 2.79 31.04 28.31
N LEU A 211 2.60 31.90 29.33
CA LEU A 211 2.44 31.42 30.69
C LEU A 211 1.00 30.84 30.95
N TRP A 212 -0.01 31.36 30.25
CA TRP A 212 -1.41 31.03 30.53
C TRP A 212 -1.77 29.49 30.52
N PRO A 213 -1.39 28.75 29.45
CA PRO A 213 -1.61 27.30 29.52
C PRO A 213 -0.90 26.67 30.71
N PHE A 214 0.25 27.22 31.08
CA PHE A 214 0.97 26.69 32.26
C PHE A 214 0.26 26.98 33.59
N ALA A 215 -0.38 28.14 33.69
CA ALA A 215 -1.27 28.41 34.79
C ALA A 215 -2.38 27.34 34.83
N ASP A 216 -3.03 27.08 33.68
CA ASP A 216 -4.04 26.00 33.61
C ASP A 216 -3.46 24.65 34.08
N ALA A 217 -2.22 24.33 33.66
CA ALA A 217 -1.63 23.03 33.94
C ALA A 217 -1.41 22.86 35.43
N VAL A 218 -0.86 23.90 36.05
CA VAL A 218 -0.64 23.93 37.49
C VAL A 218 -1.96 23.78 38.25
N ARG A 219 -2.97 24.60 37.92
CA ARG A 219 -4.30 24.46 38.55
C ARG A 219 -4.94 23.01 38.45
N ALA A 220 -4.77 22.37 37.31
CA ALA A 220 -5.32 21.04 37.08
C ALA A 220 -4.53 19.97 37.81
N GLY A 221 -3.44 20.32 38.51
CA GLY A 221 -2.73 19.35 39.35
C GLY A 221 -1.49 18.73 38.73
N VAL A 222 -0.93 19.30 37.64
CA VAL A 222 0.23 18.68 37.00
C VAL A 222 1.36 18.47 38.03
N GLY A 223 2.09 17.37 37.89
CA GLY A 223 3.05 16.95 38.87
C GLY A 223 4.44 17.42 38.53
N ALA A 224 4.78 17.49 37.24
CA ALA A 224 6.14 17.89 36.85
C ALA A 224 6.13 18.92 35.74
N ILE A 225 7.22 19.66 35.64
CA ILE A 225 7.39 20.66 34.58
C ILE A 225 8.77 20.38 34.01
N MET A 226 8.91 20.50 32.70
CA MET A 226 10.19 20.35 32.09
C MET A 226 10.54 21.71 31.56
N CYS A 227 11.73 22.19 31.92
CA CYS A 227 12.18 23.53 31.51
C CYS A 227 12.98 23.31 30.23
N SER A 228 13.13 24.39 29.48
CA SER A 228 13.49 24.39 28.09
C SER A 228 15.00 24.58 27.81
N TYR A 229 15.44 24.15 26.62
CA TYR A 229 16.76 24.41 26.03
C TYR A 229 17.10 25.88 25.77
N ASN A 230 16.13 26.63 25.26
CA ASN A 230 16.41 28.04 24.98
C ASN A 230 16.76 28.88 26.24
N GLN A 231 17.25 30.10 26.01
CA GLN A 231 17.31 31.06 27.09
C GLN A 231 16.09 31.96 27.02
N ILE A 232 15.74 32.59 28.14
CA ILE A 232 14.72 33.64 28.16
C ILE A 232 15.43 34.90 28.73
N ASN A 233 15.37 36.03 28.01
CA ASN A 233 16.23 37.21 28.35
C ASN A 233 17.69 36.84 28.72
N ASN A 234 18.29 35.95 27.92
CA ASN A 234 19.66 35.49 28.11
C ASN A 234 19.96 34.84 29.44
N SER A 235 18.96 34.17 30.02
CA SER A 235 19.23 33.30 31.16
C SER A 235 18.57 31.94 30.85
N TYR A 236 19.34 30.84 30.93
CA TYR A 236 18.89 29.53 30.47
C TYR A 236 17.61 29.12 31.15
N GLY A 237 16.75 28.45 30.39
CA GLY A 237 15.43 28.03 30.85
C GLY A 237 15.46 27.25 32.14
N CYS A 238 16.54 26.48 32.33
CA CYS A 238 16.63 25.57 33.46
C CYS A 238 17.46 26.14 34.60
N GLN A 239 17.67 27.46 34.59
CA GLN A 239 18.28 28.18 35.73
C GLN A 239 17.88 29.67 35.73
N ASN A 240 16.64 29.91 35.32
CA ASN A 240 16.13 31.24 35.18
C ASN A 240 15.17 31.45 36.35
N SER A 241 15.64 32.21 37.34
CA SER A 241 14.92 32.34 38.58
C SER A 241 13.65 33.13 38.34
N TYR A 242 13.67 33.98 37.33
CA TYR A 242 12.43 34.72 37.07
C TYR A 242 11.31 33.78 36.63
N THR A 243 11.55 32.97 35.58
CA THR A 243 10.50 32.07 35.15
C THR A 243 10.27 30.95 36.13
N LEU A 244 11.32 30.47 36.80
CA LEU A 244 11.16 29.29 37.72
C LEU A 244 10.70 29.69 39.12
N ASN A 245 11.46 30.59 39.75
CA ASN A 245 11.11 31.01 41.13
C ASN A 245 9.95 31.98 41.19
N LYS A 246 10.01 33.03 40.37
CA LYS A 246 8.94 33.99 40.39
C LYS A 246 7.66 33.57 39.63
N LEU A 247 7.72 33.29 38.32
CA LEU A 247 6.44 33.04 37.62
C LEU A 247 5.82 31.72 38.00
N LEU A 248 6.59 30.65 37.92
CA LEU A 248 6.07 29.32 38.11
C LEU A 248 5.78 29.02 39.57
N LYS A 249 6.75 29.22 40.45
CA LYS A 249 6.61 28.79 41.85
C LYS A 249 5.94 29.84 42.83
N ALA A 250 6.29 31.12 42.72
CA ALA A 250 5.67 32.13 43.59
C ALA A 250 4.29 32.58 43.08
N GLU A 251 4.21 33.00 41.81
CA GLU A 251 2.97 33.47 41.26
C GLU A 251 2.00 32.31 41.00
N LEU A 252 2.38 31.36 40.16
CA LEU A 252 1.50 30.22 39.88
C LEU A 252 1.32 29.23 41.08
N GLY A 253 2.19 29.29 42.07
CA GLY A 253 2.05 28.43 43.26
C GLY A 253 2.25 26.95 43.00
N PHE A 254 3.13 26.63 42.03
CA PHE A 254 3.39 25.26 41.61
C PHE A 254 4.06 24.42 42.69
N GLN A 255 3.49 23.25 42.95
CA GLN A 255 3.89 22.42 44.10
C GLN A 255 4.75 21.22 43.71
N GLY A 256 4.82 20.93 42.41
CA GLY A 256 5.49 19.72 41.93
C GLY A 256 6.93 20.00 41.64
N PHE A 257 7.54 19.19 40.81
CA PHE A 257 8.99 19.39 40.56
C PHE A 257 9.36 19.85 39.14
N VAL A 258 10.47 20.59 39.02
CA VAL A 258 10.99 20.99 37.74
C VAL A 258 12.17 20.11 37.29
N MET A 259 12.07 19.47 36.12
CA MET A 259 13.21 18.72 35.52
C MET A 259 13.77 19.48 34.33
N SER A 260 15.06 19.29 34.06
CA SER A 260 15.70 19.85 32.90
C SER A 260 15.34 19.10 31.65
N ASP A 261 15.28 19.82 30.52
CA ASP A 261 15.42 19.12 29.29
C ASP A 261 16.81 18.38 29.24
N TRP A 262 16.99 17.45 28.30
CA TRP A 262 18.13 16.56 28.34
C TRP A 262 19.31 17.30 27.71
N GLY A 263 20.20 17.86 28.56
CA GLY A 263 21.25 18.77 28.10
C GLY A 263 20.86 20.24 28.35
N ALA A 264 19.76 20.51 29.06
CA ALA A 264 19.38 21.90 29.38
C ALA A 264 19.85 22.36 30.78
N HIS A 265 20.47 21.43 31.50
CA HIS A 265 21.06 21.67 32.78
C HIS A 265 22.47 22.26 32.57
N HIS A 266 22.69 23.51 32.96
CA HIS A 266 23.97 24.14 32.71
C HIS A 266 24.80 24.54 33.96
N SER A 267 24.38 24.14 35.16
CA SER A 267 25.13 24.47 36.38
C SER A 267 24.53 23.74 37.57
N GLY A 268 25.36 23.44 38.56
CA GLY A 268 24.89 22.82 39.77
C GLY A 268 24.25 23.80 40.73
N VAL A 269 25.11 24.67 41.31
CA VAL A 269 24.69 25.68 42.31
C VAL A 269 23.63 26.66 41.75
N GLY A 270 23.92 27.26 40.62
CA GLY A 270 23.00 28.25 40.07
C GLY A 270 21.63 27.65 39.78
N SER A 271 21.63 26.48 39.12
CA SER A 271 20.36 25.78 38.82
C SER A 271 19.60 25.40 40.09
N ALA A 272 20.29 24.90 41.11
CA ALA A 272 19.60 24.50 42.32
C ALA A 272 18.95 25.72 43.02
N LEU A 273 19.65 26.85 43.03
CA LEU A 273 19.13 28.11 43.66
C LEU A 273 18.10 28.86 42.78
N ALA A 274 18.19 28.69 41.45
CA ALA A 274 17.25 29.33 40.52
C ALA A 274 15.92 28.57 40.35
N GLY A 275 15.77 27.44 41.07
CA GLY A 275 14.49 26.71 41.14
C GLY A 275 14.34 25.32 40.45
N LEU A 276 15.43 24.72 39.95
CA LEU A 276 15.36 23.40 39.35
C LEU A 276 15.24 22.35 40.43
N ASP A 277 14.60 21.22 40.13
CA ASP A 277 14.46 20.14 41.09
C ASP A 277 15.07 18.82 40.60
N MET A 278 15.28 18.69 39.31
CA MET A 278 15.71 17.38 38.80
C MET A 278 16.49 17.46 37.50
N SER A 279 17.63 16.77 37.47
CA SER A 279 18.59 16.79 36.36
C SER A 279 18.42 15.59 35.44
N MET A 280 18.16 15.83 34.15
CA MET A 280 18.01 14.71 33.20
C MET A 280 18.87 14.90 31.95
N PRO A 281 19.54 13.85 31.47
CA PRO A 281 19.46 12.46 31.93
C PRO A 281 20.31 12.23 33.18
N GLY A 282 20.97 13.29 33.65
CA GLY A 282 21.74 13.21 34.86
C GLY A 282 23.20 13.57 34.71
N ASP A 283 23.75 13.45 33.50
CA ASP A 283 25.13 13.85 33.29
C ASP A 283 25.25 15.23 32.61
N ILE A 284 26.48 15.66 32.42
CA ILE A 284 26.68 16.99 31.88
C ILE A 284 26.48 16.94 30.38
N THR A 285 27.13 15.99 29.73
CA THR A 285 26.85 15.61 28.36
C THR A 285 26.70 14.10 28.40
N PHE A 286 25.96 13.58 27.43
CA PHE A 286 25.65 12.15 27.31
C PHE A 286 26.84 11.22 27.60
N ASP A 287 26.77 10.57 28.76
CA ASP A 287 27.80 9.65 29.21
C ASP A 287 29.13 10.30 29.52
N SER A 288 29.11 11.44 30.18
CA SER A 288 30.35 12.09 30.49
C SER A 288 30.93 11.53 31.79
N ALA A 289 30.20 10.66 32.44
CA ALA A 289 30.57 10.21 33.78
C ALA A 289 30.76 11.40 34.74
N THR A 290 30.27 12.58 34.36
CA THR A 290 30.27 13.74 35.24
C THR A 290 28.83 14.32 35.35
N SER A 291 28.58 15.08 36.41
CA SER A 291 27.25 15.60 36.70
C SER A 291 27.28 16.97 37.38
N PHE A 292 26.43 17.91 36.94
CA PHE A 292 26.32 19.16 37.69
C PHE A 292 25.73 18.85 39.08
N TRP A 293 24.95 17.77 39.21
CA TRP A 293 24.40 17.37 40.49
C TRP A 293 25.02 16.03 40.94
N GLY A 294 24.24 15.03 41.37
CA GLY A 294 24.85 13.84 41.99
C GLY A 294 25.90 14.23 43.03
N THR A 295 27.07 13.66 42.93
CA THR A 295 28.21 13.99 43.82
C THR A 295 28.33 15.53 44.09
N ASN A 296 28.27 16.35 43.03
CA ASN A 296 28.40 17.82 43.15
C ASN A 296 27.29 18.44 43.98
N LEU A 297 26.07 17.90 43.91
CA LEU A 297 25.01 18.48 44.74
C LEU A 297 25.21 18.11 46.21
N THR A 298 25.59 16.85 46.48
CA THR A 298 25.91 16.44 47.84
C THR A 298 26.96 17.35 48.49
N ILE A 299 27.93 17.74 47.67
CA ILE A 299 29.06 18.55 48.11
C ILE A 299 28.60 19.96 48.32
N ALA A 300 27.74 20.44 47.41
CA ALA A 300 27.27 21.81 47.47
C ALA A 300 26.46 22.01 48.75
N VAL A 301 25.84 20.94 49.29
CA VAL A 301 25.14 21.05 50.55
C VAL A 301 26.14 20.99 51.71
N LEU A 302 27.09 20.05 51.64
CA LEU A 302 28.17 19.93 52.65
C LEU A 302 29.07 21.18 52.79
N ASN A 303 29.23 21.95 51.73
CA ASN A 303 30.11 23.07 51.86
C ASN A 303 29.36 24.39 52.18
N GLY A 304 28.05 24.28 52.39
CA GLY A 304 27.29 25.39 52.87
C GLY A 304 26.79 26.29 51.77
N THR A 305 27.04 25.92 50.51
CA THR A 305 26.69 26.80 49.39
C THR A 305 25.23 26.68 49.00
N VAL A 306 24.68 25.48 49.12
CA VAL A 306 23.26 25.27 48.82
C VAL A 306 22.61 24.86 50.12
N PRO A 307 21.66 25.63 50.60
CA PRO A 307 20.99 25.36 51.86
C PRO A 307 20.36 23.98 51.84
N GLN A 308 20.46 23.25 52.95
CA GLN A 308 19.77 21.99 53.08
C GLN A 308 18.28 22.13 52.69
N TRP A 309 17.67 23.28 52.94
CA TRP A 309 16.25 23.40 52.74
C TRP A 309 15.85 23.38 51.27
N ARG A 310 16.78 23.75 50.37
CA ARG A 310 16.58 23.63 48.90
C ARG A 310 16.53 22.17 48.49
N VAL A 311 17.56 21.41 48.84
CA VAL A 311 17.59 19.99 48.49
C VAL A 311 16.41 19.24 49.09
N ASP A 312 16.11 19.47 50.37
CA ASP A 312 14.92 18.85 51.00
C ASP A 312 13.66 19.22 50.24
N ASP A 313 13.55 20.48 49.82
CA ASP A 313 12.45 20.92 48.98
C ASP A 313 12.39 20.20 47.60
N MET A 314 13.56 19.97 46.97
CA MET A 314 13.64 19.23 45.73
C MET A 314 12.98 17.85 45.95
N ALA A 315 13.43 17.18 47.00
CA ALA A 315 12.96 15.87 47.37
C ALA A 315 11.48 15.86 47.70
N VAL A 316 11.02 16.85 48.47
CA VAL A 316 9.62 16.94 48.82
C VAL A 316 8.72 17.11 47.60
N ARG A 317 9.11 17.98 46.67
CA ARG A 317 8.34 18.18 45.47
C ARG A 317 8.29 16.89 44.57
N ILE A 318 9.42 16.19 44.48
CA ILE A 318 9.49 14.96 43.68
C ILE A 318 8.62 13.87 44.33
N MET A 319 8.81 13.60 45.61
CA MET A 319 7.94 12.63 46.26
C MET A 319 6.49 13.07 46.31
N ALA A 320 6.23 14.37 46.38
CA ALA A 320 4.79 14.79 46.48
C ALA A 320 4.09 14.49 45.13
N ALA A 321 4.81 14.67 44.02
CA ALA A 321 4.21 14.45 42.70
C ALA A 321 3.95 12.95 42.51
N TYR A 322 4.92 12.16 42.95
CA TYR A 322 4.81 10.70 42.96
C TYR A 322 3.62 10.21 43.80
N TYR A 323 3.40 10.78 45.00
CA TYR A 323 2.26 10.31 45.82
C TYR A 323 0.92 10.77 45.32
N LYS A 324 0.88 12.03 44.86
CA LYS A 324 -0.30 12.70 44.36
C LYS A 324 -1.02 11.94 43.24
N VAL A 325 -0.28 11.28 42.37
CA VAL A 325 -0.95 10.46 41.34
C VAL A 325 -1.09 9.00 41.78
N GLY A 326 -0.76 8.74 43.05
CA GLY A 326 -0.67 7.36 43.64
C GLY A 326 0.25 6.38 42.91
N ARG A 327 1.30 6.89 42.27
CA ARG A 327 2.27 6.02 41.62
C ARG A 327 2.74 4.88 42.53
N ASP A 328 2.83 5.14 43.84
CA ASP A 328 3.42 4.16 44.78
C ASP A 328 2.59 2.88 44.77
N ARG A 329 1.28 3.02 44.55
CA ARG A 329 0.33 1.91 44.55
C ARG A 329 0.38 1.08 43.28
N LEU A 330 1.14 1.52 42.30
CA LEU A 330 1.16 0.87 41.01
C LEU A 330 2.58 0.52 40.61
N TYR A 331 3.55 0.85 41.46
CA TYR A 331 4.95 0.82 41.03
C TYR A 331 5.35 -0.56 40.53
N GLN A 332 6.20 -0.61 39.51
CA GLN A 332 6.87 -1.84 39.07
C GLN A 332 8.04 -1.33 38.22
N PRO A 333 9.22 -2.03 38.27
CA PRO A 333 10.35 -1.62 37.41
C PRO A 333 9.91 -1.59 35.93
N PRO A 334 10.57 -0.77 35.11
CA PRO A 334 10.18 -0.70 33.71
C PRO A 334 10.35 -2.10 33.09
N ASN A 335 9.29 -2.62 32.47
CA ASN A 335 9.32 -3.97 31.93
C ASN A 335 9.77 -4.06 30.44
N PHE A 336 10.38 -2.98 29.93
CA PHE A 336 10.95 -2.95 28.58
C PHE A 336 12.25 -2.15 28.67
N SER A 337 13.05 -2.18 27.61
CA SER A 337 14.15 -1.26 27.50
C SER A 337 14.01 -0.32 26.28
N SER A 338 14.39 0.96 26.44
CA SER A 338 14.30 1.94 25.41
C SER A 338 15.37 1.73 24.37
N TRP A 339 16.37 0.91 24.67
CA TRP A 339 17.64 0.88 23.88
C TRP A 339 17.80 -0.33 23.02
N THR A 340 17.06 -1.39 23.33
CA THR A 340 17.10 -2.59 22.55
C THR A 340 15.73 -3.26 22.58
N ARG A 341 15.49 -4.10 21.58
CA ARG A 341 14.24 -4.85 21.54
C ARG A 341 14.48 -6.29 21.96
N ASP A 342 15.74 -6.65 22.18
CA ASP A 342 16.07 -7.99 22.62
C ASP A 342 15.38 -8.35 23.94
N GLU A 343 15.05 -9.63 24.10
CA GLU A 343 14.56 -10.10 25.38
C GLU A 343 15.64 -9.94 26.48
N TYR A 344 16.88 -10.34 26.16
CA TYR A 344 17.96 -10.41 27.14
C TYR A 344 19.05 -9.42 26.81
N GLY A 345 19.70 -8.87 27.84
CA GLY A 345 20.82 -7.95 27.60
C GLY A 345 21.47 -7.61 28.91
N PHE A 346 22.60 -6.91 28.85
CA PHE A 346 23.18 -6.45 30.10
C PHE A 346 22.27 -5.39 30.75
N LYS A 347 22.11 -5.49 32.06
CA LYS A 347 21.31 -4.50 32.79
C LYS A 347 21.60 -3.00 32.45
N TYR A 348 22.86 -2.66 32.18
CA TYR A 348 23.25 -1.25 32.02
C TYR A 348 23.71 -1.11 30.59
N PHE A 349 22.75 -0.66 29.76
CA PHE A 349 22.89 -0.78 28.31
C PHE A 349 24.17 -0.12 27.75
N TYR A 350 24.44 1.10 28.17
CA TYR A 350 25.43 1.89 27.49
C TYR A 350 26.86 1.28 27.63
N PRO A 351 27.37 1.07 28.88
CA PRO A 351 28.64 0.39 29.02
C PRO A 351 28.51 -1.14 28.89
N GLN A 352 27.30 -1.68 28.68
CA GLN A 352 27.11 -3.15 28.59
C GLN A 352 27.63 -3.89 29.87
N GLU A 353 27.03 -3.57 31.01
CA GLU A 353 27.48 -4.10 32.29
C GLU A 353 26.32 -4.40 33.18
N GLY A 354 26.64 -4.91 34.37
CA GLY A 354 25.65 -5.42 35.28
C GLY A 354 25.32 -6.85 34.91
N PRO A 355 24.42 -7.45 35.68
CA PRO A 355 24.07 -8.82 35.37
C PRO A 355 23.41 -8.91 33.99
N TYR A 356 23.65 -10.02 33.28
CA TYR A 356 22.99 -10.35 32.02
C TYR A 356 21.62 -11.00 32.29
N GLU A 357 20.55 -10.34 31.87
CA GLU A 357 19.21 -10.73 32.31
C GLU A 357 18.12 -10.30 31.34
N LYS A 358 16.88 -10.61 31.70
CA LYS A 358 15.68 -10.14 30.96
C LYS A 358 15.59 -8.60 30.97
N VAL A 359 15.62 -7.97 29.80
CA VAL A 359 15.42 -6.54 29.71
C VAL A 359 14.06 -6.19 29.07
N ASN A 360 13.49 -7.10 28.28
CA ASN A 360 12.18 -6.86 27.65
C ASN A 360 11.19 -7.99 28.00
N HIS A 361 9.96 -7.61 28.39
CA HIS A 361 8.91 -8.57 28.68
C HIS A 361 7.78 -8.51 27.64
N PHE A 362 7.87 -7.64 26.63
CA PHE A 362 6.89 -7.62 25.54
C PHE A 362 5.46 -7.54 26.04
N VAL A 363 5.21 -6.76 27.08
CA VAL A 363 3.84 -6.66 27.57
C VAL A 363 2.97 -5.88 26.62
N ASN A 364 1.83 -6.47 26.24
CA ASN A 364 0.95 -5.77 25.33
C ASN A 364 0.07 -4.84 26.12
N VAL A 365 0.31 -3.52 26.00
CA VAL A 365 -0.41 -2.49 26.79
C VAL A 365 -1.55 -1.77 26.04
N GLN A 366 -1.83 -2.21 24.80
CA GLN A 366 -2.72 -1.46 23.90
C GLN A 366 -4.18 -1.48 24.28
N ARG A 367 -4.60 -2.56 24.98
CA ARG A 367 -5.98 -2.80 25.27
C ARG A 367 -6.77 -2.61 23.97
N ASN A 368 -7.95 -1.99 24.06
CA ASN A 368 -8.66 -1.59 22.88
C ASN A 368 -8.54 -0.08 22.55
N HIS A 369 -7.40 0.51 22.89
CA HIS A 369 -7.19 1.95 22.64
C HIS A 369 -7.24 2.42 21.19
N SER A 370 -7.18 1.49 20.25
CA SER A 370 -7.38 1.82 18.84
C SER A 370 -8.74 2.51 18.60
N GLU A 371 -9.73 2.27 19.46
CA GLU A 371 -11.09 2.80 19.32
C GLU A 371 -11.03 4.29 19.59
N VAL A 372 -10.40 4.69 20.69
CA VAL A 372 -10.29 6.11 20.99
C VAL A 372 -9.45 6.86 19.96
N ILE A 373 -8.37 6.22 19.50
CA ILE A 373 -7.51 6.78 18.45
C ILE A 373 -8.30 6.94 17.12
N ARG A 374 -9.00 5.88 16.72
CA ARG A 374 -9.89 5.94 15.57
C ARG A 374 -10.93 7.11 15.65
N LYS A 375 -11.65 7.17 16.78
CA LYS A 375 -12.63 8.22 17.03
C LYS A 375 -11.99 9.62 17.05
N LEU A 376 -10.94 9.79 17.84
CA LEU A 376 -10.25 11.07 17.90
C LEU A 376 -9.75 11.56 16.51
N GLY A 377 -9.18 10.63 15.72
CA GLY A 377 -8.78 10.94 14.38
C GLY A 377 -9.95 11.40 13.57
N ALA A 378 -11.10 10.70 13.64
CA ALA A 378 -12.26 11.17 12.89
C ALA A 378 -12.74 12.57 13.39
N ASP A 379 -12.79 12.74 14.70
CA ASP A 379 -13.27 14.00 15.30
C ASP A 379 -12.27 15.12 15.25
N SER A 380 -11.11 14.89 14.64
CA SER A 380 -10.14 15.95 14.44
C SER A 380 -9.92 16.29 12.96
N THR A 381 -10.75 15.73 12.09
CA THR A 381 -10.64 15.98 10.69
C THR A 381 -11.45 17.24 10.39
N VAL A 382 -10.77 18.34 10.04
CA VAL A 382 -11.44 19.62 9.72
C VAL A 382 -11.90 19.66 8.25
N LEU A 383 -13.22 19.79 8.08
CA LEU A 383 -13.80 19.97 6.74
C LEU A 383 -13.70 21.46 6.46
N LEU A 384 -12.74 21.81 5.61
CA LEU A 384 -12.44 23.20 5.40
C LEU A 384 -13.35 23.67 4.28
N LYS A 385 -13.56 22.82 3.30
CA LYS A 385 -14.38 23.16 2.17
C LYS A 385 -15.20 21.94 1.78
N ASN A 386 -16.41 22.23 1.34
CA ASN A 386 -17.32 21.20 0.84
C ASN A 386 -18.41 21.77 -0.08
N ASN A 387 -18.28 21.62 -1.39
CA ASN A 387 -19.41 22.02 -2.28
C ASN A 387 -20.34 20.90 -2.57
N ASN A 388 -21.00 20.42 -1.52
CA ASN A 388 -21.94 19.33 -1.66
C ASN A 388 -21.20 18.09 -2.30
N ALA A 389 -19.92 17.96 -1.97
CA ALA A 389 -19.12 16.84 -2.47
C ALA A 389 -19.18 15.70 -1.50
N LEU A 390 -19.41 15.99 -0.21
CA LEU A 390 -19.25 15.01 0.88
C LEU A 390 -20.46 15.08 1.78
N PRO A 391 -20.88 13.91 2.36
CA PRO A 391 -20.17 12.62 2.28
C PRO A 391 -20.34 11.78 1.01
N LEU A 392 -19.38 10.89 0.78
CA LEU A 392 -19.47 9.89 -0.26
C LEU A 392 -20.63 8.92 0.07
N THR A 393 -21.20 8.31 -0.94
CA THR A 393 -22.31 7.38 -0.70
C THR A 393 -21.86 5.92 -0.79
N GLY A 394 -20.69 5.69 -1.41
CA GLY A 394 -20.22 4.34 -1.77
C GLY A 394 -20.71 3.86 -3.15
N LYS A 395 -21.69 4.57 -3.72
CA LYS A 395 -22.12 4.32 -5.09
C LYS A 395 -21.16 4.94 -6.17
N GLU A 396 -20.05 5.53 -5.77
CA GLU A 396 -19.10 6.08 -6.71
C GLU A 396 -18.47 4.96 -7.56
N ARG A 397 -18.56 5.11 -8.87
CA ARG A 397 -18.29 4.00 -9.79
C ARG A 397 -16.81 3.68 -9.87
N LYS A 398 -16.00 4.72 -9.95
CA LYS A 398 -14.56 4.58 -10.08
C LYS A 398 -13.92 5.66 -9.19
N VAL A 399 -13.10 5.24 -8.21
CA VAL A 399 -12.53 6.12 -7.18
C VAL A 399 -11.02 6.20 -7.38
N ALA A 400 -10.46 7.39 -7.63
CA ALA A 400 -8.99 7.55 -7.77
C ALA A 400 -8.42 8.06 -6.50
N ILE A 401 -7.56 7.28 -5.88
CA ILE A 401 -6.82 7.67 -4.66
C ILE A 401 -5.44 8.16 -5.11
N LEU A 402 -5.18 9.46 -4.99
CA LEU A 402 -3.98 10.03 -5.62
C LEU A 402 -3.05 10.64 -4.57
N GLY A 403 -1.79 10.22 -4.58
CA GLY A 403 -0.79 10.90 -3.77
C GLY A 403 -0.06 9.99 -2.81
N GLU A 404 1.24 10.16 -2.74
CA GLU A 404 2.06 9.38 -1.83
C GLU A 404 1.50 9.33 -0.38
N ASP A 405 0.98 10.46 0.11
CA ASP A 405 0.40 10.55 1.43
C ASP A 405 -0.79 9.60 1.67
N ALA A 406 -1.31 8.96 0.60
CA ALA A 406 -2.38 7.96 0.78
C ALA A 406 -1.82 6.56 1.11
N GLY A 407 -0.55 6.33 0.78
CA GLY A 407 -0.04 4.96 0.85
C GLY A 407 1.03 4.67 1.87
N SER A 408 1.79 3.63 1.59
CA SER A 408 2.56 3.04 2.67
C SER A 408 3.92 3.69 2.67
N ASN A 409 4.53 3.82 3.85
CA ASN A 409 5.96 3.98 3.94
C ASN A 409 6.66 2.69 3.51
N SER A 410 7.42 2.74 2.42
CA SER A 410 8.03 1.55 1.86
C SER A 410 9.12 0.98 2.76
N TYR A 411 9.57 1.77 3.74
CA TYR A 411 10.49 1.23 4.75
C TYR A 411 9.76 0.61 5.97
N GLY A 412 8.40 0.55 5.89
CA GLY A 412 7.52 0.01 6.95
C GLY A 412 7.07 1.19 7.80
N ALA A 413 5.95 1.10 8.50
CA ALA A 413 5.48 2.27 9.25
C ALA A 413 6.53 2.92 10.19
N ASN A 414 7.36 2.09 10.79
CA ASN A 414 8.39 2.51 11.74
C ASN A 414 9.80 2.62 11.13
N GLY A 415 9.88 2.46 9.80
CA GLY A 415 11.16 2.34 9.09
C GLY A 415 12.09 3.53 9.10
N CYS A 416 11.61 4.69 9.57
CA CYS A 416 12.50 5.83 9.72
C CYS A 416 12.66 6.04 11.21
N SER A 417 13.91 6.03 11.65
CA SER A 417 14.26 6.31 13.04
C SER A 417 13.55 7.60 13.61
N ASP A 418 12.83 7.46 14.72
CA ASP A 418 12.09 8.63 15.25
C ASP A 418 11.22 9.35 14.19
N ARG A 419 10.75 8.61 13.19
CA ARG A 419 9.92 9.09 12.08
C ARG A 419 10.60 10.17 11.25
N GLY A 420 11.93 10.11 11.16
CA GLY A 420 12.73 11.09 10.41
C GLY A 420 12.68 11.01 8.85
N CYS A 421 11.48 11.04 8.28
CA CYS A 421 11.31 11.05 6.84
C CYS A 421 9.85 11.44 6.65
N ASP A 422 9.50 11.82 5.42
CA ASP A 422 8.12 12.05 5.11
C ASP A 422 7.67 11.09 4.01
N ASN A 423 7.66 9.79 4.30
CA ASN A 423 7.44 8.78 3.24
C ASN A 423 6.12 8.07 3.43
N GLY A 424 5.29 7.96 2.41
CA GLY A 424 4.00 7.36 2.68
C GLY A 424 3.12 8.29 3.54
N THR A 425 2.01 7.77 4.08
CA THR A 425 1.07 8.65 4.72
C THR A 425 1.68 9.22 5.98
N LEU A 426 1.41 10.51 6.18
CA LEU A 426 1.91 11.22 7.32
C LEU A 426 0.93 11.12 8.50
N ALA A 427 1.26 10.23 9.43
CA ALA A 427 0.46 10.04 10.62
C ALA A 427 1.19 10.44 11.90
N MET A 428 2.49 10.77 11.78
CA MET A 428 3.28 11.16 12.95
C MET A 428 4.52 11.90 12.47
N ALA A 429 4.79 13.06 13.08
CA ALA A 429 5.92 13.93 12.76
C ALA A 429 7.15 13.48 13.55
N TRP A 430 8.26 14.21 13.53
CA TRP A 430 9.50 13.51 13.90
C TRP A 430 10.16 14.06 15.14
N GLY A 431 11.02 13.25 15.75
CA GLY A 431 11.85 13.65 16.87
C GLY A 431 11.54 12.82 18.07
N SER A 432 11.59 13.43 19.24
CA SER A 432 11.38 12.64 20.44
C SER A 432 9.89 12.56 20.79
N GLY A 433 9.05 13.39 20.18
CA GLY A 433 7.61 13.32 20.45
C GLY A 433 6.95 12.26 19.60
N THR A 434 7.53 11.06 19.58
CA THR A 434 7.06 9.96 18.73
C THR A 434 6.89 8.64 19.53
N ALA A 435 6.16 7.69 18.92
CA ALA A 435 5.96 6.35 19.49
C ALA A 435 6.09 5.34 18.33
N GLU A 436 6.36 4.07 18.61
CA GLU A 436 6.43 3.09 17.51
C GLU A 436 5.01 2.68 17.19
N PHE A 437 4.61 2.72 15.92
CA PHE A 437 3.28 2.21 15.55
C PHE A 437 3.11 0.72 15.84
N PRO A 438 1.95 0.32 16.38
CA PRO A 438 1.69 -1.14 16.38
C PRO A 438 1.38 -1.64 14.92
N TYR A 439 1.05 -0.69 14.04
CA TYR A 439 0.62 -0.89 12.67
C TYR A 439 0.25 0.50 12.20
N LEU A 440 -0.06 0.67 10.93
CA LEU A 440 -0.62 1.94 10.47
C LEU A 440 -1.59 1.63 9.36
N VAL A 441 -2.86 1.91 9.58
CA VAL A 441 -3.86 1.82 8.53
C VAL A 441 -3.74 3.04 7.59
N THR A 442 -3.35 2.83 6.36
CA THR A 442 -3.28 3.91 5.39
C THR A 442 -4.64 4.30 4.76
N PRO A 443 -4.77 5.51 4.25
CA PRO A 443 -6.01 5.84 3.56
C PRO A 443 -6.21 4.99 2.33
N GLU A 444 -5.10 4.61 1.69
CA GLU A 444 -5.18 3.70 0.56
C GLU A 444 -5.95 2.47 1.03
N GLN A 445 -5.47 1.78 2.07
CA GLN A 445 -6.13 0.60 2.60
C GLN A 445 -7.58 0.83 2.97
N ALA A 446 -7.88 1.91 3.70
CA ALA A 446 -9.23 2.04 4.25
C ALA A 446 -10.23 2.40 3.15
N ILE A 447 -9.81 3.31 2.25
CA ILE A 447 -10.68 3.79 1.22
C ILE A 447 -10.87 2.67 0.17
N GLN A 448 -9.82 1.90 -0.18
CA GLN A 448 -10.02 0.79 -1.14
C GLN A 448 -10.95 -0.29 -0.58
N ALA A 449 -10.74 -0.69 0.67
CA ALA A 449 -11.66 -1.64 1.38
C ALA A 449 -13.14 -1.16 1.32
N GLU A 450 -13.38 0.14 1.57
CA GLU A 450 -14.73 0.70 1.50
C GLU A 450 -15.36 0.59 0.09
N VAL A 451 -14.59 0.98 -0.93
CA VAL A 451 -15.05 0.91 -2.31
C VAL A 451 -15.42 -0.55 -2.66
N LEU A 452 -14.52 -1.49 -2.33
CA LEU A 452 -14.67 -2.93 -2.67
C LEU A 452 -15.87 -3.50 -1.93
N LYS A 453 -16.06 -3.11 -0.67
CA LYS A 453 -17.33 -3.41 0.05
C LYS A 453 -18.62 -3.14 -0.77
N HIS A 454 -18.65 -2.08 -1.57
CA HIS A 454 -19.76 -1.72 -2.46
C HIS A 454 -19.58 -2.13 -3.93
N LYS A 455 -18.52 -2.90 -4.23
CA LYS A 455 -18.25 -3.41 -5.59
C LYS A 455 -17.88 -2.29 -6.59
N GLY A 456 -17.28 -1.21 -6.10
CA GLY A 456 -16.83 -0.21 -7.04
C GLY A 456 -15.43 -0.53 -7.57
N SER A 457 -14.94 0.33 -8.46
CA SER A 457 -13.58 0.19 -8.97
C SER A 457 -12.70 1.30 -8.32
N VAL A 458 -11.41 0.99 -8.08
CA VAL A 458 -10.53 1.88 -7.26
C VAL A 458 -9.08 1.57 -7.47
N TYR A 459 -8.26 2.62 -7.44
CA TYR A 459 -6.81 2.50 -7.55
C TYR A 459 -6.10 3.57 -6.67
N ALA A 460 -4.85 3.28 -6.30
CA ALA A 460 -4.05 4.28 -5.64
C ALA A 460 -2.81 4.55 -6.45
N ILE A 461 -2.56 5.82 -6.75
CA ILE A 461 -1.32 6.19 -7.42
C ILE A 461 -0.56 6.95 -6.36
N THR A 462 0.66 6.52 -6.06
CA THR A 462 1.35 7.08 -4.89
C THR A 462 2.73 7.66 -5.18
N ASP A 463 3.10 7.83 -6.43
CA ASP A 463 4.31 8.53 -6.83
C ASP A 463 3.88 9.90 -7.39
N ASN A 464 4.25 10.99 -6.71
CA ASN A 464 3.68 12.31 -7.03
C ASN A 464 4.31 12.98 -8.23
N TRP A 465 5.20 12.27 -8.94
CA TRP A 465 5.68 12.75 -10.21
C TRP A 465 5.20 11.85 -11.36
N ALA A 466 4.39 10.85 -11.00
CA ALA A 466 3.72 10.04 -12.02
C ALA A 466 2.53 10.82 -12.57
N LEU A 467 2.75 12.07 -12.96
CA LEU A 467 1.62 12.95 -13.34
C LEU A 467 0.85 12.45 -14.58
N SER A 468 1.57 11.80 -15.48
CA SER A 468 0.94 11.21 -16.62
C SER A 468 -0.10 10.17 -16.22
N GLN A 469 0.25 9.28 -15.29
CA GLN A 469 -0.74 8.35 -14.81
C GLN A 469 -1.83 9.06 -14.01
N VAL A 470 -1.48 10.08 -13.23
CA VAL A 470 -2.52 10.81 -12.46
C VAL A 470 -3.58 11.40 -13.37
N GLU A 471 -3.14 12.10 -14.42
CA GLU A 471 -4.06 12.83 -15.34
C GLU A 471 -4.99 11.86 -16.06
N THR A 472 -4.42 10.72 -16.49
CA THR A 472 -5.19 9.69 -17.18
C THR A 472 -6.23 9.09 -16.26
N LEU A 473 -5.87 8.76 -15.02
CA LEU A 473 -6.89 8.12 -14.18
C LEU A 473 -7.99 9.08 -13.68
N ALA A 474 -7.58 10.33 -13.39
CA ALA A 474 -8.45 11.38 -12.90
C ALA A 474 -9.54 11.59 -13.94
N LYS A 475 -9.17 11.47 -15.21
CA LYS A 475 -10.16 11.60 -16.29
C LYS A 475 -11.26 10.56 -16.25
N GLN A 476 -10.97 9.41 -15.68
CA GLN A 476 -11.88 8.26 -15.78
C GLN A 476 -12.66 8.12 -14.49
N ALA A 477 -12.37 8.98 -13.53
CA ALA A 477 -12.82 8.80 -12.13
C ALA A 477 -14.15 9.48 -11.84
N SER A 478 -14.91 8.93 -10.90
CA SER A 478 -16.13 9.61 -10.35
C SER A 478 -15.69 10.64 -9.26
N VAL A 479 -14.64 10.32 -8.51
CA VAL A 479 -14.12 11.22 -7.52
C VAL A 479 -12.62 10.98 -7.44
N SER A 480 -11.84 12.07 -7.41
CA SER A 480 -10.42 11.98 -7.19
C SER A 480 -10.10 12.47 -5.78
N LEU A 481 -9.65 11.53 -4.94
CA LEU A 481 -9.23 11.84 -3.55
C LEU A 481 -7.72 12.03 -3.52
N VAL A 482 -7.28 13.29 -3.41
CA VAL A 482 -5.86 13.62 -3.48
C VAL A 482 -5.25 13.91 -2.13
N PHE A 483 -4.14 13.25 -1.84
CA PHE A 483 -3.47 13.31 -0.54
C PHE A 483 -2.11 14.01 -0.60
N VAL A 484 -1.95 14.93 0.34
CA VAL A 484 -0.78 15.78 0.37
C VAL A 484 -0.39 16.06 1.82
N ASN A 485 0.86 16.46 2.05
CA ASN A 485 1.36 16.63 3.40
C ASN A 485 2.49 17.65 3.54
N SER A 486 2.77 18.01 4.80
CA SER A 486 3.86 18.91 5.10
C SER A 486 4.28 18.49 6.48
N ASP A 487 5.58 18.13 6.59
CA ASP A 487 6.15 17.52 7.81
C ASP A 487 7.06 18.52 8.53
N ALA A 488 7.47 18.18 9.76
CA ALA A 488 8.34 18.99 10.62
C ALA A 488 8.68 18.14 11.81
N GLY A 489 9.62 18.64 12.62
CA GLY A 489 9.85 18.00 13.91
C GLY A 489 10.93 18.61 14.74
N GLU A 490 11.49 17.82 15.66
CA GLU A 490 12.52 18.31 16.54
C GLU A 490 13.82 18.68 15.79
N GLY A 491 14.50 19.70 16.23
CA GLY A 491 15.67 20.14 15.51
C GLY A 491 16.81 19.15 15.24
N TYR A 492 17.00 18.11 16.08
CA TYR A 492 18.15 17.24 15.88
C TYR A 492 18.04 16.38 14.61
N ILE A 493 16.91 16.43 13.91
CA ILE A 493 16.76 15.72 12.64
C ILE A 493 16.42 16.71 11.52
N SER A 494 17.07 16.51 10.37
CA SER A 494 16.83 17.30 9.18
C SER A 494 16.31 16.39 8.09
N VAL A 495 15.14 16.67 7.56
CA VAL A 495 14.62 15.92 6.40
C VAL A 495 14.59 16.94 5.27
N ASP A 496 15.32 16.63 4.20
CA ASP A 496 15.39 17.47 3.02
C ASP A 496 15.79 18.91 3.37
N GLY A 497 16.74 19.07 4.31
CA GLY A 497 17.22 20.40 4.67
C GLY A 497 16.26 21.17 5.58
N ASN A 498 15.16 20.55 6.02
CA ASN A 498 14.28 21.14 7.02
C ASN A 498 14.78 20.76 8.41
N GLU A 499 15.44 21.70 9.08
CA GLU A 499 16.18 21.39 10.31
C GLU A 499 15.23 21.56 11.46
N GLY A 500 14.29 20.63 11.57
CA GLY A 500 13.22 20.69 12.57
C GLY A 500 12.16 21.66 12.06
N ASP A 501 12.42 22.97 12.19
CA ASP A 501 11.53 24.02 11.64
C ASP A 501 11.34 23.74 10.17
N ARG A 502 10.14 23.95 9.68
CA ARG A 502 9.89 23.92 8.24
C ARG A 502 10.55 25.11 7.53
N ASN A 503 11.14 24.85 6.37
CA ASN A 503 11.65 25.90 5.51
C ASN A 503 10.59 26.75 4.82
N ASN A 504 9.40 26.22 4.61
CA ASN A 504 8.34 26.97 3.99
C ASN A 504 7.02 26.28 4.41
N LEU A 505 5.87 26.72 3.87
CA LEU A 505 4.59 26.17 4.25
C LEU A 505 3.87 25.64 3.02
N THR A 506 4.66 25.31 2.00
CA THR A 506 4.19 24.72 0.76
C THR A 506 4.11 23.18 0.90
N LEU A 507 3.13 22.57 0.24
CA LEU A 507 2.98 21.13 0.26
C LEU A 507 4.27 20.49 -0.20
N TRP A 508 4.61 19.38 0.44
CA TRP A 508 5.83 18.61 0.13
C TRP A 508 5.58 17.68 -1.02
N LYS A 509 6.65 17.18 -1.60
CA LYS A 509 6.53 16.14 -2.61
C LYS A 509 5.52 16.53 -3.66
N ASN A 510 5.65 17.75 -4.20
CA ASN A 510 5.02 18.14 -5.46
C ASN A 510 3.51 18.28 -5.25
N GLY A 511 3.13 18.41 -3.99
CA GLY A 511 1.75 18.55 -3.63
C GLY A 511 0.95 19.48 -4.51
N ASP A 512 1.39 20.71 -4.72
CA ASP A 512 0.51 21.66 -5.46
C ASP A 512 0.31 21.19 -6.89
N ASN A 513 1.39 20.73 -7.54
CA ASN A 513 1.35 20.18 -8.90
C ASN A 513 0.43 18.97 -9.05
N LEU A 514 0.39 18.11 -8.03
CA LEU A 514 -0.47 16.93 -8.02
C LEU A 514 -1.96 17.29 -8.00
N ILE A 515 -2.34 18.21 -7.11
CA ILE A 515 -3.73 18.67 -7.00
C ILE A 515 -4.13 19.32 -8.33
N LYS A 516 -3.32 20.24 -8.85
CA LYS A 516 -3.59 20.79 -10.19
C LYS A 516 -3.72 19.72 -11.30
N ALA A 517 -2.91 18.66 -11.26
CA ALA A 517 -2.94 17.69 -12.36
C ALA A 517 -4.27 16.92 -12.27
N ALA A 518 -4.70 16.68 -11.04
CA ALA A 518 -5.99 16.04 -10.78
C ALA A 518 -7.11 17.01 -11.18
N ALA A 519 -7.16 18.19 -10.52
CA ALA A 519 -8.24 19.21 -10.79
C ALA A 519 -8.40 19.66 -12.25
N ASN A 520 -7.35 19.54 -13.03
CA ASN A 520 -7.44 19.83 -14.44
C ASN A 520 -8.29 18.79 -15.19
N ASN A 521 -8.43 17.62 -14.57
CA ASN A 521 -9.02 16.45 -15.19
C ASN A 521 -10.28 15.82 -14.58
N CYS A 522 -10.53 15.91 -13.23
CA CYS A 522 -11.77 15.42 -12.52
C CYS A 522 -12.54 16.66 -12.12
N ASN A 523 -13.83 16.67 -12.38
CA ASN A 523 -14.64 17.77 -11.90
C ASN A 523 -15.00 17.56 -10.41
N ASN A 524 -14.57 16.42 -9.84
CA ASN A 524 -14.87 16.10 -8.44
C ASN A 524 -13.63 15.74 -7.60
N THR A 525 -12.73 16.71 -7.45
CA THR A 525 -11.41 16.51 -6.84
C THR A 525 -11.46 17.00 -5.39
N ILE A 526 -11.16 16.07 -4.48
CA ILE A 526 -11.28 16.27 -3.03
C ILE A 526 -9.93 16.19 -2.35
N VAL A 527 -9.47 17.28 -1.74
CA VAL A 527 -8.11 17.31 -1.17
C VAL A 527 -8.09 16.98 0.32
N VAL A 528 -7.20 16.05 0.70
CA VAL A 528 -6.92 15.70 2.12
C VAL A 528 -5.46 16.03 2.49
N ILE A 529 -5.28 16.80 3.57
CA ILE A 529 -3.99 17.29 4.01
C ILE A 529 -3.65 16.68 5.37
N HIS A 530 -2.49 16.05 5.42
CA HIS A 530 -1.91 15.60 6.68
C HIS A 530 -0.72 16.56 6.89
N SER A 531 -0.67 17.25 8.02
CA SER A 531 0.44 18.15 8.25
C SER A 531 0.52 18.60 9.68
N VAL A 532 1.68 19.16 10.01
CA VAL A 532 2.00 19.58 11.39
C VAL A 532 1.29 20.90 11.80
N GLY A 533 0.67 21.57 10.80
CA GLY A 533 0.19 22.94 10.90
C GLY A 533 -0.33 23.48 9.57
N PRO A 534 -0.55 24.80 9.48
CA PRO A 534 -1.12 25.29 8.23
C PRO A 534 -0.21 25.14 7.02
N VAL A 535 -0.81 25.00 5.82
CA VAL A 535 -0.08 25.01 4.56
C VAL A 535 -0.67 26.05 3.61
N LEU A 536 0.11 26.43 2.61
CA LEU A 536 -0.38 27.43 1.68
C LEU A 536 -1.29 26.73 0.67
N VAL A 537 -2.58 27.10 0.71
CA VAL A 537 -3.58 26.56 -0.19
C VAL A 537 -3.97 27.47 -1.36
N ASP A 538 -3.30 28.62 -1.49
CA ASP A 538 -3.74 29.66 -2.44
C ASP A 538 -3.78 29.24 -3.92
N GLU A 539 -2.90 28.33 -4.36
CA GLU A 539 -2.86 27.97 -5.78
C GLU A 539 -4.05 27.17 -6.31
N TRP A 540 -4.85 26.57 -5.44
CA TRP A 540 -5.79 25.55 -5.87
C TRP A 540 -7.07 25.48 -5.07
N TYR A 541 -7.18 26.13 -3.91
CA TYR A 541 -8.36 25.97 -3.02
C TYR A 541 -9.68 26.43 -3.64
N ASP A 542 -9.59 27.45 -4.49
CA ASP A 542 -10.77 27.98 -5.16
C ASP A 542 -10.84 27.53 -6.63
N HIS A 543 -10.15 26.43 -6.95
CA HIS A 543 -10.24 25.80 -8.29
C HIS A 543 -11.69 25.30 -8.47
N PRO A 544 -12.33 25.57 -9.64
CA PRO A 544 -13.75 25.16 -9.76
C PRO A 544 -13.93 23.65 -9.53
N ASN A 545 -12.86 22.89 -9.66
CA ASN A 545 -12.95 21.43 -9.68
C ASN A 545 -12.58 20.76 -8.36
N VAL A 546 -12.02 21.58 -7.45
CA VAL A 546 -11.70 21.10 -6.12
C VAL A 546 -12.95 21.31 -5.30
N THR A 547 -13.65 20.23 -5.02
CA THR A 547 -15.01 20.34 -4.50
C THR A 547 -15.08 20.16 -3.00
N ALA A 548 -13.96 19.76 -2.35
CA ALA A 548 -13.94 19.65 -0.88
C ALA A 548 -12.49 19.63 -0.48
N ILE A 549 -12.20 20.06 0.76
CA ILE A 549 -10.81 20.09 1.27
C ILE A 549 -10.89 19.77 2.76
N LEU A 550 -10.01 18.87 3.22
CA LEU A 550 -10.02 18.44 4.63
C LEU A 550 -8.64 18.50 5.21
N TRP A 551 -8.53 18.93 6.45
CA TRP A 551 -7.26 18.82 7.06
C TRP A 551 -7.34 17.83 8.20
N ALA A 552 -6.52 16.80 8.18
CA ALA A 552 -6.69 15.72 9.14
C ALA A 552 -5.51 15.67 10.13
N GLY A 553 -4.55 16.58 10.04
CA GLY A 553 -3.49 16.56 11.04
C GLY A 553 -2.54 15.37 10.96
N LEU A 554 -2.27 14.81 12.13
CA LEU A 554 -1.43 13.67 12.33
C LEU A 554 -2.19 12.58 13.10
N PRO A 555 -2.91 11.70 12.38
CA PRO A 555 -3.90 10.88 13.12
C PRO A 555 -3.40 9.73 13.96
N GLY A 556 -2.12 9.36 13.87
CA GLY A 556 -1.72 8.16 14.64
C GLY A 556 -2.13 6.87 13.93
N GLN A 557 -2.23 5.75 14.65
CA GLN A 557 -2.25 4.41 13.97
C GLN A 557 -3.46 4.05 13.08
N GLU A 558 -4.62 4.69 13.33
CA GLU A 558 -5.89 4.42 12.62
C GLU A 558 -6.23 5.46 11.50
N SER A 559 -5.21 6.14 11.02
CA SER A 559 -5.41 7.27 10.11
C SER A 559 -6.48 6.97 9.07
N GLY A 560 -6.25 5.90 8.32
CA GLY A 560 -7.08 5.51 7.21
C GLY A 560 -8.54 5.28 7.57
N ASN A 561 -8.78 4.57 8.67
CA ASN A 561 -10.13 4.37 9.18
C ASN A 561 -10.81 5.65 9.71
N SER A 562 -10.07 6.49 10.43
CA SER A 562 -10.59 7.77 10.88
C SER A 562 -11.15 8.56 9.69
N LEU A 563 -10.41 8.60 8.58
CA LEU A 563 -10.79 9.40 7.42
C LEU A 563 -11.98 8.81 6.68
N ALA A 564 -11.95 7.50 6.42
CA ALA A 564 -13.11 6.83 5.87
C ALA A 564 -14.36 7.08 6.70
N ASP A 565 -14.27 6.98 8.03
CA ASP A 565 -15.43 7.27 8.86
C ASP A 565 -15.99 8.64 8.50
N VAL A 566 -15.12 9.64 8.25
CA VAL A 566 -15.57 10.97 7.84
C VAL A 566 -16.01 11.08 6.37
N LEU A 567 -15.14 10.66 5.46
CA LEU A 567 -15.50 10.59 4.06
C LEU A 567 -16.90 9.99 3.76
N TYR A 568 -17.22 8.85 4.38
CA TYR A 568 -18.43 8.08 4.09
C TYR A 568 -19.60 8.32 5.02
N GLY A 569 -19.41 9.28 5.92
CA GLY A 569 -20.49 9.83 6.69
C GLY A 569 -20.79 9.03 7.92
N ARG A 570 -19.94 8.07 8.32
CA ARG A 570 -20.23 7.41 9.64
C ARG A 570 -20.01 8.45 10.77
N VAL A 571 -19.05 9.36 10.55
CA VAL A 571 -18.82 10.46 11.47
C VAL A 571 -19.08 11.78 10.74
N ASN A 572 -19.95 12.62 11.33
CA ASN A 572 -20.20 13.96 10.82
C ASN A 572 -19.01 14.80 11.29
N PRO A 573 -18.17 15.36 10.38
CA PRO A 573 -17.08 16.16 10.97
C PRO A 573 -17.58 17.33 11.85
N GLY A 574 -16.99 17.48 13.03
CA GLY A 574 -17.29 18.58 13.93
C GLY A 574 -16.00 19.33 14.37
N ALA A 575 -14.85 18.91 13.85
CA ALA A 575 -13.56 19.56 14.13
C ALA A 575 -13.51 21.00 13.62
N LYS A 576 -12.66 21.82 14.22
CA LYS A 576 -12.53 23.23 13.87
C LYS A 576 -11.05 23.58 13.83
N SER A 577 -10.66 24.45 12.90
CA SER A 577 -9.24 24.68 12.75
C SER A 577 -8.70 25.37 14.01
N PRO A 578 -7.60 24.82 14.60
CA PRO A 578 -7.02 25.39 15.84
C PRO A 578 -5.93 26.44 15.60
N PHE A 579 -5.80 26.89 14.36
CA PHE A 579 -4.85 27.92 13.91
C PHE A 579 -5.38 28.56 12.60
N THR A 580 -4.59 29.47 12.01
CA THR A 580 -5.10 30.24 10.87
C THR A 580 -4.50 29.74 9.57
N TRP A 581 -5.33 29.65 8.52
CA TRP A 581 -4.85 29.41 7.15
C TRP A 581 -4.75 30.72 6.36
N GLY A 582 -3.54 31.25 6.18
CA GLY A 582 -3.38 32.58 5.53
C GLY A 582 -3.01 32.47 4.06
N LYS A 583 -3.01 33.62 3.34
CA LYS A 583 -2.73 33.58 1.87
C LYS A 583 -1.28 33.34 1.59
N THR A 584 -0.39 33.85 2.47
CA THR A 584 1.09 33.82 2.29
C THR A 584 1.80 33.57 3.62
N ARG A 585 3.06 33.19 3.59
CA ARG A 585 3.88 33.10 4.78
C ARG A 585 3.95 34.46 5.49
N GLU A 586 4.11 35.54 4.72
CA GLU A 586 4.23 36.91 5.23
C GLU A 586 3.04 37.30 6.08
N ALA A 587 1.85 36.81 5.73
CA ALA A 587 0.62 37.23 6.44
C ALA A 587 0.62 36.83 7.92
N TYR A 588 1.45 35.83 8.26
CA TYR A 588 1.51 35.32 9.63
C TYR A 588 2.52 36.12 10.43
N GLY A 589 3.46 36.78 9.75
CA GLY A 589 4.55 37.44 10.45
C GLY A 589 5.38 36.49 11.30
N ASP A 590 5.88 36.97 12.44
CA ASP A 590 6.55 36.11 13.40
C ASP A 590 7.60 35.21 12.69
N TYR A 591 8.59 35.85 12.09
CA TYR A 591 9.64 35.12 11.46
C TYR A 591 10.51 34.37 12.43
N LEU A 592 10.95 33.23 11.98
CA LEU A 592 11.97 32.49 12.72
C LEU A 592 13.31 33.15 12.55
N VAL A 593 14.15 33.01 13.56
CA VAL A 593 15.50 33.49 13.56
C VAL A 593 16.26 32.36 12.90
N ARG A 594 16.77 32.61 11.70
CA ARG A 594 17.44 31.54 10.98
C ARG A 594 18.89 31.86 10.69
N GLU A 595 19.39 32.95 11.28
CA GLU A 595 20.74 33.48 11.00
C GLU A 595 21.40 33.90 12.28
N LEU A 596 22.72 33.84 12.39
CA LEU A 596 23.37 34.43 13.57
C LEU A 596 23.17 35.96 13.57
N ASN A 597 22.53 36.52 14.58
CA ASN A 597 22.29 37.95 14.57
C ASN A 597 22.94 38.68 15.73
N ASN A 598 23.69 37.92 16.54
CA ASN A 598 24.53 38.49 17.62
C ASN A 598 25.91 37.84 17.55
N GLY A 599 26.56 37.93 16.38
CA GLY A 599 27.88 37.35 16.17
C GLY A 599 27.96 35.85 16.45
N ASN A 600 28.93 35.46 17.29
CA ASN A 600 29.00 34.07 17.68
C ASN A 600 28.42 33.85 19.06
N GLY A 601 27.70 34.84 19.54
CA GLY A 601 26.92 34.67 20.77
C GLY A 601 25.55 34.02 20.55
N ALA A 602 24.74 33.99 21.61
CA ALA A 602 23.40 33.43 21.51
C ALA A 602 22.62 34.31 20.53
N PRO A 603 22.05 33.70 19.47
CA PRO A 603 21.12 34.46 18.62
C PRO A 603 19.96 35.04 19.46
N GLN A 604 19.50 36.22 19.08
CA GLN A 604 18.48 36.89 19.87
C GLN A 604 17.20 36.75 19.10
N ASP A 605 16.18 36.31 19.83
CA ASP A 605 14.83 36.14 19.27
C ASP A 605 13.88 37.04 20.06
N ASP A 606 13.64 38.23 19.54
CA ASP A 606 12.79 39.25 20.16
C ASP A 606 11.31 39.01 19.76
N PHE A 607 10.41 38.82 20.73
CA PHE A 607 8.99 38.62 20.40
C PHE A 607 8.29 39.96 20.25
N SER A 608 8.79 40.73 19.30
CA SER A 608 8.31 42.09 19.16
C SER A 608 6.85 42.25 18.72
N GLU A 609 6.21 41.16 18.27
CA GLU A 609 4.75 41.21 17.97
C GLU A 609 3.89 41.26 19.26
N GLY A 610 4.53 41.08 20.42
CA GLY A 610 3.80 40.94 21.68
C GLY A 610 2.76 39.80 21.59
N VAL A 611 1.52 40.08 22.01
CA VAL A 611 0.47 39.06 22.01
C VAL A 611 -0.04 38.70 20.59
N PHE A 612 0.50 39.32 19.54
CA PHE A 612 -0.09 39.27 18.18
C PHE A 612 0.41 38.12 17.29
N ILE A 613 0.07 36.91 17.71
CA ILE A 613 0.41 35.68 16.97
C ILE A 613 -0.84 35.10 16.35
N ASP A 614 -0.65 34.33 15.28
CA ASP A 614 -1.78 33.64 14.54
C ASP A 614 -2.97 34.60 14.36
N TYR A 615 -4.16 34.23 14.82
CA TYR A 615 -5.30 35.07 14.46
C TYR A 615 -5.28 36.49 15.02
N ARG A 616 -4.79 36.64 16.25
CA ARG A 616 -4.60 37.99 16.81
C ARG A 616 -3.88 38.91 15.82
N GLY A 617 -2.83 38.36 15.20
CA GLY A 617 -2.05 39.14 14.23
C GLY A 617 -2.82 39.41 12.95
N PHE A 618 -3.48 38.38 12.43
CA PHE A 618 -4.20 38.56 11.18
C PHE A 618 -5.18 39.69 11.44
N ASP A 619 -5.90 39.62 12.58
CA ASP A 619 -6.98 40.62 12.88
C ASP A 619 -6.41 42.02 13.05
N LYS A 620 -5.25 42.13 13.72
CA LYS A 620 -4.65 43.43 13.89
C LYS A 620 -4.35 44.07 12.54
N ARG A 621 -3.90 43.28 11.57
CA ARG A 621 -3.51 43.80 10.29
C ARG A 621 -4.63 43.86 9.30
N ASN A 622 -5.87 43.54 9.72
CA ASN A 622 -7.04 43.54 8.81
C ASN A 622 -6.77 42.61 7.60
N GLU A 623 -6.09 41.47 7.81
CA GLU A 623 -5.87 40.45 6.77
C GLU A 623 -6.98 39.43 6.76
N THR A 624 -7.39 39.00 5.58
CA THR A 624 -8.43 37.97 5.47
C THR A 624 -7.74 36.60 5.31
N PRO A 625 -7.87 35.74 6.34
CA PRO A 625 -7.46 34.34 6.16
C PRO A 625 -8.34 33.65 5.09
N ILE A 626 -7.75 32.68 4.43
CA ILE A 626 -8.52 31.78 3.65
C ILE A 626 -9.44 31.04 4.62
N TYR A 627 -8.88 30.32 5.61
CA TYR A 627 -9.70 29.67 6.62
C TYR A 627 -9.25 30.19 7.97
N GLU A 628 -10.17 30.85 8.69
CA GLU A 628 -9.86 31.48 9.98
C GLU A 628 -9.80 30.48 11.11
N PHE A 629 -9.09 30.86 12.16
CA PHE A 629 -9.06 30.12 13.39
C PHE A 629 -10.52 29.84 13.84
N GLY A 630 -10.87 28.60 14.15
CA GLY A 630 -12.24 28.24 14.57
C GLY A 630 -13.17 27.77 13.46
N HIS A 631 -12.73 27.86 12.18
CA HIS A 631 -13.50 27.36 11.00
C HIS A 631 -13.48 25.83 10.83
N GLY A 632 -14.65 25.25 10.58
CA GLY A 632 -14.86 23.86 10.23
C GLY A 632 -16.29 23.75 9.70
N LEU A 633 -16.47 22.97 8.63
CA LEU A 633 -17.82 22.74 8.13
C LEU A 633 -18.36 21.48 8.78
N SER A 634 -19.66 21.23 8.58
CA SER A 634 -20.35 20.04 9.08
C SER A 634 -21.26 19.49 7.97
N TYR A 635 -21.72 18.26 8.09
CA TYR A 635 -22.72 17.77 7.14
C TYR A 635 -24.13 18.24 7.51
N THR A 636 -24.24 18.98 8.61
CA THR A 636 -25.46 19.67 8.96
C THR A 636 -25.17 21.14 9.13
N THR A 637 -26.21 21.92 9.49
CA THR A 637 -26.08 23.35 9.79
C THR A 637 -26.56 23.62 11.22
N PHE A 638 -26.04 24.71 11.78
CA PHE A 638 -26.41 25.09 13.10
C PHE A 638 -26.76 26.57 13.08
N ASN A 639 -27.63 27.02 14.01
CA ASN A 639 -28.03 28.43 14.17
C ASN A 639 -27.77 28.82 15.66
N TYR A 640 -27.21 30.01 15.89
CA TYR A 640 -27.02 30.51 17.22
C TYR A 640 -27.94 31.68 17.46
N SER A 641 -28.70 31.67 18.55
CA SER A 641 -29.58 32.82 18.87
C SER A 641 -29.76 33.01 20.38
N GLY A 642 -30.44 34.12 20.74
CA GLY A 642 -30.77 34.40 22.13
C GLY A 642 -29.55 34.53 23.00
N LEU A 643 -28.60 35.43 22.64
CA LEU A 643 -27.52 35.80 23.56
C LEU A 643 -28.02 36.55 24.83
N HIS A 644 -27.62 36.06 26.00
CA HIS A 644 -28.00 36.64 27.28
C HIS A 644 -26.84 36.65 28.25
N ILE A 645 -26.79 37.65 29.10
CA ILE A 645 -25.63 37.93 29.95
C ILE A 645 -26.13 38.16 31.34
N GLN A 646 -25.51 37.48 32.30
CA GLN A 646 -25.95 37.65 33.64
C GLN A 646 -24.80 37.90 34.61
N VAL A 647 -24.84 39.02 35.34
CA VAL A 647 -23.85 39.30 36.37
C VAL A 647 -23.98 38.32 37.57
N LEU A 648 -22.90 37.85 38.17
CA LEU A 648 -23.03 36.94 39.32
C LEU A 648 -22.48 37.54 40.66
N ASN A 649 -22.94 37.02 41.82
CA ASN A 649 -22.31 37.32 43.13
C ASN A 649 -21.04 36.45 43.24
N ALA A 650 -19.86 37.10 43.32
CA ALA A 650 -18.58 36.38 43.56
C ALA A 650 -17.67 36.98 44.67
N VAL A 656 -6.70 33.92 51.86
CA VAL A 656 -5.45 34.00 51.08
C VAL A 656 -4.31 34.59 51.91
N ALA A 657 -3.27 33.80 52.15
CA ALA A 657 -2.15 34.21 52.99
C ALA A 657 -1.36 35.40 52.40
N THR A 658 -0.80 36.26 53.25
CA THR A 658 0.03 37.36 52.77
C THR A 658 1.51 37.03 52.90
N GLU A 659 1.82 35.95 53.63
CA GLU A 659 3.23 35.55 53.81
C GLU A 659 3.32 34.06 53.85
N THR A 660 4.48 33.55 53.46
CA THR A 660 4.74 32.12 53.54
C THR A 660 5.28 31.77 54.90
N GLY A 661 5.30 30.47 55.23
CA GLY A 661 6.11 29.98 56.38
C GLY A 661 7.61 30.10 56.09
N ALA A 662 8.47 29.84 57.09
CA ALA A 662 9.91 29.87 56.86
C ALA A 662 10.26 28.57 56.16
N ALA A 663 11.41 28.49 55.49
CA ALA A 663 11.84 27.24 54.82
C ALA A 663 12.14 26.12 55.83
N PRO A 664 11.46 24.99 55.72
CA PRO A 664 11.74 23.86 56.64
C PRO A 664 12.94 22.99 56.21
N THR A 665 13.48 22.17 57.11
CA THR A 665 14.41 21.14 56.71
C THR A 665 13.80 19.87 57.24
N PHE A 666 14.04 18.74 56.54
CA PHE A 666 13.56 17.45 57.02
C PHE A 666 14.68 16.43 57.06
N GLY A 667 14.83 15.75 58.19
CA GLY A 667 16.01 14.90 58.44
C GLY A 667 17.26 15.73 58.73
N GLN A 668 18.41 15.05 58.86
CA GLN A 668 19.68 15.67 59.30
C GLN A 668 20.79 15.45 58.28
N VAL A 669 21.77 16.35 58.24
CA VAL A 669 22.98 16.18 57.42
C VAL A 669 24.19 15.93 58.34
N GLY A 670 24.98 14.93 58.00
CA GLY A 670 26.08 14.48 58.85
C GLY A 670 27.40 14.91 58.28
N ASN A 671 28.47 14.18 58.63
CA ASN A 671 29.83 14.54 58.18
C ASN A 671 29.99 14.13 56.73
N ALA A 672 30.92 14.76 56.04
CA ALA A 672 31.33 14.29 54.72
C ALA A 672 31.64 12.77 54.62
N SER A 673 32.19 12.17 55.68
CA SER A 673 32.56 10.74 55.62
C SER A 673 31.32 9.87 55.53
N ASP A 674 30.16 10.40 55.95
CA ASP A 674 28.89 9.71 55.77
C ASP A 674 28.54 9.44 54.30
N TYR A 675 29.05 10.28 53.39
CA TYR A 675 28.62 10.29 52.01
C TYR A 675 29.64 9.78 50.96
N VAL A 676 30.65 9.08 51.45
CA VAL A 676 31.68 8.50 50.61
C VAL A 676 31.14 7.23 49.99
N TYR A 677 31.63 6.88 48.79
CA TYR A 677 31.25 5.60 48.14
C TYR A 677 31.27 4.42 49.10
N PRO A 678 30.10 3.74 49.32
CA PRO A 678 30.01 2.59 50.21
C PRO A 678 30.95 1.51 49.74
N GLU A 679 31.36 0.63 50.64
CA GLU A 679 32.56 -0.09 50.37
C GLU A 679 32.36 -1.27 49.45
N GLY A 680 31.25 -1.99 49.62
CA GLY A 680 31.02 -3.19 48.79
C GLY A 680 30.27 -2.96 47.46
N LEU A 681 30.54 -1.83 46.82
CA LEU A 681 29.69 -1.41 45.72
C LEU A 681 30.46 -1.26 44.40
N THR A 682 30.12 -2.10 43.41
CA THR A 682 30.79 -2.05 42.11
C THR A 682 30.28 -0.81 41.44
N ARG A 683 31.15 0.12 41.09
CA ARG A 683 30.68 1.33 40.41
C ARG A 683 30.59 1.10 38.92
N ILE A 684 29.39 1.22 38.37
CA ILE A 684 29.13 0.92 36.97
C ILE A 684 29.68 2.05 36.09
N SER A 685 30.38 1.73 35.00
CA SER A 685 30.88 2.79 34.11
C SER A 685 29.78 3.74 33.59
N LYS A 686 30.10 5.04 33.63
CA LYS A 686 29.21 6.11 33.21
C LYS A 686 28.06 6.35 34.18
N PHE A 687 27.86 5.49 35.16
CA PHE A 687 26.72 5.63 36.07
C PHE A 687 26.95 6.89 36.92
N ILE A 688 25.89 7.67 37.13
CA ILE A 688 26.01 8.85 37.97
C ILE A 688 25.50 8.53 39.35
N TYR A 689 26.38 8.69 40.34
CA TYR A 689 26.11 8.45 41.76
C TYR A 689 26.08 9.74 42.66
N PRO A 690 25.52 9.65 43.89
CA PRO A 690 25.47 10.87 44.72
C PRO A 690 26.64 10.98 45.68
N TRP A 691 27.65 10.13 45.49
CA TRP A 691 28.68 9.89 46.51
C TRP A 691 30.01 10.56 46.21
N LEU A 692 30.79 10.74 47.26
CA LEU A 692 32.11 11.38 47.15
C LEU A 692 33.19 10.30 47.19
N ASN A 693 34.23 10.54 46.40
CA ASN A 693 35.43 9.69 46.43
C ASN A 693 36.19 9.69 47.78
N SER A 694 36.22 10.85 48.46
CA SER A 694 36.89 10.99 49.75
C SER A 694 36.19 12.13 50.46
N THR A 695 36.67 12.46 51.67
CA THR A 695 36.24 13.62 52.45
C THR A 695 36.90 14.89 51.94
N ASP A 696 37.84 14.79 51.00
CA ASP A 696 38.36 16.03 50.38
C ASP A 696 37.32 16.56 49.36
N LEU A 697 36.49 17.48 49.84
CA LEU A 697 35.42 18.12 49.10
C LEU A 697 35.86 18.65 47.73
N LYS A 698 36.80 19.59 47.72
CA LYS A 698 37.35 20.12 46.46
C LYS A 698 37.80 19.02 45.49
N ALA A 699 38.59 18.07 45.97
CA ALA A 699 39.13 17.03 45.11
C ALA A 699 38.03 16.07 44.62
N SER A 700 37.06 15.75 45.47
CA SER A 700 36.05 14.81 45.01
C SER A 700 34.93 15.45 44.11
N SER A 701 34.89 16.78 44.05
CA SER A 701 34.04 17.46 43.13
C SER A 701 34.69 17.56 41.78
N GLY A 702 36.01 17.55 41.75
CA GLY A 702 36.74 17.75 40.50
C GLY A 702 36.30 18.96 39.65
N ASP A 703 35.86 20.03 40.28
CA ASP A 703 35.29 21.16 39.52
C ASP A 703 36.36 22.23 39.40
N PRO A 704 36.79 22.58 38.16
CA PRO A 704 37.81 23.62 38.02
C PRO A 704 37.46 24.90 38.82
N TYR A 705 36.18 25.22 38.91
CA TYR A 705 35.79 26.45 39.62
C TYR A 705 35.45 26.29 41.10
N TYR A 706 35.73 25.11 41.68
CA TYR A 706 35.45 24.87 43.09
C TYR A 706 36.02 25.97 43.98
N GLY A 707 35.17 26.54 44.82
CA GLY A 707 35.54 27.56 45.81
C GLY A 707 35.96 28.91 45.26
N VAL A 708 36.00 29.05 43.94
CA VAL A 708 36.39 30.29 43.26
C VAL A 708 35.33 31.38 43.29
N ASP A 709 35.63 32.48 43.99
CA ASP A 709 34.74 33.63 44.20
C ASP A 709 33.33 33.22 44.62
N THR A 710 33.22 32.20 45.47
CA THR A 710 31.94 31.58 45.69
C THR A 710 30.79 32.57 46.01
N ALA A 711 31.00 33.42 46.99
CA ALA A 711 29.95 34.31 47.42
C ALA A 711 29.46 35.30 46.31
N GLU A 712 30.34 35.68 45.39
CA GLU A 712 29.94 36.59 44.29
C GLU A 712 29.01 35.83 43.33
N HIS A 713 29.04 34.49 43.38
CA HIS A 713 28.24 33.72 42.44
C HIS A 713 26.94 33.18 43.01
N VAL A 714 26.77 33.34 44.32
CA VAL A 714 25.50 33.09 44.96
C VAL A 714 24.76 34.43 45.02
N PRO A 715 23.62 34.54 44.28
CA PRO A 715 22.88 35.82 44.18
C PRO A 715 22.20 36.28 45.47
N GLU A 716 22.02 37.59 45.61
CA GLU A 716 21.33 38.18 46.77
C GLU A 716 20.00 37.51 46.85
N GLY A 717 19.71 36.95 48.02
CA GLY A 717 18.41 36.39 48.31
C GLY A 717 18.42 34.88 48.23
N ALA A 718 19.35 34.31 47.45
CA ALA A 718 19.35 32.88 47.09
C ALA A 718 19.41 31.92 48.25
N THR A 719 19.92 32.35 49.41
CA THR A 719 19.98 31.43 50.55
C THR A 719 19.02 31.81 51.65
N ASP A 720 18.17 32.78 51.36
CA ASP A 720 17.24 33.31 52.36
C ASP A 720 16.06 32.35 52.72
N GLY A 721 16.20 31.58 53.80
CA GLY A 721 15.14 30.68 54.29
C GLY A 721 13.99 31.30 55.09
N SER A 722 13.95 32.62 55.19
CA SER A 722 12.99 33.25 56.08
C SER A 722 11.68 33.44 55.35
N PRO A 723 10.58 33.67 56.11
CA PRO A 723 9.23 33.84 55.52
C PRO A 723 9.28 34.87 54.43
N GLN A 724 8.57 34.61 53.33
CA GLN A 724 8.53 35.54 52.18
C GLN A 724 7.11 36.15 51.98
N PRO A 725 7.04 37.34 51.31
CA PRO A 725 5.74 37.91 50.95
C PRO A 725 5.08 37.09 49.83
N VAL A 726 3.77 37.01 49.82
CA VAL A 726 3.04 36.29 48.77
C VAL A 726 2.72 37.32 47.68
N LEU A 727 3.04 37.00 46.43
CA LEU A 727 2.86 37.94 45.34
C LEU A 727 1.39 38.29 45.28
N PRO A 728 1.05 39.55 44.93
CA PRO A 728 -0.36 39.92 44.76
C PRO A 728 -1.11 38.97 43.80
N ALA A 729 -0.41 38.53 42.74
CA ALA A 729 -1.06 37.64 41.77
C ALA A 729 -1.00 36.15 42.17
N GLY A 730 -0.45 35.86 43.35
CA GLY A 730 -0.11 34.49 43.77
C GLY A 730 -1.00 33.98 44.91
N GLY A 731 -0.57 32.89 45.57
CA GLY A 731 -1.21 32.38 46.79
C GLY A 731 -2.37 31.48 46.50
N GLY A 732 -2.41 30.94 45.29
CA GLY A 732 -3.41 29.92 44.97
C GLY A 732 -2.78 28.92 44.05
N SER A 733 -3.58 28.21 43.28
CA SER A 733 -3.04 27.28 42.32
C SER A 733 -3.38 27.83 40.94
N GLY A 734 -2.35 28.22 40.17
CA GLY A 734 -2.51 28.81 38.84
C GLY A 734 -2.85 30.27 38.97
N GLY A 735 -2.40 30.82 40.10
CA GLY A 735 -2.65 32.19 40.49
C GLY A 735 -3.59 32.31 41.70
N ASN A 736 -3.64 33.52 42.26
CA ASN A 736 -4.54 33.92 43.32
C ASN A 736 -5.95 33.39 43.05
N PRO A 737 -6.63 32.84 44.06
CA PRO A 737 -7.87 32.13 43.68
C PRO A 737 -9.04 33.04 43.24
N ARG A 738 -8.99 34.31 43.63
CA ARG A 738 -9.89 35.34 43.18
C ARG A 738 -9.93 35.45 41.64
N LEU A 739 -8.91 34.96 40.95
CA LEU A 739 -8.85 35.08 39.50
C LEU A 739 -9.84 34.13 38.89
N TYR A 740 -10.30 33.17 39.72
CA TYR A 740 -11.21 32.12 39.32
C TYR A 740 -12.63 32.36 39.80
N ASP A 741 -12.88 33.48 40.44
CA ASP A 741 -14.24 33.90 40.71
C ASP A 741 -15.01 34.00 39.38
N GLU A 742 -16.23 33.50 39.38
CA GLU A 742 -17.07 33.56 38.20
C GLU A 742 -17.88 34.86 38.23
N LEU A 743 -17.67 35.74 37.24
CA LEU A 743 -18.25 37.08 37.31
C LEU A 743 -19.44 37.28 36.41
N ILE A 744 -19.48 36.57 35.29
CA ILE A 744 -20.60 36.67 34.35
C ILE A 744 -21.02 35.29 33.83
N ARG A 745 -22.31 35.02 33.77
CA ARG A 745 -22.84 33.83 33.10
C ARG A 745 -23.34 34.23 31.71
N VAL A 746 -22.89 33.49 30.72
CA VAL A 746 -23.29 33.72 29.35
C VAL A 746 -24.13 32.52 28.85
N SER A 747 -25.24 32.78 28.16
CA SER A 747 -26.01 31.70 27.55
C SER A 747 -26.49 32.05 26.13
N VAL A 748 -26.70 31.02 25.34
CA VAL A 748 -27.06 31.17 23.96
C VAL A 748 -27.71 29.85 23.59
N THR A 749 -28.68 29.90 22.68
CA THR A 749 -29.34 28.69 22.17
C THR A 749 -28.67 28.21 20.90
N VAL A 750 -28.38 26.93 20.85
CA VAL A 750 -27.71 26.39 19.68
C VAL A 750 -28.63 25.36 19.08
N LYS A 751 -28.92 25.51 17.80
CA LYS A 751 -29.86 24.62 17.11
C LYS A 751 -29.30 23.91 15.85
N ASN A 752 -29.56 22.61 15.73
CA ASN A 752 -29.24 21.89 14.48
C ASN A 752 -30.36 22.12 13.46
N THR A 753 -30.07 22.95 12.46
CA THR A 753 -31.12 23.32 11.50
C THR A 753 -31.12 22.40 10.29
N GLY A 754 -30.29 21.36 10.30
CA GLY A 754 -30.12 20.52 9.12
C GLY A 754 -30.74 19.15 9.16
N ARG A 755 -30.30 18.28 8.25
CA ARG A 755 -30.95 16.98 8.07
C ARG A 755 -30.34 15.83 8.86
N VAL A 756 -29.12 16.01 9.34
CA VAL A 756 -28.39 14.93 10.00
C VAL A 756 -27.81 15.37 11.34
N ALA A 757 -27.73 14.42 12.26
CA ALA A 757 -27.07 14.62 13.53
C ALA A 757 -25.60 15.11 13.39
N GLY A 758 -25.21 15.98 14.29
CA GLY A 758 -23.85 16.51 14.26
C GLY A 758 -23.46 17.20 15.54
N ASP A 759 -22.17 17.55 15.62
CA ASP A 759 -21.61 18.28 16.74
C ASP A 759 -21.47 19.74 16.33
N ALA A 760 -22.02 20.63 17.15
CA ALA A 760 -21.67 22.03 16.96
C ALA A 760 -20.48 22.38 17.90
N VAL A 761 -19.67 23.36 17.50
CA VAL A 761 -18.66 23.91 18.43
C VAL A 761 -18.94 25.39 18.70
N PRO A 762 -19.82 25.69 19.67
CA PRO A 762 -20.03 27.12 19.97
C PRO A 762 -18.72 27.72 20.38
N GLN A 763 -18.44 28.93 19.94
CA GLN A 763 -17.22 29.60 20.38
C GLN A 763 -17.55 30.96 20.98
N LEU A 764 -16.99 31.25 22.17
CA LEU A 764 -17.20 32.51 22.90
C LEU A 764 -15.91 33.34 22.98
N TYR A 765 -15.95 34.54 22.38
CA TYR A 765 -14.86 35.56 22.35
C TYR A 765 -15.22 36.79 23.16
N VAL A 766 -14.20 37.46 23.68
CA VAL A 766 -14.43 38.77 24.27
C VAL A 766 -13.53 39.81 23.63
N SER A 767 -13.89 41.10 23.73
CA SER A 767 -12.97 42.17 23.38
C SER A 767 -12.75 42.82 24.69
N LEU A 768 -11.48 42.87 25.12
CA LEU A 768 -11.23 43.49 26.42
C LEU A 768 -11.14 45.02 26.34
N GLY A 769 -10.97 45.54 25.12
CA GLY A 769 -10.93 46.98 24.83
C GLY A 769 -9.56 47.56 25.12
N GLY A 770 -9.34 48.76 24.63
CA GLY A 770 -8.04 49.36 24.86
C GLY A 770 -7.29 49.52 23.56
N PRO A 771 -6.39 50.52 23.50
CA PRO A 771 -5.73 50.78 22.23
C PRO A 771 -4.79 49.62 21.79
N ASN A 772 -4.20 48.87 22.72
CA ASN A 772 -3.28 47.84 22.21
C ASN A 772 -3.71 46.37 22.36
N GLU A 773 -5.02 46.11 22.37
CA GLU A 773 -5.58 44.76 22.59
C GLU A 773 -6.14 44.16 21.31
N PRO A 774 -5.95 42.82 21.13
CA PRO A 774 -6.62 42.15 20.00
C PRO A 774 -8.13 42.44 19.95
N LYS A 775 -8.69 42.56 18.74
CA LYS A 775 -10.13 42.76 18.56
C LYS A 775 -11.00 41.75 19.31
N VAL A 776 -10.69 40.47 19.15
CA VAL A 776 -11.37 39.40 19.83
C VAL A 776 -10.32 38.38 20.33
N VAL A 777 -10.55 37.78 21.49
CA VAL A 777 -9.77 36.66 22.00
C VAL A 777 -10.73 35.58 22.54
N LEU A 778 -10.45 34.31 22.20
CA LEU A 778 -11.32 33.17 22.60
C LEU A 778 -11.30 33.05 24.11
N ARG A 779 -12.46 32.82 24.71
CA ARG A 779 -12.50 32.54 26.13
C ARG A 779 -13.13 31.20 26.50
N LYS A 780 -14.23 30.83 25.84
CA LYS A 780 -14.97 29.59 26.20
C LYS A 780 -15.39 28.83 24.94
N PHE A 781 -15.61 27.52 25.06
CA PHE A 781 -16.12 26.73 23.93
C PHE A 781 -16.65 25.44 24.47
N ASP A 782 -17.41 24.72 23.66
CA ASP A 782 -17.76 23.35 24.00
C ASP A 782 -18.10 22.68 22.71
N ARG A 783 -18.28 21.36 22.77
CA ARG A 783 -18.66 20.61 21.60
C ARG A 783 -19.96 19.93 21.99
N LEU A 784 -21.06 20.23 21.29
CA LEU A 784 -22.40 19.72 21.65
C LEU A 784 -23.02 18.88 20.54
N THR A 785 -23.33 17.62 20.87
CA THR A 785 -23.93 16.74 19.94
C THR A 785 -25.45 17.09 19.84
N LEU A 786 -25.98 17.21 18.62
CA LEU A 786 -27.33 17.62 18.39
C LEU A 786 -27.98 16.83 17.23
N LYS A 787 -29.16 16.22 17.50
CA LYS A 787 -29.97 15.59 16.47
C LYS A 787 -30.64 16.64 15.58
N PRO A 788 -31.02 16.27 14.35
CA PRO A 788 -31.66 17.28 13.45
C PRO A 788 -32.81 17.99 14.17
N SER A 789 -32.91 19.32 14.04
CA SER A 789 -33.94 20.12 14.78
C SER A 789 -33.79 20.29 16.28
N GLU A 790 -32.85 19.59 16.87
CA GLU A 790 -32.64 19.70 18.25
C GLU A 790 -31.96 21.03 18.64
N GLU A 791 -32.39 21.50 19.81
CA GLU A 791 -32.03 22.76 20.45
C GLU A 791 -31.49 22.48 21.83
N THR A 792 -30.52 23.28 22.24
CA THR A 792 -29.96 23.19 23.55
C THR A 792 -29.51 24.59 23.94
N VAL A 793 -29.39 24.82 25.24
CA VAL A 793 -28.96 26.09 25.76
C VAL A 793 -27.56 25.89 26.29
N TRP A 794 -26.59 26.56 25.65
CA TRP A 794 -25.21 26.48 26.03
C TRP A 794 -24.87 27.56 27.06
N THR A 795 -24.48 27.15 28.27
CA THR A 795 -24.18 28.11 29.36
C THR A 795 -22.74 28.02 29.80
N THR A 796 -22.04 29.15 29.88
CA THR A 796 -20.64 29.18 30.39
C THR A 796 -20.48 30.40 31.32
N THR A 797 -19.31 30.54 31.91
CA THR A 797 -19.06 31.65 32.78
C THR A 797 -17.73 32.23 32.46
N LEU A 798 -17.63 33.55 32.67
CA LEU A 798 -16.39 34.29 32.56
C LEU A 798 -15.87 34.54 33.96
N THR A 799 -14.61 34.23 34.14
CA THR A 799 -13.95 34.48 35.42
C THR A 799 -13.25 35.89 35.46
N ARG A 800 -12.74 36.25 36.62
CA ARG A 800 -12.02 37.49 36.74
C ARG A 800 -10.81 37.47 35.82
N ARG A 801 -10.05 36.38 35.82
CA ARG A 801 -8.91 36.21 34.91
C ARG A 801 -9.33 36.43 33.45
N ASP A 802 -10.49 35.87 33.06
CA ASP A 802 -10.99 35.97 31.66
C ASP A 802 -11.15 37.42 31.15
N LEU A 803 -11.39 38.36 32.07
CA LEU A 803 -11.74 39.73 31.73
C LEU A 803 -10.58 40.69 32.01
N SER A 804 -9.47 40.17 32.54
CA SER A 804 -8.34 40.98 33.00
C SER A 804 -7.23 41.09 31.99
N ASN A 805 -6.31 42.01 32.25
CA ASN A 805 -5.14 42.11 31.46
C ASN A 805 -4.00 42.13 32.46
N TRP A 806 -2.80 41.80 31.99
CA TRP A 806 -1.68 41.82 32.92
C TRP A 806 -1.14 43.26 33.03
N ASP A 807 -1.20 43.81 34.23
CA ASP A 807 -0.64 45.15 34.53
C ASP A 807 0.79 45.05 35.14
N VAL A 808 1.76 45.39 34.32
CA VAL A 808 3.13 45.25 34.68
C VAL A 808 3.50 46.06 35.95
N ALA A 809 2.96 47.26 36.09
CA ALA A 809 3.17 48.10 37.31
C ALA A 809 2.56 47.49 38.61
N ALA A 810 1.32 47.00 38.56
CA ALA A 810 0.71 46.36 39.74
C ALA A 810 1.23 44.95 40.01
N GLN A 811 1.95 44.36 39.03
CA GLN A 811 2.24 42.91 39.03
C GLN A 811 0.99 42.08 39.36
N ASP A 812 -0.07 42.28 38.58
CA ASP A 812 -1.31 41.60 38.89
C ASP A 812 -2.21 41.74 37.67
N TRP A 813 -3.20 40.87 37.63
CA TRP A 813 -4.20 40.94 36.61
C TRP A 813 -5.20 41.97 37.06
N VAL A 814 -5.57 42.87 36.15
CA VAL A 814 -6.52 43.93 36.40
C VAL A 814 -7.64 43.99 35.33
N ILE A 815 -8.89 44.19 35.75
CA ILE A 815 -9.98 44.38 34.80
C ILE A 815 -9.92 45.84 34.37
N THR A 816 -9.42 46.15 33.17
CA THR A 816 -9.31 47.58 32.80
C THR A 816 -10.66 48.27 32.64
N SER A 817 -10.64 49.58 32.72
CA SER A 817 -11.87 50.37 32.61
C SER A 817 -12.41 50.58 31.17
N TYR A 818 -11.69 50.08 30.16
CA TYR A 818 -12.26 50.02 28.81
C TYR A 818 -13.52 49.13 28.78
N PRO A 819 -14.52 49.52 28.00
CA PRO A 819 -15.69 48.67 28.00
C PRO A 819 -15.40 47.34 27.26
N LYS A 820 -15.99 46.25 27.75
CA LYS A 820 -15.78 44.93 27.20
C LYS A 820 -17.06 44.41 26.51
N LYS A 821 -16.89 43.64 25.43
CA LYS A 821 -18.02 42.98 24.74
C LYS A 821 -17.84 41.47 24.68
N VAL A 822 -18.95 40.74 24.58
CA VAL A 822 -18.93 39.29 24.36
C VAL A 822 -19.43 39.03 22.94
N HIS A 823 -18.83 38.05 22.25
CA HIS A 823 -19.30 37.61 20.92
C HIS A 823 -19.38 36.10 20.86
N VAL A 824 -20.47 35.56 20.33
CA VAL A 824 -20.64 34.14 20.22
C VAL A 824 -20.94 33.77 18.77
N GLY A 825 -20.45 32.63 18.31
CA GLY A 825 -20.67 32.19 16.92
C GLY A 825 -19.87 30.96 16.59
N SER A 826 -19.68 30.70 15.29
CA SER A 826 -19.10 29.46 14.84
C SER A 826 -17.58 29.55 14.46
N SER A 827 -17.01 30.73 14.36
CA SER A 827 -15.55 30.85 14.15
C SER A 827 -15.14 32.23 14.69
N SER A 828 -13.83 32.57 14.65
CA SER A 828 -13.29 33.87 15.07
C SER A 828 -13.74 35.03 14.16
N ARG A 829 -14.31 34.66 13.01
CA ARG A 829 -14.83 35.61 12.01
C ARG A 829 -16.32 35.45 11.72
N GLN A 830 -16.99 34.50 12.37
CA GLN A 830 -18.40 34.26 12.12
C GLN A 830 -19.10 34.40 13.44
N LEU A 831 -19.35 35.65 13.80
CA LEU A 831 -19.84 35.97 15.13
C LEU A 831 -21.15 36.74 14.99
N PRO A 832 -22.29 36.02 14.89
CA PRO A 832 -23.53 36.78 14.62
C PRO A 832 -24.08 37.48 15.86
N LEU A 833 -23.62 37.09 17.06
CA LEU A 833 -24.16 37.62 18.35
C LEU A 833 -23.16 38.45 19.18
N HIS A 834 -23.60 39.59 19.73
CA HIS A 834 -22.72 40.47 20.50
C HIS A 834 -23.46 41.10 21.64
N ALA A 835 -22.78 41.29 22.76
CA ALA A 835 -23.40 41.99 23.85
C ALA A 835 -22.34 42.75 24.60
N ALA A 836 -22.69 43.98 24.95
CA ALA A 836 -21.86 44.79 25.87
C ALA A 836 -21.84 44.10 27.24
N LEU A 837 -20.69 44.08 27.92
CA LEU A 837 -20.64 43.65 29.33
C LEU A 837 -20.78 44.80 30.32
N PRO A 838 -21.51 44.57 31.42
CA PRO A 838 -21.63 45.66 32.38
C PRO A 838 -20.30 45.71 33.17
N LYS A 839 -20.03 46.85 33.79
CA LYS A 839 -18.81 47.01 34.60
C LYS A 839 -18.82 45.89 35.71
N VAL A 840 -17.73 45.13 35.81
CA VAL A 840 -17.64 44.05 36.83
C VAL A 840 -16.35 43.94 37.69
N LEU B 3 18.64 -26.15 -45.24
CA LEU B 3 17.51 -25.49 -44.46
C LEU B 3 16.22 -26.33 -44.44
N ALA B 4 15.59 -26.43 -43.26
CA ALA B 4 14.33 -27.11 -43.10
C ALA B 4 13.31 -26.64 -44.13
N PHE B 5 12.48 -27.56 -44.59
CA PHE B 5 11.59 -27.34 -45.69
C PHE B 5 10.20 -27.82 -45.29
N SER B 6 9.16 -27.14 -45.78
CA SER B 6 7.81 -27.45 -45.36
C SER B 6 6.98 -27.93 -46.57
N PRO B 7 6.73 -29.24 -46.66
CA PRO B 7 6.14 -29.82 -47.86
C PRO B 7 4.71 -29.32 -48.07
N PRO B 8 4.22 -29.32 -49.32
CA PRO B 8 2.87 -28.79 -49.63
C PRO B 8 1.82 -29.77 -49.18
N PHE B 9 0.64 -29.32 -48.76
CA PHE B 9 -0.56 -30.16 -48.72
C PHE B 9 -1.77 -29.40 -49.23
N TYR B 10 -2.30 -29.87 -50.35
CA TYR B 10 -3.41 -29.21 -51.06
C TYR B 10 -4.35 -30.25 -51.62
N PRO B 11 -5.64 -29.89 -51.81
CA PRO B 11 -6.25 -28.59 -51.62
C PRO B 11 -6.62 -28.40 -50.17
N SER B 12 -6.99 -27.18 -49.86
CA SER B 12 -7.36 -26.80 -48.52
C SER B 12 -8.70 -27.40 -48.18
N PRO B 13 -8.75 -28.31 -47.20
CA PRO B 13 -9.99 -29.04 -46.95
C PRO B 13 -11.19 -28.15 -46.70
N TRP B 14 -12.33 -28.45 -47.33
CA TRP B 14 -13.60 -27.73 -47.02
C TRP B 14 -14.45 -28.35 -45.87
N ALA B 15 -15.11 -27.51 -45.09
CA ALA B 15 -16.03 -27.97 -44.05
C ALA B 15 -17.07 -28.91 -44.59
N ASN B 16 -17.57 -29.78 -43.71
CA ASN B 16 -18.59 -30.76 -44.06
C ASN B 16 -19.69 -31.06 -43.03
N GLY B 17 -19.95 -30.16 -42.06
CA GLY B 17 -20.96 -30.43 -41.03
C GLY B 17 -20.68 -31.62 -40.10
N GLN B 18 -19.40 -31.90 -39.90
CA GLN B 18 -18.91 -33.02 -39.09
C GLN B 18 -19.49 -32.95 -37.69
N GLY B 19 -19.75 -34.12 -37.09
CA GLY B 19 -20.03 -34.23 -35.63
C GLY B 19 -20.97 -33.17 -35.04
N GLU B 20 -20.52 -32.44 -34.02
CA GLU B 20 -21.34 -31.41 -33.40
C GLU B 20 -21.56 -30.14 -34.28
N TRP B 21 -20.97 -30.09 -35.47
CA TRP B 21 -21.07 -28.91 -36.35
C TRP B 21 -22.24 -28.93 -37.34
N ALA B 22 -22.93 -30.07 -37.42
CA ALA B 22 -23.95 -30.28 -38.48
C ALA B 22 -25.01 -29.17 -38.58
N GLU B 23 -25.59 -28.75 -37.46
CA GLU B 23 -26.56 -27.67 -37.44
C GLU B 23 -25.99 -26.29 -37.87
N ALA B 24 -24.89 -25.91 -37.24
CA ALA B 24 -24.25 -24.64 -37.51
C ALA B 24 -23.81 -24.59 -39.01
N TYR B 25 -23.26 -25.69 -39.50
CA TYR B 25 -22.86 -25.76 -40.88
C TYR B 25 -24.06 -25.53 -41.78
N GLN B 26 -25.13 -26.30 -41.60
CA GLN B 26 -26.34 -26.04 -42.40
C GLN B 26 -26.82 -24.57 -42.41
N ARG B 27 -26.83 -23.93 -41.24
CA ARG B 27 -27.26 -22.55 -41.16
C ARG B 27 -26.29 -21.64 -41.86
N ALA B 28 -24.99 -21.90 -41.73
CA ALA B 28 -23.94 -21.15 -42.42
C ALA B 28 -24.03 -21.23 -43.96
N VAL B 29 -24.21 -22.47 -44.47
CA VAL B 29 -24.47 -22.72 -45.88
C VAL B 29 -25.73 -21.96 -46.32
N ALA B 30 -26.77 -21.93 -45.49
CA ALA B 30 -28.00 -21.29 -45.94
C ALA B 30 -27.78 -19.80 -46.14
N ILE B 31 -27.03 -19.17 -45.23
CA ILE B 31 -26.87 -17.72 -45.28
C ILE B 31 -25.77 -17.29 -46.30
N VAL B 32 -24.68 -18.10 -46.40
CA VAL B 32 -23.59 -17.76 -47.31
C VAL B 32 -24.13 -17.87 -48.76
N SER B 33 -25.08 -18.78 -48.97
CA SER B 33 -25.71 -18.95 -50.29
C SER B 33 -26.39 -17.69 -50.80
N GLN B 34 -26.79 -16.81 -49.89
CA GLN B 34 -27.45 -15.55 -50.25
C GLN B 34 -26.47 -14.42 -50.41
N MET B 35 -25.18 -14.70 -50.23
CA MET B 35 -24.18 -13.60 -50.24
C MET B 35 -23.55 -13.31 -51.60
N THR B 36 -23.34 -12.04 -51.88
CA THR B 36 -22.48 -11.64 -52.99
C THR B 36 -20.97 -11.81 -52.58
N LEU B 37 -20.11 -11.83 -53.60
CA LEU B 37 -18.69 -12.08 -53.41
C LEU B 37 -18.10 -11.08 -52.43
N ASP B 38 -18.39 -9.81 -52.67
CA ASP B 38 -17.92 -8.75 -51.74
C ASP B 38 -18.44 -8.90 -50.31
N GLU B 39 -19.64 -9.51 -50.14
CA GLU B 39 -20.11 -9.74 -48.76
C GLU B 39 -19.30 -10.85 -48.12
N LYS B 40 -19.04 -11.91 -48.89
CA LYS B 40 -18.20 -12.97 -48.41
C LYS B 40 -16.82 -12.40 -47.97
N VAL B 41 -16.20 -11.62 -48.83
CA VAL B 41 -14.83 -11.09 -48.58
C VAL B 41 -14.78 -10.24 -47.31
N ASN B 42 -15.80 -9.42 -47.11
CA ASN B 42 -16.00 -8.70 -45.84
C ASN B 42 -15.89 -9.55 -44.59
N LEU B 43 -16.47 -10.76 -44.62
CA LEU B 43 -16.32 -11.70 -43.52
C LEU B 43 -14.88 -12.13 -43.26
N THR B 44 -14.06 -12.16 -44.31
CA THR B 44 -12.72 -12.73 -44.19
C THR B 44 -11.67 -11.69 -43.79
N THR B 45 -11.98 -10.40 -43.89
CA THR B 45 -10.98 -9.34 -43.74
C THR B 45 -11.31 -8.24 -42.71
N GLY B 46 -10.41 -8.00 -41.76
CA GLY B 46 -10.56 -6.89 -40.80
C GLY B 46 -10.65 -5.55 -41.50
N THR B 47 -11.20 -4.53 -40.83
CA THR B 47 -11.39 -3.28 -41.55
C THR B 47 -10.20 -2.32 -41.40
N GLY B 48 -9.15 -2.76 -40.72
CA GLY B 48 -7.94 -1.96 -40.63
C GLY B 48 -7.61 -1.64 -39.19
N TRP B 49 -6.33 -1.43 -38.91
CA TRP B 49 -5.91 -1.27 -37.53
C TRP B 49 -6.50 -0.01 -36.83
N GLU B 50 -7.24 -0.21 -35.76
CA GLU B 50 -7.82 0.90 -34.96
C GLU B 50 -8.84 1.68 -35.76
N LEU B 51 -9.38 1.07 -36.79
CA LEU B 51 -10.49 1.68 -37.54
C LEU B 51 -11.88 1.62 -36.88
N GLU B 52 -12.13 0.57 -36.10
CA GLU B 52 -13.45 0.40 -35.45
C GLU B 52 -13.33 0.33 -33.92
N LYS B 53 -14.08 -0.54 -33.23
CA LYS B 53 -13.92 -0.62 -31.77
C LYS B 53 -12.93 -1.70 -31.29
N CYS B 54 -12.94 -2.87 -31.91
CA CYS B 54 -12.19 -3.95 -31.29
C CYS B 54 -10.80 -4.09 -31.86
N VAL B 55 -9.96 -4.81 -31.10
CA VAL B 55 -8.61 -5.14 -31.49
C VAL B 55 -8.61 -5.68 -32.92
N GLY B 56 -9.57 -6.53 -33.23
CA GLY B 56 -9.76 -7.02 -34.61
C GLY B 56 -11.23 -6.84 -34.87
N GLN B 57 -11.60 -6.45 -36.09
CA GLN B 57 -13.00 -6.21 -36.42
C GLN B 57 -13.19 -6.31 -37.94
N THR B 58 -14.20 -7.07 -38.34
CA THR B 58 -14.68 -7.20 -39.75
C THR B 58 -15.88 -6.31 -39.95
N GLY B 59 -16.25 -6.11 -41.20
CA GLY B 59 -17.27 -5.11 -41.56
C GLY B 59 -18.63 -5.73 -41.55
N GLY B 60 -18.66 -7.05 -41.43
CA GLY B 60 -19.92 -7.79 -41.45
C GLY B 60 -20.66 -7.74 -42.77
N VAL B 61 -21.96 -8.05 -42.75
CA VAL B 61 -22.79 -8.10 -43.97
C VAL B 61 -24.09 -7.40 -43.62
N PRO B 62 -24.11 -6.06 -43.73
CA PRO B 62 -25.33 -5.30 -43.27
C PRO B 62 -26.62 -5.70 -44.00
N ARG B 63 -26.54 -6.02 -45.31
CA ARG B 63 -27.74 -6.31 -46.12
C ARG B 63 -28.40 -7.56 -45.59
N LEU B 64 -27.60 -8.39 -44.93
CA LEU B 64 -28.14 -9.63 -44.35
C LEU B 64 -28.24 -9.60 -42.82
N ASN B 65 -28.26 -8.40 -42.25
CA ASN B 65 -28.32 -8.21 -40.78
C ASN B 65 -27.21 -8.94 -39.95
N ILE B 66 -26.00 -9.08 -40.50
CA ILE B 66 -24.88 -9.69 -39.78
C ILE B 66 -23.94 -8.56 -39.43
N GLY B 67 -23.85 -8.27 -38.13
CA GLY B 67 -23.02 -7.16 -37.66
C GLY B 67 -21.55 -7.58 -37.84
N GLY B 68 -20.68 -6.57 -37.97
CA GLY B 68 -19.22 -6.82 -37.99
C GLY B 68 -18.75 -7.62 -36.78
N MET B 69 -17.82 -8.53 -37.03
CA MET B 69 -17.34 -9.38 -35.95
C MET B 69 -16.25 -8.73 -35.17
N CYS B 70 -16.48 -8.65 -33.86
CA CYS B 70 -15.58 -7.98 -32.93
C CYS B 70 -14.70 -9.03 -32.21
N LEU B 71 -13.39 -8.91 -32.36
CA LEU B 71 -12.42 -9.85 -31.81
C LEU B 71 -11.59 -9.09 -30.77
N GLN B 72 -11.46 -9.59 -29.55
CA GLN B 72 -10.79 -8.86 -28.51
C GLN B 72 -9.96 -9.78 -27.66
N ASP B 73 -8.75 -9.33 -27.28
CA ASP B 73 -7.96 -10.01 -26.23
C ASP B 73 -8.78 -9.97 -24.93
N SER B 74 -8.45 -10.75 -23.89
CA SER B 74 -7.23 -11.53 -23.78
C SER B 74 -7.63 -12.87 -23.20
N PRO B 75 -6.69 -13.83 -23.17
CA PRO B 75 -7.03 -15.13 -22.61
C PRO B 75 -7.42 -15.10 -21.15
N LEU B 76 -7.21 -13.95 -20.47
CA LEU B 76 -7.55 -13.85 -19.03
C LEU B 76 -8.48 -12.69 -18.64
N GLY B 77 -9.21 -12.16 -19.62
CA GLY B 77 -10.09 -11.03 -19.39
C GLY B 77 -10.04 -10.06 -20.56
N ILE B 78 -11.10 -9.29 -20.71
CA ILE B 78 -11.19 -8.27 -21.73
C ILE B 78 -10.03 -7.26 -21.66
N ARG B 79 -9.26 -7.17 -22.75
CA ARG B 79 -8.26 -6.11 -22.93
C ARG B 79 -8.86 -4.76 -23.31
N ASP B 80 -8.17 -3.70 -22.90
CA ASP B 80 -8.42 -2.36 -23.46
C ASP B 80 -9.84 -1.88 -23.24
N SER B 81 -10.45 -2.23 -22.11
CA SER B 81 -11.86 -1.89 -21.87
C SER B 81 -12.06 -1.29 -20.47
N ASP B 82 -13.32 -1.18 -20.03
CA ASP B 82 -13.53 -0.74 -18.68
C ASP B 82 -14.53 -1.58 -17.96
N TYR B 83 -14.47 -1.54 -16.64
CA TYR B 83 -15.45 -2.23 -15.83
C TYR B 83 -15.51 -3.73 -16.10
N ASN B 84 -14.34 -4.33 -16.31
CA ASN B 84 -14.30 -5.77 -16.55
C ASN B 84 -13.50 -6.42 -15.43
N SER B 85 -13.43 -7.74 -15.42
CA SER B 85 -12.59 -8.42 -14.45
C SER B 85 -11.22 -8.80 -14.99
N ALA B 86 -10.30 -9.03 -14.05
CA ALA B 86 -8.96 -9.49 -14.33
C ALA B 86 -8.79 -10.87 -13.71
N PHE B 87 -8.81 -11.92 -14.53
CA PHE B 87 -8.73 -13.31 -14.04
C PHE B 87 -7.25 -13.73 -13.87
N PRO B 88 -6.99 -14.80 -13.10
CA PRO B 88 -5.65 -15.34 -13.08
C PRO B 88 -5.21 -15.86 -14.46
N ALA B 89 -3.92 -15.94 -14.67
CA ALA B 89 -3.35 -16.45 -15.92
C ALA B 89 -3.64 -17.96 -16.16
N GLY B 90 -3.48 -18.35 -17.42
CA GLY B 90 -3.51 -19.74 -17.80
C GLY B 90 -2.65 -20.60 -16.89
N VAL B 91 -1.44 -20.17 -16.57
CA VAL B 91 -0.52 -21.02 -15.81
C VAL B 91 -1.16 -21.32 -14.42
N ASN B 92 -1.90 -20.37 -13.83
CA ASN B 92 -2.65 -20.69 -12.60
C ASN B 92 -3.72 -21.75 -12.81
N VAL B 93 -4.53 -21.61 -13.89
CA VAL B 93 -5.51 -22.64 -14.21
C VAL B 93 -4.79 -23.99 -14.22
N ALA B 94 -3.65 -24.09 -14.89
CA ALA B 94 -2.84 -25.31 -14.92
C ALA B 94 -2.48 -25.81 -13.50
N ALA B 95 -2.05 -24.88 -12.64
CA ALA B 95 -1.60 -25.19 -11.29
C ALA B 95 -2.70 -25.74 -10.42
N THR B 96 -3.98 -25.46 -10.79
CA THR B 96 -5.12 -25.99 -10.05
C THR B 96 -5.42 -27.43 -10.38
N TRP B 97 -5.00 -27.92 -11.57
CA TRP B 97 -5.35 -29.30 -12.02
C TRP B 97 -6.87 -29.60 -11.93
N ASP B 98 -7.68 -28.55 -12.14
CA ASP B 98 -9.10 -28.62 -11.88
C ASP B 98 -9.92 -28.28 -13.13
N LYS B 99 -10.40 -29.33 -13.78
CA LYS B 99 -11.21 -29.23 -14.98
C LYS B 99 -12.40 -28.30 -14.79
N ASN B 100 -13.05 -28.40 -13.64
CA ASN B 100 -14.25 -27.65 -13.41
C ASN B 100 -13.94 -26.14 -13.24
N LEU B 101 -12.84 -25.85 -12.56
CA LEU B 101 -12.47 -24.47 -12.36
C LEU B 101 -12.09 -23.82 -13.73
N ALA B 102 -11.36 -24.54 -14.59
CA ALA B 102 -11.00 -24.05 -15.91
C ALA B 102 -12.29 -23.67 -16.66
N TYR B 103 -13.27 -24.55 -16.58
CA TYR B 103 -14.57 -24.33 -17.23
C TYR B 103 -15.27 -23.06 -16.69
N LEU B 104 -15.42 -23.00 -15.38
CA LEU B 104 -16.04 -21.85 -14.70
C LEU B 104 -15.34 -20.53 -15.00
N ARG B 105 -14.03 -20.59 -15.17
CA ARG B 105 -13.31 -19.39 -15.52
C ARG B 105 -13.67 -18.99 -16.97
N GLY B 106 -13.65 -19.97 -17.91
CA GLY B 106 -14.10 -19.74 -19.30
C GLY B 106 -15.47 -19.05 -19.37
N GLN B 107 -16.43 -19.58 -18.61
CA GLN B 107 -17.80 -19.09 -18.53
C GLN B 107 -17.88 -17.66 -18.04
N ALA B 108 -17.23 -17.45 -16.91
CA ALA B 108 -17.18 -16.13 -16.35
C ALA B 108 -16.61 -15.12 -17.38
N MET B 109 -15.53 -15.48 -18.10
CA MET B 109 -14.96 -14.57 -19.13
C MET B 109 -15.98 -14.35 -20.30
N GLY B 110 -16.51 -15.45 -20.84
CA GLY B 110 -17.48 -15.41 -21.93
C GLY B 110 -18.59 -14.45 -21.63
N GLN B 111 -19.16 -14.56 -20.40
CA GLN B 111 -20.22 -13.65 -19.95
C GLN B 111 -19.77 -12.22 -20.08
N GLU B 112 -18.60 -11.90 -19.55
CA GLU B 112 -18.05 -10.54 -19.66
C GLU B 112 -17.88 -10.04 -21.10
N PHE B 113 -17.17 -10.84 -21.93
CA PHE B 113 -16.94 -10.53 -23.32
C PHE B 113 -18.33 -10.35 -23.99
N SER B 114 -19.22 -11.33 -23.81
CA SER B 114 -20.53 -11.21 -24.40
C SER B 114 -21.19 -9.85 -24.11
N ASP B 115 -21.11 -9.38 -22.84
CA ASP B 115 -21.84 -8.15 -22.44
C ASP B 115 -21.22 -6.86 -22.95
N LYS B 116 -19.98 -6.94 -23.43
CA LYS B 116 -19.32 -5.83 -24.10
C LYS B 116 -19.67 -5.79 -25.59
N GLY B 117 -20.40 -6.77 -26.10
CA GLY B 117 -20.61 -6.87 -27.56
C GLY B 117 -19.39 -7.41 -28.25
N ILE B 118 -18.69 -8.31 -27.57
CA ILE B 118 -17.55 -8.98 -28.19
C ILE B 118 -18.00 -10.35 -28.75
N ASP B 119 -17.73 -10.60 -30.02
CA ASP B 119 -18.13 -11.86 -30.66
C ASP B 119 -17.15 -13.02 -30.53
N VAL B 120 -15.86 -12.70 -30.38
CA VAL B 120 -14.75 -13.67 -30.45
C VAL B 120 -13.67 -13.26 -29.44
N GLN B 121 -13.38 -14.15 -28.49
CA GLN B 121 -12.35 -13.92 -27.52
C GLN B 121 -11.01 -14.41 -28.08
N LEU B 122 -9.97 -13.62 -27.94
CA LEU B 122 -8.71 -14.08 -28.48
C LEU B 122 -7.93 -14.93 -27.48
N GLY B 123 -8.47 -16.12 -27.17
CA GLY B 123 -7.86 -17.03 -26.27
C GLY B 123 -8.87 -18.16 -26.14
N PRO B 124 -8.51 -19.26 -25.42
CA PRO B 124 -7.29 -19.36 -24.59
C PRO B 124 -6.04 -19.73 -25.43
N ALA B 125 -4.91 -19.91 -24.74
CA ALA B 125 -3.62 -20.21 -25.36
C ALA B 125 -3.10 -21.61 -25.00
N ALA B 126 -2.61 -22.38 -25.96
CA ALA B 126 -1.82 -23.57 -25.57
C ALA B 126 -0.61 -23.62 -26.44
N GLY B 127 -0.36 -22.51 -27.12
CA GLY B 127 0.88 -22.34 -27.86
C GLY B 127 1.29 -20.91 -27.64
N PRO B 128 2.47 -20.66 -27.04
CA PRO B 128 3.52 -21.62 -26.59
C PRO B 128 3.01 -22.75 -25.71
N LEU B 129 3.47 -23.99 -25.97
CA LEU B 129 3.33 -25.06 -24.97
C LEU B 129 4.21 -24.74 -23.76
N GLY B 130 5.48 -24.41 -24.00
CA GLY B 130 6.42 -24.22 -22.92
C GLY B 130 7.75 -24.93 -23.13
N ARG B 131 8.25 -24.93 -24.37
CA ARG B 131 9.50 -25.60 -24.73
C ARG B 131 10.67 -25.16 -23.82
N SER B 132 10.71 -23.86 -23.47
CA SER B 132 11.78 -23.26 -22.71
C SER B 132 11.21 -22.55 -21.41
N PRO B 133 11.85 -22.74 -20.25
CA PRO B 133 11.25 -22.16 -19.02
C PRO B 133 11.31 -20.63 -19.04
N ASP B 134 12.10 -20.08 -19.95
CA ASP B 134 12.31 -18.65 -20.01
C ASP B 134 11.55 -18.04 -21.20
N GLY B 135 10.77 -18.86 -21.90
CA GLY B 135 9.86 -18.33 -22.94
C GLY B 135 8.91 -17.28 -22.38
N GLY B 136 8.68 -16.20 -23.13
CA GLY B 136 8.01 -15.01 -22.60
C GLY B 136 6.50 -15.09 -22.44
N ARG B 137 5.86 -16.03 -23.14
CA ARG B 137 4.44 -16.14 -23.02
C ARG B 137 3.99 -17.48 -22.47
N ASN B 138 4.90 -18.29 -21.91
CA ASN B 138 4.40 -19.57 -21.36
C ASN B 138 3.20 -19.38 -20.41
N TRP B 139 3.25 -18.41 -19.49
CA TRP B 139 2.22 -18.10 -18.46
C TRP B 139 0.83 -17.88 -19.02
N GLU B 140 0.80 -17.46 -20.26
CA GLU B 140 -0.42 -17.25 -20.98
C GLU B 140 -1.16 -18.56 -21.23
N GLY B 141 -0.40 -19.66 -21.42
CA GLY B 141 -0.94 -20.97 -21.75
C GLY B 141 -1.18 -21.77 -20.49
N PHE B 142 -0.76 -23.02 -20.46
CA PHE B 142 -1.05 -23.87 -19.32
C PHE B 142 0.26 -24.46 -18.76
N SER B 143 0.70 -25.58 -19.33
CA SER B 143 1.76 -26.43 -18.79
C SER B 143 2.61 -26.93 -19.99
N PRO B 144 3.92 -27.27 -19.79
CA PRO B 144 4.68 -27.89 -20.90
C PRO B 144 4.31 -29.35 -21.12
N ASP B 145 3.39 -29.89 -20.32
CA ASP B 145 2.82 -31.22 -20.54
C ASP B 145 1.56 -31.17 -21.46
N PRO B 146 1.57 -31.90 -22.61
CA PRO B 146 0.43 -31.81 -23.54
C PRO B 146 -0.91 -32.32 -22.93
N ALA B 147 -0.89 -33.41 -22.16
CA ALA B 147 -2.13 -33.92 -21.60
C ALA B 147 -2.80 -32.97 -20.62
N LEU B 148 -2.07 -32.47 -19.62
CA LEU B 148 -2.60 -31.44 -18.68
C LEU B 148 -3.17 -30.25 -19.47
N THR B 149 -2.34 -29.71 -20.38
CA THR B 149 -2.66 -28.50 -21.11
C THR B 149 -3.89 -28.74 -21.98
N GLY B 150 -3.93 -29.90 -22.67
CA GLY B 150 -5.01 -30.19 -23.62
C GLY B 150 -6.37 -30.18 -22.90
N VAL B 151 -6.44 -30.85 -21.75
CA VAL B 151 -7.69 -30.96 -20.98
C VAL B 151 -8.20 -29.61 -20.48
N LEU B 152 -7.32 -28.83 -19.91
CA LEU B 152 -7.72 -27.56 -19.31
C LEU B 152 -8.03 -26.49 -20.41
N PHE B 153 -7.28 -26.53 -21.51
CA PHE B 153 -7.51 -25.74 -22.76
C PHE B 153 -8.91 -26.02 -23.27
N ALA B 154 -9.24 -27.32 -23.40
CA ALA B 154 -10.56 -27.71 -23.90
C ALA B 154 -11.65 -27.16 -22.94
N GLU B 155 -11.45 -27.35 -21.63
CA GLU B 155 -12.42 -26.92 -20.64
C GLU B 155 -12.64 -25.43 -20.69
N THR B 156 -11.56 -24.66 -20.82
CA THR B 156 -11.69 -23.21 -20.98
C THR B 156 -12.55 -22.84 -22.20
N ILE B 157 -12.25 -23.48 -23.33
CA ILE B 157 -12.98 -23.28 -24.55
C ILE B 157 -14.48 -23.51 -24.37
N LYS B 158 -14.83 -24.64 -23.76
CA LYS B 158 -16.23 -25.00 -23.51
C LYS B 158 -16.93 -23.94 -22.65
N GLY B 159 -16.26 -23.47 -21.59
CA GLY B 159 -16.74 -22.36 -20.75
C GLY B 159 -17.03 -21.10 -21.54
N ILE B 160 -16.05 -20.63 -22.29
CA ILE B 160 -16.25 -19.44 -23.09
C ILE B 160 -17.45 -19.65 -24.05
N GLN B 161 -17.45 -20.78 -24.79
CA GLN B 161 -18.45 -21.02 -25.85
C GLN B 161 -19.88 -21.35 -25.34
N ASP B 162 -20.02 -22.03 -24.19
CA ASP B 162 -21.35 -22.20 -23.64
C ASP B 162 -21.92 -20.86 -23.21
N ALA B 163 -21.05 -19.91 -22.83
CA ALA B 163 -21.47 -18.52 -22.58
C ALA B 163 -21.73 -17.66 -23.86
N GLY B 164 -21.61 -18.25 -25.06
CA GLY B 164 -22.00 -17.55 -26.31
C GLY B 164 -20.99 -16.63 -26.99
N VAL B 165 -19.70 -16.82 -26.69
CA VAL B 165 -18.63 -16.13 -27.37
C VAL B 165 -17.75 -17.13 -28.10
N VAL B 166 -17.31 -16.82 -29.33
CA VAL B 166 -16.37 -17.71 -30.05
C VAL B 166 -14.97 -17.70 -29.39
N ALA B 167 -14.44 -18.87 -29.05
CA ALA B 167 -13.11 -18.91 -28.47
C ALA B 167 -12.13 -19.15 -29.63
N THR B 168 -10.89 -18.67 -29.42
CA THR B 168 -9.85 -18.74 -30.43
C THR B 168 -8.67 -19.45 -29.80
N ALA B 169 -8.43 -20.67 -30.26
CA ALA B 169 -7.28 -21.42 -29.79
C ALA B 169 -6.02 -20.88 -30.45
N LYS B 170 -5.09 -20.45 -29.65
CA LYS B 170 -3.87 -19.82 -30.22
C LYS B 170 -2.65 -20.21 -29.42
N HIS B 171 -1.44 -19.93 -29.92
CA HIS B 171 -1.11 -19.60 -31.33
C HIS B 171 -0.68 -20.85 -32.06
N TYR B 172 -1.31 -21.11 -33.19
CA TYR B 172 -1.04 -22.33 -33.94
C TYR B 172 0.03 -22.03 -35.04
N ILE B 173 1.30 -22.42 -34.85
CA ILE B 173 1.74 -23.43 -33.89
C ILE B 173 3.27 -23.20 -33.76
N LEU B 174 3.86 -23.58 -32.62
CA LEU B 174 5.33 -23.51 -32.41
C LEU B 174 5.88 -22.13 -32.16
N ASN B 175 5.06 -21.21 -31.69
CA ASN B 175 5.55 -19.89 -31.36
C ASN B 175 6.13 -19.99 -29.96
N GLU B 176 7.26 -20.68 -29.84
CA GLU B 176 7.77 -21.06 -28.55
C GLU B 176 8.72 -20.05 -27.89
N GLN B 177 9.06 -18.98 -28.60
CA GLN B 177 9.84 -17.91 -27.99
C GLN B 177 9.46 -16.58 -28.63
N GLU B 178 9.70 -15.49 -27.93
CA GLU B 178 9.41 -14.15 -28.42
C GLU B 178 10.53 -13.60 -29.32
N HIS B 179 11.78 -13.91 -29.00
CA HIS B 179 12.95 -13.42 -29.77
C HIS B 179 12.77 -13.76 -31.24
N PHE B 180 12.82 -12.76 -32.10
CA PHE B 180 12.80 -12.95 -33.55
C PHE B 180 11.42 -13.34 -34.14
N ARG B 181 10.37 -13.28 -33.32
CA ARG B 181 9.03 -13.66 -33.79
C ARG B 181 8.51 -12.71 -34.87
N GLN B 182 9.06 -11.48 -34.95
CA GLN B 182 8.66 -10.52 -35.97
C GLN B 182 9.86 -9.71 -36.45
N VAL B 183 9.89 -9.45 -37.77
CA VAL B 183 10.95 -8.63 -38.40
C VAL B 183 11.08 -7.21 -37.81
N ALA B 184 9.95 -6.49 -37.73
CA ALA B 184 10.01 -5.09 -37.20
C ALA B 184 10.44 -5.02 -35.73
N GLU B 185 10.00 -5.97 -34.91
CA GLU B 185 10.41 -6.03 -33.49
C GLU B 185 11.90 -6.38 -33.32
N ALA B 186 12.33 -7.38 -34.07
CA ALA B 186 13.73 -7.74 -34.07
C ALA B 186 14.55 -6.51 -34.45
N ALA B 187 14.10 -5.74 -35.45
CA ALA B 187 14.87 -4.49 -35.79
C ALA B 187 14.94 -3.46 -34.67
N GLY B 188 13.82 -3.17 -33.98
CA GLY B 188 13.81 -2.22 -32.86
C GLY B 188 14.78 -2.77 -31.80
N TYR B 189 15.01 -4.09 -31.76
CA TYR B 189 16.03 -4.60 -30.80
C TYR B 189 17.44 -4.71 -31.36
N GLY B 190 17.68 -4.24 -32.59
CA GLY B 190 19.02 -4.20 -33.16
C GLY B 190 19.44 -5.43 -33.98
N PHE B 191 18.48 -6.27 -34.35
CA PHE B 191 18.80 -7.39 -35.21
C PHE B 191 18.10 -7.25 -36.57
N ASN B 192 18.87 -7.58 -37.59
CA ASN B 192 18.42 -7.51 -38.97
C ASN B 192 18.14 -8.89 -39.52
N ILE B 193 16.87 -9.16 -39.78
CA ILE B 193 16.46 -10.44 -40.30
C ILE B 193 15.43 -10.17 -41.39
N SER B 194 15.37 -11.07 -42.38
CA SER B 194 14.51 -10.88 -43.56
C SER B 194 13.18 -11.55 -43.35
N ASP B 195 13.16 -12.58 -42.51
CA ASP B 195 11.92 -13.27 -42.18
C ASP B 195 11.96 -13.75 -40.73
N THR B 196 10.83 -14.17 -40.20
CA THR B 196 10.83 -14.43 -38.76
C THR B 196 11.41 -15.79 -38.46
N ILE B 197 11.63 -16.03 -37.18
CA ILE B 197 12.19 -17.25 -36.65
C ILE B 197 11.46 -18.46 -37.14
N SER B 198 12.22 -19.47 -37.56
CA SER B 198 11.62 -20.70 -38.09
C SER B 198 11.77 -21.82 -37.08
N SER B 199 10.64 -22.28 -36.59
CA SER B 199 10.63 -23.40 -35.66
C SER B 199 10.76 -24.69 -36.48
N ASN B 200 11.83 -25.45 -36.29
CA ASN B 200 11.98 -26.66 -37.14
C ASN B 200 11.80 -27.92 -36.28
N VAL B 201 10.71 -28.65 -36.51
CA VAL B 201 10.27 -29.79 -35.67
C VAL B 201 9.96 -31.05 -36.53
N ASP B 202 10.38 -32.21 -36.02
CA ASP B 202 10.12 -33.48 -36.72
C ASP B 202 8.60 -33.86 -36.56
N ASP B 203 8.09 -34.78 -37.38
CA ASP B 203 6.65 -35.02 -37.47
C ASP B 203 6.11 -35.72 -36.22
N LYS B 204 6.92 -36.59 -35.63
CA LYS B 204 6.57 -37.27 -34.39
C LYS B 204 6.40 -36.28 -33.23
N THR B 205 7.40 -35.43 -33.01
CA THR B 205 7.36 -34.49 -31.92
C THR B 205 6.14 -33.59 -32.03
N ILE B 206 5.79 -33.13 -33.23
CA ILE B 206 4.67 -32.21 -33.32
C ILE B 206 3.36 -32.92 -32.94
N HIS B 207 3.19 -34.17 -33.36
CA HIS B 207 1.97 -34.88 -33.01
C HIS B 207 1.83 -35.20 -31.50
N GLU B 208 2.95 -35.59 -30.87
CA GLU B 208 2.92 -36.04 -29.47
C GLU B 208 3.00 -34.89 -28.46
N MET B 209 3.54 -33.76 -28.88
CA MET B 209 3.61 -32.62 -27.96
C MET B 209 2.78 -31.46 -28.44
N TYR B 210 3.31 -30.68 -29.36
CA TYR B 210 2.70 -29.36 -29.70
C TYR B 210 1.29 -29.38 -30.35
N LEU B 211 1.00 -30.41 -31.15
CA LEU B 211 -0.29 -30.50 -31.82
C LEU B 211 -1.40 -30.99 -30.87
N TRP B 212 -1.03 -31.82 -29.89
CA TRP B 212 -1.99 -32.57 -29.07
C TRP B 212 -3.04 -31.66 -28.36
N PRO B 213 -2.60 -30.64 -27.63
CA PRO B 213 -3.71 -29.81 -27.11
C PRO B 213 -4.60 -29.15 -28.18
N PHE B 214 -4.09 -28.94 -29.40
CA PHE B 214 -4.94 -28.39 -30.47
C PHE B 214 -5.98 -29.41 -30.97
N ALA B 215 -5.65 -30.71 -30.85
CA ALA B 215 -6.59 -31.74 -31.16
C ALA B 215 -7.70 -31.72 -30.07
N ASP B 216 -7.28 -31.53 -28.82
CA ASP B 216 -8.28 -31.47 -27.74
C ASP B 216 -9.23 -30.29 -27.98
N ALA B 217 -8.67 -29.11 -28.32
CA ALA B 217 -9.45 -27.92 -28.64
C ALA B 217 -10.50 -28.16 -29.73
N VAL B 218 -10.02 -28.72 -30.85
CA VAL B 218 -10.85 -29.02 -32.01
C VAL B 218 -12.03 -29.94 -31.58
N ARG B 219 -11.69 -31.06 -30.91
CA ARG B 219 -12.68 -32.01 -30.45
C ARG B 219 -13.68 -31.34 -29.49
N ALA B 220 -13.20 -30.38 -28.70
CA ALA B 220 -14.07 -29.74 -27.67
C ALA B 220 -14.98 -28.75 -28.34
N GLY B 221 -14.75 -28.47 -29.64
CA GLY B 221 -15.61 -27.57 -30.41
C GLY B 221 -15.17 -26.15 -30.67
N VAL B 222 -13.88 -25.86 -30.48
CA VAL B 222 -13.41 -24.50 -30.62
C VAL B 222 -13.80 -23.97 -32.00
N GLY B 223 -14.19 -22.71 -32.04
CA GLY B 223 -14.70 -22.14 -33.28
C GLY B 223 -13.59 -21.50 -34.13
N ALA B 224 -12.49 -21.03 -33.51
CA ALA B 224 -11.47 -20.30 -34.23
C ALA B 224 -10.06 -20.77 -33.80
N ILE B 225 -9.11 -20.62 -34.71
CA ILE B 225 -7.71 -20.93 -34.41
C ILE B 225 -7.00 -19.69 -34.90
N MET B 226 -6.01 -19.21 -34.14
CA MET B 226 -5.16 -18.11 -34.61
C MET B 226 -3.80 -18.65 -34.98
N CYS B 227 -3.43 -18.49 -36.27
CA CYS B 227 -2.08 -18.96 -36.73
C CYS B 227 -1.00 -17.98 -36.35
N SER B 228 0.24 -18.44 -36.31
CA SER B 228 1.26 -17.77 -35.56
C SER B 228 2.24 -16.93 -36.43
N TYR B 229 3.05 -16.12 -35.77
CA TYR B 229 3.93 -15.16 -36.40
C TYR B 229 5.20 -15.84 -36.90
N ASN B 230 5.51 -17.00 -36.31
CA ASN B 230 6.71 -17.75 -36.67
C ASN B 230 6.55 -18.59 -37.94
N GLN B 231 7.69 -19.02 -38.48
CA GLN B 231 7.66 -20.03 -39.51
C GLN B 231 7.69 -21.44 -38.85
N ILE B 232 7.21 -22.42 -39.60
CA ILE B 232 7.52 -23.80 -39.29
C ILE B 232 8.25 -24.28 -40.53
N ASN B 233 9.46 -24.78 -40.35
CA ASN B 233 10.35 -25.18 -41.43
C ASN B 233 10.30 -24.18 -42.58
N ASN B 234 10.43 -22.89 -42.26
CA ASN B 234 10.62 -21.88 -43.27
C ASN B 234 9.44 -21.67 -44.21
N SER B 235 8.25 -21.97 -43.68
CA SER B 235 6.99 -21.48 -44.23
C SER B 235 6.16 -20.78 -43.10
N TYR B 236 5.80 -19.53 -43.30
CA TYR B 236 5.02 -18.77 -42.33
C TYR B 236 3.78 -19.49 -41.83
N GLY B 237 3.54 -19.34 -40.52
CA GLY B 237 2.43 -20.03 -39.83
C GLY B 237 1.07 -19.71 -40.43
N CYS B 238 0.89 -18.53 -40.99
CA CYS B 238 -0.39 -18.19 -41.60
C CYS B 238 -0.42 -18.43 -43.13
N GLN B 239 0.51 -19.23 -43.64
CA GLN B 239 0.40 -19.68 -45.00
C GLN B 239 1.17 -20.96 -45.11
N ASN B 240 1.08 -21.77 -44.05
CA ASN B 240 1.72 -23.10 -44.01
C ASN B 240 0.76 -24.18 -44.41
N SER B 241 0.87 -24.68 -45.64
CA SER B 241 -0.19 -25.63 -46.08
C SER B 241 -0.14 -26.88 -45.23
N TYR B 242 1.06 -27.23 -44.74
CA TYR B 242 1.22 -28.46 -43.92
C TYR B 242 0.50 -28.36 -42.56
N THR B 243 0.79 -27.32 -41.79
CA THR B 243 0.14 -27.24 -40.46
C THR B 243 -1.30 -26.94 -40.61
N LEU B 244 -1.64 -26.07 -41.60
CA LEU B 244 -3.04 -25.61 -41.71
C LEU B 244 -3.93 -26.57 -42.48
N ASN B 245 -3.54 -26.95 -43.70
CA ASN B 245 -4.37 -27.83 -44.53
C ASN B 245 -4.29 -29.32 -44.08
N LYS B 246 -3.09 -29.79 -43.76
CA LYS B 246 -2.95 -31.20 -43.48
C LYS B 246 -3.24 -31.49 -42.02
N LEU B 247 -2.44 -30.89 -41.12
CA LEU B 247 -2.58 -31.24 -39.70
C LEU B 247 -3.96 -30.75 -39.13
N LEU B 248 -4.27 -29.46 -39.28
CA LEU B 248 -5.39 -28.84 -38.59
C LEU B 248 -6.69 -29.19 -39.28
N LYS B 249 -6.71 -28.97 -40.60
CA LYS B 249 -7.95 -29.22 -41.33
C LYS B 249 -8.18 -30.68 -41.77
N ALA B 250 -7.18 -31.38 -42.33
CA ALA B 250 -7.38 -32.75 -42.86
C ALA B 250 -7.31 -33.77 -41.75
N GLU B 251 -6.22 -33.76 -40.97
CA GLU B 251 -6.08 -34.75 -39.90
C GLU B 251 -6.98 -34.48 -38.67
N LEU B 252 -6.95 -33.27 -38.11
CA LEU B 252 -7.75 -32.96 -36.95
C LEU B 252 -9.21 -32.63 -37.30
N GLY B 253 -9.53 -32.46 -38.61
CA GLY B 253 -10.93 -32.18 -38.98
C GLY B 253 -11.53 -30.86 -38.43
N PHE B 254 -10.68 -29.86 -38.25
CA PHE B 254 -11.17 -28.58 -37.71
C PHE B 254 -12.20 -28.10 -38.69
N GLN B 255 -13.37 -27.78 -38.17
CA GLN B 255 -14.48 -27.20 -38.95
C GLN B 255 -14.56 -25.66 -38.83
N GLY B 256 -13.80 -25.06 -37.91
CA GLY B 256 -13.91 -23.60 -37.69
C GLY B 256 -13.06 -22.81 -38.66
N PHE B 257 -12.78 -21.56 -38.28
CA PHE B 257 -11.97 -20.66 -39.10
C PHE B 257 -10.62 -20.31 -38.44
N VAL B 258 -9.61 -20.19 -39.28
CA VAL B 258 -8.28 -19.76 -38.92
C VAL B 258 -8.07 -18.30 -39.25
N MET B 259 -7.66 -17.53 -38.25
CA MET B 259 -7.34 -16.09 -38.43
C MET B 259 -5.85 -15.90 -38.26
N SER B 260 -5.34 -14.85 -38.89
CA SER B 260 -3.92 -14.54 -38.78
C SER B 260 -3.70 -13.85 -37.46
N ASP B 261 -2.50 -13.97 -36.91
CA ASP B 261 -2.09 -13.04 -35.87
C ASP B 261 -1.84 -11.64 -36.56
N TRP B 262 -1.69 -10.57 -35.77
CA TRP B 262 -1.75 -9.24 -36.29
C TRP B 262 -0.40 -8.87 -36.92
N GLY B 263 -0.33 -8.92 -38.25
CA GLY B 263 0.98 -8.78 -38.89
C GLY B 263 1.51 -10.11 -39.38
N ALA B 264 0.74 -11.17 -39.16
CA ALA B 264 1.17 -12.52 -39.56
C ALA B 264 0.67 -12.90 -40.94
N HIS B 265 -0.23 -12.12 -41.52
CA HIS B 265 -0.70 -12.41 -42.88
C HIS B 265 0.41 -11.95 -43.82
N HIS B 266 0.96 -12.85 -44.64
CA HIS B 266 2.05 -12.45 -45.55
C HIS B 266 1.77 -12.61 -47.06
N SER B 267 0.54 -12.89 -47.51
CA SER B 267 0.26 -12.95 -48.94
C SER B 267 -1.20 -13.10 -49.15
N GLY B 268 -1.66 -12.81 -50.36
CA GLY B 268 -3.10 -12.84 -50.57
C GLY B 268 -3.48 -14.24 -50.98
N VAL B 269 -3.05 -14.59 -52.19
CA VAL B 269 -3.36 -15.86 -52.82
C VAL B 269 -2.72 -17.01 -52.04
N GLY B 270 -1.43 -16.88 -51.73
CA GLY B 270 -0.74 -18.02 -51.11
C GLY B 270 -1.41 -18.47 -49.81
N SER B 271 -1.74 -17.51 -48.93
CA SER B 271 -2.43 -17.83 -47.69
C SER B 271 -3.81 -18.43 -47.89
N ALA B 272 -4.60 -17.85 -48.80
CA ALA B 272 -5.96 -18.35 -49.04
C ALA B 272 -5.87 -19.82 -49.38
N LEU B 273 -4.94 -20.17 -50.27
CA LEU B 273 -4.88 -21.52 -50.77
C LEU B 273 -4.22 -22.42 -49.69
N ALA B 274 -3.38 -21.84 -48.80
CA ALA B 274 -2.69 -22.62 -47.73
C ALA B 274 -3.52 -22.89 -46.47
N GLY B 275 -4.77 -22.40 -46.47
CA GLY B 275 -5.74 -22.71 -45.41
C GLY B 275 -6.20 -21.52 -44.54
N LEU B 276 -5.74 -20.29 -44.77
CA LEU B 276 -6.14 -19.17 -43.91
C LEU B 276 -7.58 -18.77 -44.23
N ASP B 277 -8.32 -18.30 -43.22
CA ASP B 277 -9.75 -17.93 -43.43
C ASP B 277 -10.05 -16.46 -43.08
N MET B 278 -9.26 -15.89 -42.17
CA MET B 278 -9.49 -14.52 -41.75
C MET B 278 -8.18 -13.73 -41.58
N SER B 279 -8.12 -12.53 -42.18
CA SER B 279 -6.98 -11.64 -42.08
C SER B 279 -7.20 -10.62 -40.95
N MET B 280 -6.33 -10.62 -39.94
CA MET B 280 -6.35 -9.54 -38.93
C MET B 280 -5.05 -8.77 -38.82
N PRO B 281 -5.15 -7.42 -38.66
CA PRO B 281 -6.36 -6.59 -38.47
C PRO B 281 -7.03 -6.16 -39.78
N GLY B 282 -6.46 -6.56 -40.93
CA GLY B 282 -7.15 -6.43 -42.22
C GLY B 282 -6.22 -5.80 -43.25
N ASP B 283 -5.25 -5.02 -42.76
CA ASP B 283 -4.24 -4.38 -43.55
C ASP B 283 -2.93 -5.17 -43.61
N ILE B 284 -2.06 -4.75 -44.54
CA ILE B 284 -0.74 -5.36 -44.73
C ILE B 284 0.17 -4.95 -43.61
N THR B 285 0.34 -3.65 -43.41
CA THR B 285 0.84 -3.13 -42.10
C THR B 285 -0.20 -2.20 -41.43
N PHE B 286 -0.04 -1.94 -40.14
CA PHE B 286 -1.03 -1.11 -39.38
C PHE B 286 -1.37 0.19 -40.13
N ASP B 287 -2.62 0.33 -40.57
CA ASP B 287 -3.05 1.54 -41.24
C ASP B 287 -2.29 1.86 -42.56
N SER B 288 -1.86 0.81 -43.24
CA SER B 288 -1.19 0.96 -44.52
C SER B 288 -2.20 1.35 -45.62
N ALA B 289 -3.49 1.24 -45.33
CA ALA B 289 -4.55 1.41 -46.32
C ALA B 289 -4.47 0.38 -47.46
N THR B 290 -3.68 -0.68 -47.26
CA THR B 290 -3.59 -1.80 -48.20
C THR B 290 -3.90 -3.09 -47.45
N SER B 291 -4.34 -4.10 -48.20
CA SER B 291 -4.69 -5.39 -47.64
C SER B 291 -4.23 -6.48 -48.61
N PHE B 292 -3.76 -7.62 -48.09
CA PHE B 292 -3.53 -8.81 -48.92
C PHE B 292 -4.82 -9.49 -49.42
N TRP B 293 -5.90 -9.27 -48.65
CA TRP B 293 -7.27 -9.67 -49.00
C TRP B 293 -8.12 -8.41 -49.30
N GLY B 294 -9.34 -8.25 -48.75
CA GLY B 294 -10.23 -7.13 -49.13
C GLY B 294 -10.30 -7.13 -50.63
N THR B 295 -10.12 -5.95 -51.23
CA THR B 295 -10.10 -5.79 -52.67
C THR B 295 -9.34 -6.87 -53.42
N ASN B 296 -8.13 -7.18 -52.95
CA ASN B 296 -7.28 -8.23 -53.49
C ASN B 296 -7.97 -9.57 -53.53
N LEU B 297 -8.73 -9.92 -52.48
CA LEU B 297 -9.33 -11.29 -52.50
C LEU B 297 -10.51 -11.32 -53.50
N THR B 298 -11.22 -10.19 -53.64
CA THR B 298 -12.29 -10.11 -54.61
C THR B 298 -11.71 -10.32 -56.02
N ILE B 299 -10.62 -9.63 -56.31
CA ILE B 299 -9.92 -9.71 -57.56
C ILE B 299 -9.42 -11.14 -57.78
N ALA B 300 -8.83 -11.73 -56.74
CA ALA B 300 -8.26 -13.07 -56.89
C ALA B 300 -9.32 -14.08 -57.31
N VAL B 301 -10.57 -13.83 -56.93
CA VAL B 301 -11.66 -14.78 -57.25
C VAL B 301 -12.13 -14.48 -58.67
N LEU B 302 -12.42 -13.22 -58.93
CA LEU B 302 -12.80 -12.73 -60.26
C LEU B 302 -11.84 -13.10 -61.37
N ASN B 303 -10.55 -13.21 -61.09
CA ASN B 303 -9.56 -13.43 -62.14
C ASN B 303 -9.25 -14.92 -62.33
N GLY B 304 -9.92 -15.76 -61.52
CA GLY B 304 -9.75 -17.20 -61.56
C GLY B 304 -8.58 -17.82 -60.79
N THR B 305 -7.82 -17.05 -60.00
CA THR B 305 -6.68 -17.64 -59.31
C THR B 305 -7.08 -18.35 -58.05
N VAL B 306 -8.01 -17.79 -57.29
CA VAL B 306 -8.49 -18.47 -56.07
C VAL B 306 -9.87 -18.98 -56.43
N PRO B 307 -10.11 -20.30 -56.29
CA PRO B 307 -11.45 -20.72 -56.75
C PRO B 307 -12.56 -20.19 -55.77
N GLN B 308 -13.73 -19.93 -56.32
CA GLN B 308 -14.89 -19.58 -55.52
C GLN B 308 -15.08 -20.54 -54.32
N TRP B 309 -14.88 -21.86 -54.54
CA TRP B 309 -15.12 -22.79 -53.45
C TRP B 309 -14.25 -22.52 -52.20
N ARG B 310 -13.07 -21.93 -52.39
CA ARG B 310 -12.20 -21.64 -51.30
C ARG B 310 -12.76 -20.50 -50.44
N VAL B 311 -13.14 -19.39 -51.09
CA VAL B 311 -13.65 -18.21 -50.37
C VAL B 311 -15.00 -18.48 -49.79
N ASP B 312 -15.85 -19.17 -50.54
CA ASP B 312 -17.11 -19.68 -50.02
C ASP B 312 -16.82 -20.44 -48.75
N ASP B 313 -15.78 -21.27 -48.77
CA ASP B 313 -15.49 -22.10 -47.62
C ASP B 313 -15.04 -21.26 -46.41
N MET B 314 -14.23 -20.23 -46.67
CA MET B 314 -13.89 -19.27 -45.60
C MET B 314 -15.16 -18.75 -44.91
N ALA B 315 -16.04 -18.16 -45.71
CA ALA B 315 -17.28 -17.59 -45.24
C ALA B 315 -18.14 -18.62 -44.45
N VAL B 316 -18.19 -19.86 -44.91
CA VAL B 316 -18.96 -20.91 -44.20
C VAL B 316 -18.32 -21.26 -42.84
N ARG B 317 -17.01 -21.45 -42.82
CA ARG B 317 -16.32 -21.72 -41.58
C ARG B 317 -16.54 -20.58 -40.59
N ILE B 318 -16.46 -19.31 -41.05
CA ILE B 318 -16.67 -18.19 -40.16
C ILE B 318 -18.11 -18.06 -39.61
N MET B 319 -19.13 -18.14 -40.48
CA MET B 319 -20.53 -18.03 -40.04
C MET B 319 -20.88 -19.23 -39.11
N ALA B 320 -20.34 -20.41 -39.42
CA ALA B 320 -20.69 -21.62 -38.69
C ALA B 320 -20.19 -21.50 -37.26
N ALA B 321 -18.97 -21.00 -37.08
CA ALA B 321 -18.44 -20.76 -35.74
C ALA B 321 -19.37 -19.81 -34.97
N TYR B 322 -19.85 -18.77 -35.64
CA TYR B 322 -20.63 -17.67 -35.06
C TYR B 322 -21.95 -18.23 -34.54
N TYR B 323 -22.56 -19.07 -35.37
CA TYR B 323 -23.82 -19.76 -35.11
C TYR B 323 -23.71 -20.92 -34.13
N LYS B 324 -22.58 -21.63 -34.14
CA LYS B 324 -22.40 -22.73 -33.22
C LYS B 324 -22.45 -22.34 -31.73
N VAL B 325 -21.91 -21.14 -31.39
CA VAL B 325 -21.96 -20.58 -30.06
C VAL B 325 -23.27 -19.76 -29.78
N GLY B 326 -24.09 -19.59 -30.80
CA GLY B 326 -25.32 -18.82 -30.68
C GLY B 326 -25.13 -17.31 -30.67
N ARG B 327 -24.08 -16.82 -31.29
CA ARG B 327 -23.77 -15.39 -31.23
C ARG B 327 -24.88 -14.51 -31.80
N ASP B 328 -25.45 -14.92 -32.92
CA ASP B 328 -26.62 -14.25 -33.48
C ASP B 328 -27.72 -13.98 -32.47
N ARG B 329 -27.90 -14.81 -31.46
CA ARG B 329 -29.03 -14.56 -30.57
C ARG B 329 -28.65 -13.50 -29.54
N LEU B 330 -27.34 -13.29 -29.38
CA LEU B 330 -26.77 -12.42 -28.35
C LEU B 330 -26.14 -11.13 -28.92
N TYR B 331 -26.24 -10.95 -30.23
CA TYR B 331 -25.57 -9.83 -30.92
C TYR B 331 -25.86 -8.38 -30.43
N GLN B 332 -24.80 -7.58 -30.30
CA GLN B 332 -24.96 -6.14 -30.14
C GLN B 332 -23.65 -5.52 -30.62
N PRO B 333 -23.69 -4.31 -31.20
CA PRO B 333 -22.38 -3.68 -31.57
C PRO B 333 -21.46 -3.52 -30.34
N PRO B 334 -20.12 -3.50 -30.52
CA PRO B 334 -19.27 -3.31 -29.33
C PRO B 334 -19.59 -1.99 -28.64
N ASN B 335 -19.71 -2.06 -27.32
CA ASN B 335 -20.20 -0.88 -26.52
C ASN B 335 -19.08 -0.20 -25.74
N PHE B 336 -17.85 -0.39 -26.20
CA PHE B 336 -16.67 0.30 -25.63
C PHE B 336 -15.72 0.51 -26.84
N SER B 337 -14.68 1.30 -26.64
CA SER B 337 -13.65 1.45 -27.61
C SER B 337 -12.33 0.94 -27.00
N SER B 338 -11.58 0.14 -27.77
CA SER B 338 -10.26 -0.25 -27.32
C SER B 338 -9.32 0.92 -27.23
N TRP B 339 -9.60 2.03 -27.94
CA TRP B 339 -8.60 3.05 -28.18
C TRP B 339 -8.73 4.36 -27.37
N THR B 340 -9.82 4.56 -26.68
CA THR B 340 -9.96 5.71 -25.85
C THR B 340 -10.94 5.34 -24.75
N ARG B 341 -10.80 5.96 -23.59
CA ARG B 341 -11.80 5.81 -22.50
C ARG B 341 -12.89 6.90 -22.53
N ASP B 342 -12.79 7.84 -23.46
CA ASP B 342 -13.80 8.96 -23.51
C ASP B 342 -15.20 8.39 -23.76
N GLU B 343 -16.20 9.10 -23.28
CA GLU B 343 -17.54 8.78 -23.65
C GLU B 343 -17.84 8.99 -25.19
N TYR B 344 -17.56 10.19 -25.73
CA TYR B 344 -17.78 10.53 -27.16
C TYR B 344 -16.44 10.53 -27.88
N GLY B 345 -16.48 10.36 -29.20
CA GLY B 345 -15.30 10.35 -30.09
C GLY B 345 -15.75 10.13 -31.53
N PHE B 346 -14.88 10.36 -32.50
CA PHE B 346 -15.21 9.99 -33.87
C PHE B 346 -15.35 8.46 -33.93
N LYS B 347 -16.34 8.03 -34.70
CA LYS B 347 -16.62 6.61 -34.89
C LYS B 347 -15.35 5.84 -35.37
N TYR B 348 -14.47 6.47 -36.15
CA TYR B 348 -13.35 5.75 -36.78
C TYR B 348 -12.09 6.30 -36.24
N PHE B 349 -11.59 5.57 -35.24
CA PHE B 349 -10.62 6.15 -34.34
C PHE B 349 -9.34 6.55 -35.05
N TYR B 350 -8.72 5.62 -35.79
CA TYR B 350 -7.38 5.95 -36.26
C TYR B 350 -7.29 7.30 -37.09
N PRO B 351 -8.12 7.49 -38.15
CA PRO B 351 -8.19 8.75 -38.91
C PRO B 351 -9.08 9.80 -38.27
N GLN B 352 -9.80 9.47 -37.19
CA GLN B 352 -10.65 10.49 -36.51
C GLN B 352 -11.71 11.07 -37.45
N GLU B 353 -12.36 10.15 -38.16
CA GLU B 353 -13.40 10.46 -39.12
C GLU B 353 -14.71 9.75 -38.79
N GLY B 354 -15.77 10.04 -39.54
CA GLY B 354 -17.06 9.41 -39.26
C GLY B 354 -17.86 10.28 -38.29
N PRO B 355 -19.07 9.85 -37.89
CA PRO B 355 -19.89 10.66 -36.98
C PRO B 355 -19.22 10.86 -35.63
N TYR B 356 -19.49 11.99 -34.98
CA TYR B 356 -19.03 12.23 -33.63
C TYR B 356 -20.20 11.81 -32.74
N GLU B 357 -19.95 10.77 -31.95
CA GLU B 357 -21.02 10.06 -31.23
C GLU B 357 -20.39 9.34 -30.04
N LYS B 358 -21.25 8.63 -29.32
CA LYS B 358 -20.85 7.84 -28.17
C LYS B 358 -20.05 6.61 -28.58
N VAL B 359 -18.83 6.52 -28.04
CA VAL B 359 -18.00 5.34 -28.26
C VAL B 359 -17.79 4.41 -27.03
N ASN B 360 -17.93 4.93 -25.81
CA ASN B 360 -18.01 4.10 -24.61
C ASN B 360 -19.34 4.19 -23.87
N HIS B 361 -19.84 3.04 -23.42
CA HIS B 361 -21.05 3.04 -22.65
C HIS B 361 -20.83 2.65 -21.21
N PHE B 362 -19.57 2.37 -20.81
CA PHE B 362 -19.19 2.13 -19.39
C PHE B 362 -19.97 0.98 -18.75
N VAL B 363 -20.36 -0.01 -19.55
CA VAL B 363 -21.15 -1.15 -19.06
C VAL B 363 -20.35 -2.00 -18.06
N ASN B 364 -20.92 -2.17 -16.85
CA ASN B 364 -20.25 -2.92 -15.80
C ASN B 364 -20.60 -4.39 -15.94
N VAL B 365 -19.70 -5.15 -16.56
CA VAL B 365 -19.96 -6.54 -16.85
C VAL B 365 -19.44 -7.46 -15.75
N GLN B 366 -18.98 -6.90 -14.65
CA GLN B 366 -18.26 -7.76 -13.68
C GLN B 366 -19.11 -8.77 -12.92
N ARG B 367 -20.42 -8.53 -12.82
CA ARG B 367 -21.31 -9.41 -12.00
C ARG B 367 -20.59 -9.69 -10.67
N ASN B 368 -20.54 -10.96 -10.29
CA ASN B 368 -19.95 -11.44 -9.05
C ASN B 368 -18.64 -12.24 -9.36
N HIS B 369 -18.02 -11.99 -10.51
CA HIS B 369 -16.82 -12.74 -10.93
C HIS B 369 -15.60 -12.71 -10.02
N SER B 370 -15.54 -11.72 -9.16
CA SER B 370 -14.53 -11.62 -8.18
C SER B 370 -14.53 -12.91 -7.34
N GLU B 371 -15.67 -13.59 -7.20
CA GLU B 371 -15.67 -14.85 -6.44
C GLU B 371 -14.86 -15.98 -7.08
N VAL B 372 -15.14 -16.27 -8.34
CA VAL B 372 -14.40 -17.29 -9.11
C VAL B 372 -12.92 -16.96 -9.11
N ILE B 373 -12.61 -15.68 -9.19
CA ILE B 373 -11.23 -15.25 -9.29
C ILE B 373 -10.52 -15.54 -7.96
N ARG B 374 -11.15 -15.15 -6.85
CA ARG B 374 -10.57 -15.29 -5.53
C ARG B 374 -10.33 -16.75 -5.21
N LYS B 375 -11.36 -17.55 -5.49
CA LYS B 375 -11.27 -18.99 -5.41
C LYS B 375 -10.16 -19.59 -6.33
N LEU B 376 -10.19 -19.27 -7.62
CA LEU B 376 -9.17 -19.80 -8.50
C LEU B 376 -7.75 -19.46 -8.00
N GLY B 377 -7.62 -18.28 -7.42
CA GLY B 377 -6.33 -17.82 -6.95
C GLY B 377 -5.90 -18.67 -5.79
N ALA B 378 -6.79 -18.89 -4.79
CA ALA B 378 -6.47 -19.80 -3.66
C ALA B 378 -6.12 -21.23 -4.12
N ASP B 379 -6.94 -21.79 -5.00
CA ASP B 379 -6.79 -23.17 -5.46
C ASP B 379 -5.65 -23.32 -6.50
N SER B 380 -5.00 -22.20 -6.85
CA SER B 380 -3.84 -22.27 -7.69
C SER B 380 -2.51 -21.96 -6.97
N THR B 381 -2.53 -21.85 -5.64
CA THR B 381 -1.38 -21.46 -4.83
C THR B 381 -0.73 -22.78 -4.42
N VAL B 382 0.40 -23.13 -5.05
CA VAL B 382 1.13 -24.37 -4.78
C VAL B 382 1.98 -24.20 -3.51
N LEU B 383 1.72 -25.05 -2.52
CA LEU B 383 2.55 -25.11 -1.31
C LEU B 383 3.67 -26.05 -1.63
N LEU B 384 4.84 -25.49 -1.83
CA LEU B 384 5.98 -26.28 -2.27
C LEU B 384 6.70 -26.93 -1.10
N LYS B 385 6.71 -26.18 0.02
CA LYS B 385 7.37 -26.54 1.26
C LYS B 385 6.53 -26.04 2.44
N ASN B 386 6.35 -26.92 3.44
CA ASN B 386 5.75 -26.52 4.67
C ASN B 386 6.36 -27.35 5.82
N ASN B 387 7.16 -26.72 6.65
CA ASN B 387 7.82 -27.42 7.73
C ASN B 387 6.93 -27.08 8.94
N ASN B 388 5.65 -27.37 8.77
CA ASN B 388 4.66 -27.23 9.84
C ASN B 388 4.40 -25.75 10.26
N ALA B 389 4.71 -24.83 9.35
CA ALA B 389 4.54 -23.41 9.48
C ALA B 389 3.10 -22.95 9.22
N LEU B 390 2.40 -23.65 8.33
CA LEU B 390 1.11 -23.17 7.87
C LEU B 390 0.04 -24.25 8.08
N PRO B 391 -1.24 -23.86 8.31
CA PRO B 391 -1.73 -22.47 8.27
C PRO B 391 -1.34 -21.63 9.49
N LEU B 392 -1.33 -20.29 9.35
CA LEU B 392 -1.24 -19.35 10.49
C LEU B 392 -2.54 -19.41 11.25
N THR B 393 -2.48 -19.05 12.53
CA THR B 393 -3.66 -19.11 13.39
C THR B 393 -4.34 -17.77 13.57
N GLY B 394 -3.61 -16.69 13.30
CA GLY B 394 -4.14 -15.36 13.52
C GLY B 394 -3.64 -14.76 14.82
N LYS B 395 -3.06 -15.61 15.67
CA LYS B 395 -2.59 -15.25 17.01
C LYS B 395 -1.13 -14.83 17.02
N GLU B 396 -0.48 -14.88 15.85
CA GLU B 396 0.90 -14.44 15.75
C GLU B 396 1.01 -12.98 16.29
N ARG B 397 1.95 -12.75 17.19
CA ARG B 397 2.00 -11.45 17.89
C ARG B 397 2.41 -10.27 16.98
N LYS B 398 3.33 -10.54 16.06
CA LYS B 398 3.83 -9.54 15.20
C LYS B 398 4.19 -10.19 13.90
N VAL B 399 3.63 -9.61 12.82
CA VAL B 399 3.83 -10.07 11.45
C VAL B 399 4.58 -9.08 10.57
N ALA B 400 5.62 -9.58 9.91
CA ALA B 400 6.42 -8.76 9.02
C ALA B 400 6.09 -9.17 7.57
N ILE B 401 5.59 -8.22 6.78
CA ILE B 401 5.31 -8.44 5.39
C ILE B 401 6.50 -7.78 4.71
N LEU B 402 7.21 -8.58 3.90
CA LEU B 402 8.45 -8.14 3.29
C LEU B 402 8.51 -8.44 1.79
N GLY B 403 8.89 -7.42 1.05
CA GLY B 403 9.00 -7.53 -0.41
C GLY B 403 8.17 -6.49 -1.14
N GLU B 404 8.77 -5.84 -2.14
CA GLU B 404 7.98 -5.02 -3.07
C GLU B 404 6.78 -5.77 -3.61
N ASP B 405 6.97 -7.08 -3.87
CA ASP B 405 5.91 -7.96 -4.38
C ASP B 405 4.66 -8.10 -3.44
N ALA B 406 4.71 -7.60 -2.21
CA ALA B 406 3.54 -7.58 -1.35
C ALA B 406 2.76 -6.31 -1.55
N GLY B 407 3.36 -5.28 -2.14
CA GLY B 407 2.80 -3.94 -2.01
C GLY B 407 2.16 -3.37 -3.26
N SER B 408 1.76 -2.10 -3.18
CA SER B 408 1.06 -1.47 -4.28
C SER B 408 1.99 -1.12 -5.48
N ASN B 409 1.50 -1.25 -6.70
CA ASN B 409 2.18 -0.55 -7.82
C ASN B 409 1.96 0.95 -7.58
N SER B 410 3.03 1.70 -7.31
CA SER B 410 2.96 3.15 -7.07
C SER B 410 2.41 3.97 -8.28
N TYR B 411 2.32 3.37 -9.47
CA TYR B 411 1.66 4.07 -10.57
C TYR B 411 0.19 3.71 -10.66
N GLY B 412 -0.31 2.93 -9.72
CA GLY B 412 -1.72 2.41 -9.82
C GLY B 412 -1.66 1.06 -10.48
N ALA B 413 -2.50 0.14 -10.02
CA ALA B 413 -2.53 -1.23 -10.56
C ALA B 413 -2.38 -1.24 -12.12
N ASN B 414 -2.98 -0.27 -12.81
CA ASN B 414 -2.90 -0.25 -14.29
C ASN B 414 -1.90 0.78 -14.81
N GLY B 415 -1.05 1.27 -13.90
CA GLY B 415 -0.15 2.37 -14.21
C GLY B 415 0.90 2.10 -15.30
N CYS B 416 1.08 0.85 -15.69
CA CYS B 416 2.07 0.54 -16.72
C CYS B 416 1.25 -0.02 -17.85
N SER B 417 1.42 0.60 -19.01
CA SER B 417 0.69 0.25 -20.18
C SER B 417 0.87 -1.25 -20.54
N ASP B 418 -0.25 -1.98 -20.79
CA ASP B 418 -0.18 -3.44 -21.05
C ASP B 418 0.63 -4.19 -19.96
N ARG B 419 0.55 -3.69 -18.73
CA ARG B 419 1.28 -4.25 -17.59
C ARG B 419 2.79 -4.28 -17.77
N GLY B 420 3.34 -3.38 -18.59
CA GLY B 420 4.73 -3.47 -18.99
C GLY B 420 5.73 -2.99 -17.92
N CYS B 421 5.69 -3.58 -16.72
CA CYS B 421 6.65 -3.27 -15.67
C CYS B 421 6.50 -4.32 -14.59
N ASP B 422 7.38 -4.35 -13.60
CA ASP B 422 7.23 -5.31 -12.53
C ASP B 422 7.26 -4.53 -11.21
N ASN B 423 6.25 -3.68 -10.98
CA ASN B 423 6.28 -2.81 -9.77
C ASN B 423 5.12 -3.17 -8.85
N GLY B 424 5.40 -3.28 -7.54
CA GLY B 424 4.42 -3.82 -6.64
C GLY B 424 4.08 -5.28 -6.96
N THR B 425 3.05 -5.79 -6.30
CA THR B 425 2.70 -7.19 -6.44
C THR B 425 2.44 -7.60 -7.91
N LEU B 426 2.98 -8.75 -8.25
CA LEU B 426 2.88 -9.26 -9.60
C LEU B 426 1.62 -10.12 -9.77
N ALA B 427 0.62 -9.55 -10.43
CA ALA B 427 -0.62 -10.24 -10.51
C ALA B 427 -1.01 -10.51 -11.96
N MET B 428 -0.25 -9.92 -12.90
CA MET B 428 -0.49 -10.04 -14.35
C MET B 428 0.83 -9.79 -15.07
N ALA B 429 1.25 -10.72 -15.93
CA ALA B 429 2.44 -10.46 -16.76
C ALA B 429 2.10 -9.53 -17.94
N TRP B 430 2.99 -9.31 -18.89
CA TRP B 430 2.77 -8.20 -19.82
C TRP B 430 2.46 -8.53 -21.28
N GLY B 431 1.93 -7.53 -21.99
CA GLY B 431 1.74 -7.58 -23.44
C GLY B 431 0.26 -7.61 -23.78
N SER B 432 -0.13 -8.32 -24.85
CA SER B 432 -1.53 -8.26 -25.17
C SER B 432 -2.37 -9.23 -24.37
N GLY B 433 -1.73 -10.14 -23.62
CA GLY B 433 -2.42 -11.12 -22.77
C GLY B 433 -2.91 -10.56 -21.45
N THR B 434 -3.43 -9.34 -21.49
CA THR B 434 -3.70 -8.55 -20.29
C THR B 434 -5.09 -7.91 -20.32
N ALA B 435 -5.47 -7.37 -19.17
CA ALA B 435 -6.80 -6.80 -18.97
C ALA B 435 -6.64 -5.74 -17.93
N GLU B 436 -7.39 -4.67 -18.04
CA GLU B 436 -7.32 -3.63 -17.01
C GLU B 436 -7.90 -4.19 -15.70
N PHE B 437 -7.14 -4.04 -14.60
CA PHE B 437 -7.71 -4.37 -13.33
C PHE B 437 -8.93 -3.46 -13.04
N PRO B 438 -10.00 -3.99 -12.40
CA PRO B 438 -11.01 -3.05 -11.86
C PRO B 438 -10.54 -2.51 -10.51
N TYR B 439 -9.58 -3.19 -9.89
CA TYR B 439 -8.92 -2.85 -8.65
C TYR B 439 -7.89 -3.99 -8.49
N LEU B 440 -6.92 -3.83 -7.57
CA LEU B 440 -6.00 -4.90 -7.22
C LEU B 440 -5.84 -5.00 -5.71
N VAL B 441 -6.25 -6.12 -5.14
CA VAL B 441 -6.04 -6.39 -3.71
C VAL B 441 -4.63 -6.95 -3.47
N THR B 442 -3.80 -6.17 -2.80
CA THR B 442 -2.42 -6.62 -2.58
C THR B 442 -2.27 -7.57 -1.36
N PRO B 443 -1.19 -8.39 -1.36
CA PRO B 443 -0.98 -9.26 -0.17
C PRO B 443 -0.82 -8.44 1.12
N GLU B 444 -0.15 -7.29 1.01
CA GLU B 444 -0.06 -6.32 2.09
C GLU B 444 -1.45 -5.98 2.71
N GLN B 445 -2.42 -5.64 1.86
CA GLN B 445 -3.75 -5.24 2.26
C GLN B 445 -4.49 -6.41 2.94
N ALA B 446 -4.39 -7.61 2.37
CA ALA B 446 -5.19 -8.70 2.86
C ALA B 446 -4.56 -9.20 4.14
N ILE B 447 -3.24 -9.32 4.15
CA ILE B 447 -2.58 -9.85 5.37
C ILE B 447 -2.68 -8.88 6.53
N GLN B 448 -2.38 -7.60 6.34
CA GLN B 448 -2.51 -6.66 7.46
C GLN B 448 -3.98 -6.65 8.02
N ALA B 449 -5.00 -6.68 7.13
CA ALA B 449 -6.39 -6.58 7.50
C ALA B 449 -6.66 -7.81 8.40
N GLU B 450 -6.09 -8.95 7.99
CA GLU B 450 -6.25 -10.18 8.76
C GLU B 450 -5.66 -10.06 10.17
N VAL B 451 -4.41 -9.65 10.25
CA VAL B 451 -3.75 -9.45 11.53
C VAL B 451 -4.55 -8.43 12.39
N LEU B 452 -5.01 -7.35 11.78
CA LEU B 452 -5.76 -6.30 12.55
C LEU B 452 -7.06 -6.84 13.15
N LYS B 453 -7.70 -7.72 12.39
CA LYS B 453 -8.89 -8.41 12.82
C LYS B 453 -8.58 -9.22 14.15
N HIS B 454 -7.37 -9.75 14.33
CA HIS B 454 -7.05 -10.45 15.58
C HIS B 454 -6.33 -9.58 16.55
N LYS B 455 -6.25 -8.28 16.29
CA LYS B 455 -5.50 -7.38 17.19
C LYS B 455 -3.98 -7.61 17.26
N GLY B 456 -3.35 -8.11 16.20
CA GLY B 456 -1.92 -8.12 16.21
C GLY B 456 -1.26 -6.86 15.64
N SER B 457 0.05 -6.91 15.65
CA SER B 457 0.92 -5.91 15.11
C SER B 457 1.47 -6.42 13.76
N VAL B 458 1.68 -5.49 12.84
CA VAL B 458 1.96 -5.86 11.46
C VAL B 458 2.50 -4.64 10.69
N TYR B 459 3.49 -4.91 9.80
CA TYR B 459 4.11 -3.90 8.94
C TYR B 459 4.49 -4.48 7.60
N ALA B 460 4.58 -3.57 6.63
CA ALA B 460 4.99 -4.00 5.31
C ALA B 460 6.12 -3.12 4.88
N ILE B 461 7.22 -3.74 4.46
CA ILE B 461 8.42 -3.10 3.91
C ILE B 461 8.50 -3.59 2.50
N THR B 462 8.53 -2.66 1.57
CA THR B 462 8.34 -2.95 0.17
C THR B 462 9.45 -2.41 -0.73
N ASP B 463 10.58 -2.07 -0.13
CA ASP B 463 11.77 -1.67 -0.87
C ASP B 463 12.82 -2.75 -0.65
N ASN B 464 13.16 -3.46 -1.72
CA ASN B 464 13.91 -4.70 -1.59
C ASN B 464 15.38 -4.40 -1.32
N TRP B 465 15.74 -3.10 -1.27
CA TRP B 465 17.12 -2.75 -0.83
C TRP B 465 17.12 -1.98 0.50
N ALA B 466 16.00 -1.94 1.17
CA ALA B 466 16.01 -1.47 2.51
C ALA B 466 16.37 -2.63 3.47
N LEU B 467 17.48 -3.32 3.24
CA LEU B 467 17.78 -4.56 4.02
C LEU B 467 18.01 -4.34 5.52
N SER B 468 18.53 -3.17 5.85
CA SER B 468 18.62 -2.71 7.25
C SER B 468 17.27 -2.73 8.00
N GLN B 469 16.25 -2.08 7.42
CA GLN B 469 14.91 -2.10 8.01
C GLN B 469 14.39 -3.50 7.98
N VAL B 470 14.70 -4.25 6.92
CA VAL B 470 14.18 -5.65 6.82
C VAL B 470 14.72 -6.49 7.96
N GLU B 471 16.03 -6.48 8.17
CA GLU B 471 16.67 -7.23 9.24
C GLU B 471 16.19 -6.85 10.62
N THR B 472 16.07 -5.55 10.87
CA THR B 472 15.65 -5.10 12.19
C THR B 472 14.27 -5.61 12.48
N LEU B 473 13.36 -5.49 11.51
CA LEU B 473 11.99 -5.93 11.72
C LEU B 473 11.91 -7.46 11.85
N ALA B 474 12.64 -8.19 10.98
CA ALA B 474 12.62 -9.66 11.07
C ALA B 474 13.09 -10.17 12.44
N LYS B 475 14.07 -9.51 13.07
CA LYS B 475 14.51 -9.88 14.44
C LYS B 475 13.39 -9.77 15.47
N GLN B 476 12.31 -9.04 15.17
CA GLN B 476 11.22 -8.77 16.14
C GLN B 476 9.91 -9.54 15.89
N ALA B 477 9.78 -10.16 14.71
CA ALA B 477 8.53 -10.75 14.19
C ALA B 477 8.33 -12.19 14.67
N SER B 478 7.06 -12.63 14.72
CA SER B 478 6.70 -14.00 15.06
C SER B 478 6.72 -14.78 13.73
N VAL B 479 6.42 -14.07 12.63
CA VAL B 479 6.46 -14.66 11.30
C VAL B 479 6.90 -13.59 10.28
N SER B 480 7.77 -14.02 9.36
CA SER B 480 8.12 -13.17 8.23
C SER B 480 7.56 -13.74 6.94
N LEU B 481 6.77 -12.93 6.24
CA LEU B 481 6.16 -13.35 4.96
C LEU B 481 6.87 -12.52 3.87
N VAL B 482 7.71 -13.20 3.08
CA VAL B 482 8.60 -12.58 2.14
C VAL B 482 8.11 -12.84 0.70
N PHE B 483 7.97 -11.75 -0.05
CA PHE B 483 7.40 -11.73 -1.40
C PHE B 483 8.45 -11.40 -2.44
N VAL B 484 8.47 -12.17 -3.52
CA VAL B 484 9.47 -12.10 -4.58
C VAL B 484 8.78 -12.51 -5.88
N ASN B 485 9.30 -12.08 -7.01
CA ASN B 485 8.63 -12.33 -8.28
C ASN B 485 9.63 -12.42 -9.44
N SER B 486 9.13 -12.76 -10.62
CA SER B 486 9.92 -12.83 -11.83
C SER B 486 8.85 -12.76 -12.92
N ASP B 487 9.09 -11.90 -13.90
CA ASP B 487 8.03 -11.39 -14.79
C ASP B 487 8.51 -11.64 -16.17
N ALA B 488 7.61 -11.56 -17.15
CA ALA B 488 7.96 -11.81 -18.57
C ALA B 488 6.71 -11.38 -19.33
N GLY B 489 6.81 -11.36 -20.65
CA GLY B 489 5.63 -11.07 -21.40
C GLY B 489 5.92 -11.15 -22.85
N GLU B 490 4.98 -10.60 -23.60
CA GLU B 490 5.03 -10.61 -25.03
C GLU B 490 6.22 -9.82 -25.56
N GLY B 491 6.82 -10.36 -26.64
CA GLY B 491 7.89 -9.70 -27.37
C GLY B 491 8.02 -8.21 -27.60
N TYR B 492 6.94 -7.46 -27.79
CA TYR B 492 7.11 -6.07 -28.24
C TYR B 492 7.40 -5.14 -27.05
N ILE B 493 7.36 -5.70 -25.86
CA ILE B 493 7.68 -4.91 -24.71
C ILE B 493 8.95 -5.45 -24.05
N SER B 494 9.79 -4.53 -23.66
CA SER B 494 10.98 -4.91 -22.94
C SER B 494 11.04 -4.30 -21.53
N VAL B 495 11.03 -5.12 -20.46
CA VAL B 495 11.27 -4.58 -19.09
C VAL B 495 12.63 -5.02 -18.61
N ASP B 496 13.44 -4.02 -18.22
CA ASP B 496 14.81 -4.20 -17.76
C ASP B 496 15.70 -5.06 -18.72
N GLY B 497 15.49 -4.84 -20.03
CA GLY B 497 16.21 -5.57 -21.07
C GLY B 497 15.73 -6.99 -21.20
N ASN B 498 14.66 -7.38 -20.51
CA ASN B 498 14.01 -8.68 -20.79
C ASN B 498 13.02 -8.48 -21.96
N GLU B 499 13.44 -8.91 -23.15
CA GLU B 499 12.68 -8.62 -24.38
C GLU B 499 11.58 -9.63 -24.55
N GLY B 500 10.56 -9.53 -23.70
CA GLY B 500 9.50 -10.57 -23.61
C GLY B 500 9.99 -11.80 -22.89
N ASP B 501 10.85 -12.58 -23.57
CA ASP B 501 11.52 -13.69 -22.88
C ASP B 501 12.33 -13.18 -21.69
N ARG B 502 12.47 -14.04 -20.70
CA ARG B 502 13.24 -13.81 -19.51
C ARG B 502 14.71 -13.97 -19.83
N ASN B 503 15.54 -13.01 -19.42
CA ASN B 503 17.01 -13.21 -19.55
C ASN B 503 17.52 -14.27 -18.59
N ASN B 504 16.74 -14.60 -17.54
CA ASN B 504 17.21 -15.60 -16.60
C ASN B 504 16.06 -16.09 -15.76
N LEU B 505 16.33 -17.10 -14.94
CA LEU B 505 15.32 -17.67 -14.10
C LEU B 505 15.50 -17.19 -12.67
N THR B 506 16.32 -16.16 -12.44
CA THR B 506 16.57 -15.65 -11.10
C THR B 506 15.52 -14.62 -10.63
N LEU B 507 15.29 -14.59 -9.33
CA LEU B 507 14.26 -13.68 -8.73
C LEU B 507 14.64 -12.23 -9.00
N TRP B 508 13.71 -11.49 -9.54
CA TRP B 508 13.86 -10.06 -9.78
C TRP B 508 13.85 -9.27 -8.44
N LYS B 509 14.24 -8.00 -8.57
CA LYS B 509 14.27 -7.05 -7.45
C LYS B 509 14.96 -7.57 -6.19
N ASN B 510 16.17 -8.11 -6.30
CA ASN B 510 16.95 -8.48 -5.11
C ASN B 510 16.30 -9.65 -4.28
N GLY B 511 15.47 -10.40 -4.98
CA GLY B 511 14.67 -11.40 -4.36
C GLY B 511 15.47 -12.34 -3.48
N ASP B 512 16.56 -12.88 -4.02
CA ASP B 512 17.41 -13.81 -3.23
C ASP B 512 17.99 -13.13 -1.99
N ASN B 513 18.39 -11.87 -2.10
CA ASN B 513 19.10 -11.22 -0.99
C ASN B 513 18.08 -10.90 0.10
N LEU B 514 16.87 -10.65 -0.35
CA LEU B 514 15.77 -10.33 0.58
C LEU B 514 15.40 -11.51 1.43
N ILE B 515 15.15 -12.64 0.81
CA ILE B 515 14.85 -13.88 1.53
C ILE B 515 15.99 -14.17 2.53
N LYS B 516 17.24 -14.13 2.06
CA LYS B 516 18.40 -14.45 2.87
C LYS B 516 18.52 -13.51 4.06
N ALA B 517 18.19 -12.25 3.82
CA ALA B 517 18.23 -11.21 4.86
C ALA B 517 17.16 -11.45 5.93
N ALA B 518 15.93 -11.79 5.52
CA ALA B 518 14.90 -12.24 6.46
C ALA B 518 15.33 -13.51 7.20
N ALA B 519 15.63 -14.57 6.46
CA ALA B 519 15.84 -15.89 7.06
C ALA B 519 17.06 -15.90 7.99
N ASN B 520 18.03 -15.03 7.72
CA ASN B 520 19.15 -14.88 8.61
C ASN B 520 18.68 -14.31 9.98
N ASN B 521 17.43 -13.83 10.02
CA ASN B 521 16.94 -13.19 11.21
C ASN B 521 15.64 -13.65 11.92
N CYS B 522 14.67 -14.36 11.24
CA CYS B 522 13.33 -14.92 11.75
C CYS B 522 13.54 -16.43 11.55
N ASN B 523 13.23 -17.24 12.58
CA ASN B 523 13.27 -18.71 12.53
C ASN B 523 11.99 -19.19 11.84
N ASN B 524 11.23 -18.27 11.27
CA ASN B 524 9.91 -18.56 10.72
C ASN B 524 9.66 -17.69 9.47
N THR B 525 10.49 -17.92 8.47
CA THR B 525 10.44 -17.14 7.30
C THR B 525 9.69 -17.93 6.27
N ILE B 526 8.67 -17.30 5.69
CA ILE B 526 7.75 -17.96 4.77
C ILE B 526 7.78 -17.21 3.45
N VAL B 527 8.17 -17.90 2.37
CA VAL B 527 8.38 -17.28 1.07
C VAL B 527 7.15 -17.47 0.14
N VAL B 528 6.67 -16.37 -0.44
CA VAL B 528 5.62 -16.36 -1.44
C VAL B 528 6.18 -15.83 -2.79
N ILE B 529 6.06 -16.61 -3.86
CA ILE B 529 6.61 -16.26 -5.14
C ILE B 529 5.42 -15.97 -6.07
N HIS B 530 5.38 -14.81 -6.74
CA HIS B 530 4.47 -14.63 -7.88
C HIS B 530 5.30 -14.64 -9.12
N SER B 531 4.98 -15.46 -10.10
CA SER B 531 5.87 -15.53 -11.25
C SER B 531 5.20 -16.19 -12.39
N VAL B 532 5.75 -15.98 -13.57
CA VAL B 532 5.22 -16.49 -14.83
C VAL B 532 5.60 -17.95 -15.09
N GLY B 533 6.48 -18.53 -14.26
CA GLY B 533 6.93 -19.92 -14.43
C GLY B 533 8.00 -20.18 -13.37
N PRO B 534 8.83 -21.24 -13.55
CA PRO B 534 9.76 -21.59 -12.47
C PRO B 534 10.78 -20.50 -12.26
N VAL B 535 11.30 -20.39 -11.04
CA VAL B 535 12.48 -19.55 -10.76
C VAL B 535 13.50 -20.41 -10.02
N LEU B 536 14.72 -19.93 -9.89
CA LEU B 536 15.74 -20.73 -9.19
C LEU B 536 15.57 -20.51 -7.69
N VAL B 537 15.49 -21.57 -6.90
CA VAL B 537 15.28 -21.46 -5.41
C VAL B 537 16.45 -21.99 -4.55
N ASP B 538 17.47 -22.51 -5.24
CA ASP B 538 18.46 -23.37 -4.56
C ASP B 538 19.32 -22.58 -3.56
N GLU B 539 19.48 -21.29 -3.77
CA GLU B 539 20.22 -20.50 -2.83
C GLU B 539 19.61 -20.38 -1.40
N TRP B 540 18.32 -20.74 -1.22
CA TRP B 540 17.64 -20.46 0.04
C TRP B 540 16.49 -21.41 0.40
N TYR B 541 15.99 -22.21 -0.54
CA TYR B 541 14.85 -23.07 -0.23
C TYR B 541 15.05 -24.02 0.96
N ASP B 542 16.31 -24.38 1.23
CA ASP B 542 16.59 -25.38 2.28
C ASP B 542 17.25 -24.70 3.44
N HIS B 543 17.23 -23.38 3.47
CA HIS B 543 17.71 -22.65 4.65
C HIS B 543 16.84 -23.10 5.83
N PRO B 544 17.47 -23.38 6.99
CA PRO B 544 16.73 -23.91 8.15
C PRO B 544 15.67 -22.97 8.69
N ASN B 545 15.78 -21.70 8.38
CA ASN B 545 14.78 -20.80 8.88
C ASN B 545 13.66 -20.58 7.85
N VAL B 546 13.87 -21.10 6.64
CA VAL B 546 12.85 -21.04 5.62
C VAL B 546 11.84 -22.20 5.88
N THR B 547 10.76 -21.86 6.57
CA THR B 547 9.82 -22.87 7.03
C THR B 547 8.65 -23.17 6.08
N ALA B 548 8.47 -22.32 5.06
CA ALA B 548 7.44 -22.59 4.04
C ALA B 548 7.67 -21.81 2.77
N ILE B 549 7.24 -22.38 1.64
CA ILE B 549 7.40 -21.76 0.33
C ILE B 549 6.14 -22.06 -0.43
N LEU B 550 5.56 -21.01 -1.01
CA LEU B 550 4.35 -21.11 -1.87
C LEU B 550 4.61 -20.43 -3.19
N TRP B 551 4.02 -20.95 -4.26
CA TRP B 551 4.13 -20.30 -5.54
C TRP B 551 2.72 -19.98 -5.95
N ALA B 552 2.43 -18.69 -6.15
CA ALA B 552 1.03 -18.27 -6.40
C ALA B 552 0.69 -17.81 -7.79
N GLY B 553 1.67 -17.80 -8.71
CA GLY B 553 1.42 -17.55 -10.14
C GLY B 553 1.09 -16.09 -10.39
N LEU B 554 0.10 -15.82 -11.25
CA LEU B 554 -0.34 -14.46 -11.57
C LEU B 554 -1.83 -14.44 -11.23
N PRO B 555 -2.17 -14.11 -9.96
CA PRO B 555 -3.53 -14.40 -9.42
C PRO B 555 -4.65 -13.52 -9.94
N GLY B 556 -4.33 -12.41 -10.60
CA GLY B 556 -5.37 -11.47 -10.96
C GLY B 556 -5.84 -10.58 -9.80
N GLN B 557 -7.06 -10.02 -9.93
CA GLN B 557 -7.51 -8.87 -9.14
C GLN B 557 -7.66 -9.16 -7.63
N GLU B 558 -7.82 -10.42 -7.23
CA GLU B 558 -8.08 -10.71 -5.83
C GLU B 558 -6.84 -11.26 -5.14
N SER B 559 -5.69 -11.06 -5.77
CA SER B 559 -4.46 -11.70 -5.34
C SER B 559 -4.26 -11.88 -3.84
N GLY B 560 -4.40 -10.78 -3.11
CA GLY B 560 -4.13 -10.77 -1.66
C GLY B 560 -5.13 -11.60 -0.88
N ASN B 561 -6.41 -11.49 -1.23
CA ASN B 561 -7.46 -12.28 -0.57
C ASN B 561 -7.29 -13.75 -0.91
N SER B 562 -6.97 -14.07 -2.17
CA SER B 562 -6.58 -15.45 -2.52
C SER B 562 -5.50 -16.05 -1.60
N LEU B 563 -4.38 -15.34 -1.47
CA LEU B 563 -3.31 -15.79 -0.63
C LEU B 563 -3.70 -15.85 0.88
N ALA B 564 -4.29 -14.78 1.43
CA ALA B 564 -4.73 -14.80 2.84
C ALA B 564 -5.57 -16.03 3.15
N ASP B 565 -6.51 -16.32 2.27
CA ASP B 565 -7.40 -17.47 2.40
C ASP B 565 -6.61 -18.74 2.64
N VAL B 566 -5.52 -18.93 1.84
CA VAL B 566 -4.55 -20.04 2.01
C VAL B 566 -3.66 -19.91 3.31
N LEU B 567 -3.04 -18.78 3.57
CA LEU B 567 -2.18 -18.69 4.69
C LEU B 567 -2.96 -18.94 5.97
N TYR B 568 -4.21 -18.48 6.02
CA TYR B 568 -5.02 -18.54 7.28
C TYR B 568 -5.96 -19.77 7.36
N GLY B 569 -5.79 -20.70 6.41
CA GLY B 569 -6.52 -21.98 6.47
C GLY B 569 -7.99 -21.95 6.08
N ARG B 570 -8.49 -20.85 5.48
CA ARG B 570 -9.87 -20.89 5.02
C ARG B 570 -10.01 -21.86 3.86
N VAL B 571 -8.92 -21.99 3.08
CA VAL B 571 -8.79 -22.87 1.95
C VAL B 571 -7.54 -23.71 2.18
N ASN B 572 -7.66 -25.01 1.97
CA ASN B 572 -6.58 -25.96 2.08
C ASN B 572 -5.90 -26.07 0.71
N PRO B 573 -4.59 -25.77 0.61
CA PRO B 573 -4.10 -25.73 -0.78
C PRO B 573 -4.10 -27.14 -1.36
N GLY B 574 -4.63 -27.26 -2.58
CA GLY B 574 -4.49 -28.49 -3.31
C GLY B 574 -3.81 -28.33 -4.64
N ALA B 575 -3.39 -27.11 -5.01
CA ALA B 575 -2.77 -26.92 -6.34
C ALA B 575 -1.51 -27.79 -6.48
N LYS B 576 -1.09 -28.09 -7.71
CA LYS B 576 0.16 -28.84 -7.96
C LYS B 576 1.04 -28.12 -8.96
N SER B 577 2.36 -28.26 -8.82
CA SER B 577 3.20 -27.62 -9.79
C SER B 577 2.93 -28.10 -11.23
N PRO B 578 2.68 -27.16 -12.16
CA PRO B 578 2.41 -27.63 -13.51
C PRO B 578 3.65 -27.58 -14.41
N PHE B 579 4.81 -27.41 -13.78
CA PHE B 579 6.09 -27.51 -14.51
C PHE B 579 7.17 -27.95 -13.51
N THR B 580 8.43 -28.01 -13.99
CA THR B 580 9.53 -28.43 -13.14
C THR B 580 10.25 -27.28 -12.48
N TRP B 581 10.60 -27.47 -11.21
CA TRP B 581 11.50 -26.55 -10.53
C TRP B 581 12.91 -27.17 -10.48
N GLY B 582 13.75 -26.75 -11.40
CA GLY B 582 15.13 -27.30 -11.52
C GLY B 582 16.11 -26.59 -10.60
N LYS B 583 17.32 -27.14 -10.49
CA LYS B 583 18.44 -26.57 -9.72
C LYS B 583 19.15 -25.43 -10.43
N THR B 584 19.25 -25.52 -11.76
CA THR B 584 19.99 -24.57 -12.57
C THR B 584 19.17 -24.32 -13.84
N ARG B 585 19.44 -23.23 -14.57
CA ARG B 585 18.87 -23.06 -15.92
C ARG B 585 19.33 -24.21 -16.88
N GLU B 586 20.53 -24.74 -16.65
CA GLU B 586 21.08 -25.79 -17.53
C GLU B 586 20.23 -27.05 -17.49
N ALA B 587 19.72 -27.35 -16.31
CA ALA B 587 18.91 -28.58 -16.15
C ALA B 587 17.64 -28.68 -17.05
N TYR B 588 17.14 -27.56 -17.56
CA TYR B 588 16.01 -27.60 -18.49
C TYR B 588 16.42 -27.79 -19.93
N GLY B 589 17.69 -27.60 -20.33
CA GLY B 589 18.01 -27.65 -21.78
C GLY B 589 17.11 -26.67 -22.55
N ASP B 590 16.83 -26.94 -23.83
CA ASP B 590 15.89 -26.11 -24.57
C ASP B 590 16.23 -24.60 -24.48
N TYR B 591 17.46 -24.24 -24.84
CA TYR B 591 17.84 -22.83 -24.82
C TYR B 591 17.11 -22.02 -25.90
N LEU B 592 16.82 -20.78 -25.58
CA LEU B 592 16.26 -19.91 -26.58
C LEU B 592 17.29 -19.60 -27.67
N VAL B 593 16.81 -19.25 -28.84
CA VAL B 593 17.69 -18.75 -29.91
C VAL B 593 17.73 -17.24 -29.67
N ARG B 594 18.90 -16.74 -29.22
CA ARG B 594 19.03 -15.30 -28.88
C ARG B 594 19.93 -14.48 -29.82
N GLU B 595 20.66 -15.15 -30.74
CA GLU B 595 21.59 -14.47 -31.67
C GLU B 595 21.25 -14.97 -33.10
N LEU B 596 21.46 -14.14 -34.13
CA LEU B 596 21.25 -14.61 -35.52
C LEU B 596 22.14 -15.83 -35.79
N ASN B 597 21.59 -16.93 -36.34
CA ASN B 597 22.43 -18.11 -36.68
C ASN B 597 22.33 -18.44 -38.16
N ASN B 598 21.66 -17.60 -38.94
CA ASN B 598 21.49 -17.85 -40.35
C ASN B 598 21.70 -16.51 -41.11
N GLY B 599 22.82 -15.88 -40.83
CA GLY B 599 23.10 -14.57 -41.41
C GLY B 599 22.02 -13.58 -41.01
N ASN B 600 21.46 -12.91 -42.03
CA ASN B 600 20.35 -11.95 -41.91
C ASN B 600 19.06 -12.53 -42.53
N GLY B 601 19.09 -13.85 -42.76
CA GLY B 601 17.88 -14.60 -43.02
C GLY B 601 17.16 -14.94 -41.69
N ALA B 602 16.08 -15.69 -41.78
CA ALA B 602 15.36 -16.08 -40.59
C ALA B 602 16.25 -16.94 -39.69
N PRO B 603 16.36 -16.59 -38.37
CA PRO B 603 16.96 -17.52 -37.43
C PRO B 603 16.25 -18.87 -37.42
N GLN B 604 17.03 -19.91 -37.12
CA GLN B 604 16.55 -21.27 -37.20
C GLN B 604 16.51 -21.82 -35.81
N ASP B 605 15.35 -22.38 -35.44
CA ASP B 605 15.11 -22.84 -34.07
C ASP B 605 14.85 -24.33 -34.17
N ASP B 606 15.91 -25.15 -34.10
CA ASP B 606 15.80 -26.60 -34.25
C ASP B 606 15.28 -27.17 -32.95
N PHE B 607 14.08 -27.76 -32.94
CA PHE B 607 13.62 -28.38 -31.66
C PHE B 607 14.37 -29.71 -31.57
N SER B 608 15.69 -29.66 -31.36
CA SER B 608 16.48 -30.91 -31.54
C SER B 608 16.32 -31.89 -30.34
N GLU B 609 15.76 -31.43 -29.21
CA GLU B 609 15.38 -32.33 -28.11
C GLU B 609 14.14 -33.25 -28.38
N GLY B 610 13.38 -33.03 -29.48
CA GLY B 610 12.14 -33.79 -29.70
C GLY B 610 11.14 -33.58 -28.55
N VAL B 611 10.59 -34.69 -28.02
CA VAL B 611 9.54 -34.59 -27.03
C VAL B 611 10.05 -34.24 -25.65
N PHE B 612 11.38 -34.17 -25.47
CA PHE B 612 11.99 -34.03 -24.11
C PHE B 612 12.10 -32.59 -23.59
N ILE B 613 10.93 -32.00 -23.32
CA ILE B 613 10.85 -30.72 -22.66
C ILE B 613 10.36 -30.96 -21.24
N ASP B 614 10.62 -29.96 -20.36
CA ASP B 614 10.31 -30.00 -18.89
C ASP B 614 10.58 -31.37 -18.24
N TYR B 615 9.66 -31.94 -17.48
CA TYR B 615 9.99 -33.19 -16.76
C TYR B 615 10.54 -34.30 -17.68
N ARG B 616 10.04 -34.37 -18.92
CA ARG B 616 10.41 -35.44 -19.82
C ARG B 616 11.92 -35.42 -19.99
N GLY B 617 12.47 -34.22 -20.04
CA GLY B 617 13.92 -34.03 -20.24
C GLY B 617 14.73 -34.21 -18.96
N PHE B 618 14.23 -33.68 -17.84
CA PHE B 618 14.83 -33.89 -16.51
C PHE B 618 14.94 -35.39 -16.29
N ASP B 619 13.90 -36.13 -16.59
CA ASP B 619 13.88 -37.59 -16.35
C ASP B 619 14.83 -38.31 -17.29
N LYS B 620 14.86 -37.92 -18.56
CA LYS B 620 15.74 -38.55 -19.49
C LYS B 620 17.18 -38.41 -19.07
N ARG B 621 17.55 -37.25 -18.50
CA ARG B 621 18.93 -37.04 -18.07
C ARG B 621 19.21 -37.45 -16.60
N ASN B 622 18.30 -38.22 -16.00
CA ASN B 622 18.34 -38.56 -14.59
C ASN B 622 18.73 -37.40 -13.66
N GLU B 623 18.18 -36.21 -13.90
CA GLU B 623 18.38 -35.06 -13.01
C GLU B 623 17.28 -35.08 -11.97
N THR B 624 17.63 -34.61 -10.79
CA THR B 624 16.68 -34.51 -9.71
C THR B 624 16.23 -33.07 -9.61
N PRO B 625 14.94 -32.81 -9.93
CA PRO B 625 14.39 -31.47 -9.66
C PRO B 625 14.30 -31.19 -8.14
N ILE B 626 14.38 -29.93 -7.75
CA ILE B 626 13.98 -29.55 -6.39
C ILE B 626 12.47 -29.80 -6.19
N TYR B 627 11.63 -29.33 -7.12
CA TYR B 627 10.18 -29.63 -7.02
C TYR B 627 9.74 -30.13 -8.38
N GLU B 628 9.27 -31.39 -8.44
CA GLU B 628 8.94 -32.01 -9.69
C GLU B 628 7.55 -31.58 -10.19
N PHE B 629 7.39 -31.67 -11.50
CA PHE B 629 6.08 -31.58 -12.15
C PHE B 629 5.11 -32.38 -11.33
N GLY B 630 3.96 -31.79 -11.01
CA GLY B 630 2.91 -32.46 -10.22
C GLY B 630 3.08 -32.35 -8.70
N HIS B 631 4.13 -31.68 -8.22
CA HIS B 631 4.32 -31.61 -6.80
C HIS B 631 3.54 -30.44 -6.15
N GLY B 632 2.87 -30.74 -5.03
CA GLY B 632 2.23 -29.73 -4.20
C GLY B 632 1.83 -30.35 -2.86
N LEU B 633 1.95 -29.58 -1.78
CA LEU B 633 1.61 -30.10 -0.47
C LEU B 633 0.18 -29.65 -0.08
N SER B 634 -0.33 -30.23 0.99
CA SER B 634 -1.64 -29.95 1.50
C SER B 634 -1.58 -29.77 3.05
N TYR B 635 -2.59 -29.15 3.67
CA TYR B 635 -2.66 -29.16 5.11
C TYR B 635 -3.13 -30.52 5.65
N THR B 636 -3.40 -31.49 4.75
CA THR B 636 -3.75 -32.85 5.17
C THR B 636 -2.84 -33.79 4.41
N THR B 637 -2.94 -35.09 4.64
CA THR B 637 -2.14 -36.06 3.88
C THR B 637 -3.11 -37.00 3.17
N PHE B 638 -2.64 -37.65 2.10
CA PHE B 638 -3.48 -38.64 1.37
C PHE B 638 -2.75 -39.95 1.16
N ASN B 639 -3.53 -41.01 0.96
CA ASN B 639 -3.02 -42.35 0.69
C ASN B 639 -3.62 -42.90 -0.58
N TYR B 640 -2.76 -43.47 -1.39
CA TYR B 640 -3.16 -44.08 -2.67
C TYR B 640 -2.90 -45.53 -2.59
N SER B 641 -3.88 -46.34 -2.93
CA SER B 641 -3.70 -47.79 -2.84
C SER B 641 -4.71 -48.57 -3.72
N GLY B 642 -4.60 -49.91 -3.74
CA GLY B 642 -5.51 -50.75 -4.49
C GLY B 642 -5.66 -50.47 -5.97
N LEU B 643 -4.55 -50.54 -6.72
CA LEU B 643 -4.56 -50.37 -8.17
C LEU B 643 -5.27 -51.53 -8.87
N HIS B 644 -6.32 -51.31 -9.64
CA HIS B 644 -7.00 -52.37 -10.43
C HIS B 644 -7.05 -51.98 -11.91
N ILE B 645 -6.70 -52.91 -12.76
CA ILE B 645 -6.67 -52.69 -14.21
C ILE B 645 -7.63 -53.66 -14.88
N GLN B 646 -8.37 -53.20 -15.87
CA GLN B 646 -9.37 -54.02 -16.55
C GLN B 646 -9.39 -53.64 -18.05
N VAL B 647 -9.27 -54.66 -18.89
CA VAL B 647 -9.39 -54.55 -20.33
C VAL B 647 -10.87 -54.37 -20.68
N LEU B 648 -11.19 -53.39 -21.53
CA LEU B 648 -12.60 -53.13 -21.92
C LEU B 648 -12.89 -53.77 -23.30
N ASN B 649 -14.16 -53.98 -23.65
CA ASN B 649 -14.51 -54.54 -24.98
C ASN B 649 -14.42 -53.48 -26.07
N ALA B 657 -15.48 -42.93 -43.01
CA ALA B 657 -15.51 -42.28 -44.35
C ALA B 657 -14.12 -42.29 -44.99
N THR B 658 -14.05 -42.67 -46.27
CA THR B 658 -12.72 -42.76 -46.92
C THR B 658 -12.41 -41.69 -48.01
N GLU B 659 -13.44 -41.07 -48.58
CA GLU B 659 -13.32 -39.92 -49.51
C GLU B 659 -14.19 -38.72 -48.98
N THR B 660 -13.86 -37.48 -49.30
CA THR B 660 -14.76 -36.35 -48.97
C THR B 660 -15.79 -36.12 -50.13
N GLY B 661 -16.72 -35.18 -49.96
CA GLY B 661 -17.57 -34.69 -51.05
C GLY B 661 -16.67 -33.85 -51.96
N ALA B 662 -17.16 -33.50 -53.16
CA ALA B 662 -16.46 -32.52 -54.01
C ALA B 662 -16.59 -31.13 -53.34
N ALA B 663 -15.68 -30.20 -53.59
CA ALA B 663 -15.88 -28.87 -52.99
C ALA B 663 -17.10 -28.15 -53.53
N PRO B 664 -17.99 -27.69 -52.64
CA PRO B 664 -19.23 -26.99 -53.06
C PRO B 664 -19.01 -25.50 -53.36
N THR B 665 -19.89 -24.92 -54.16
CA THR B 665 -19.98 -23.47 -54.19
C THR B 665 -21.36 -23.04 -53.68
N PHE B 666 -21.44 -21.87 -53.06
CA PHE B 666 -22.69 -21.39 -52.46
C PHE B 666 -22.97 -19.99 -53.01
N GLY B 667 -23.99 -19.87 -53.86
CA GLY B 667 -24.32 -18.57 -54.46
C GLY B 667 -23.47 -18.24 -55.69
N GLN B 668 -23.64 -17.02 -56.22
CA GLN B 668 -23.09 -16.63 -57.55
C GLN B 668 -22.03 -15.49 -57.55
N VAL B 669 -21.14 -15.58 -58.52
CA VAL B 669 -20.18 -14.52 -58.82
C VAL B 669 -20.51 -13.85 -60.18
N GLY B 670 -20.61 -12.52 -60.22
CA GLY B 670 -20.92 -11.77 -61.43
C GLY B 670 -19.69 -11.16 -62.13
N ASN B 671 -19.93 -10.17 -63.00
CA ASN B 671 -18.85 -9.44 -63.72
C ASN B 671 -18.12 -8.57 -62.69
N ALA B 672 -16.96 -8.04 -63.04
CA ALA B 672 -16.24 -7.15 -62.15
C ALA B 672 -17.08 -5.94 -61.68
N SER B 673 -17.95 -5.46 -62.57
CA SER B 673 -18.60 -4.19 -62.37
C SER B 673 -19.58 -4.24 -61.22
N ASP B 674 -19.98 -5.44 -60.83
CA ASP B 674 -20.81 -5.65 -59.64
C ASP B 674 -20.08 -5.32 -58.33
N TYR B 675 -18.75 -5.27 -58.35
CA TYR B 675 -17.93 -5.11 -57.13
C TYR B 675 -17.12 -3.81 -57.03
N VAL B 676 -17.45 -2.84 -57.89
CA VAL B 676 -16.85 -1.50 -57.84
C VAL B 676 -17.44 -0.77 -56.62
N TYR B 677 -16.70 0.17 -56.04
CA TYR B 677 -17.23 0.93 -54.93
C TYR B 677 -18.60 1.51 -55.26
N PRO B 678 -19.55 1.32 -54.34
CA PRO B 678 -20.86 1.93 -54.51
C PRO B 678 -20.66 3.42 -54.57
N GLU B 679 -21.49 4.08 -55.34
CA GLU B 679 -21.31 5.50 -55.57
C GLU B 679 -21.67 6.42 -54.39
N GLY B 680 -22.67 6.06 -53.61
CA GLY B 680 -23.04 6.96 -52.52
C GLY B 680 -22.11 6.93 -51.31
N LEU B 681 -21.12 6.04 -51.33
CA LEU B 681 -20.46 5.67 -50.12
C LEU B 681 -19.23 6.53 -49.88
N THR B 682 -19.14 7.14 -48.70
CA THR B 682 -17.92 7.87 -48.28
C THR B 682 -16.81 6.94 -47.75
N ARG B 683 -15.70 6.83 -48.44
CA ARG B 683 -14.66 5.89 -48.07
C ARG B 683 -13.85 6.47 -46.91
N ILE B 684 -13.90 5.88 -45.73
CA ILE B 684 -13.13 6.32 -44.60
C ILE B 684 -11.64 6.04 -44.82
N SER B 685 -10.77 7.00 -44.48
CA SER B 685 -9.35 6.80 -44.73
C SER B 685 -8.85 5.59 -43.93
N LYS B 686 -7.96 4.83 -44.58
CA LYS B 686 -7.30 3.65 -44.00
C LYS B 686 -8.24 2.46 -43.83
N PHE B 687 -9.54 2.68 -44.03
CA PHE B 687 -10.54 1.61 -43.84
C PHE B 687 -10.41 0.58 -44.97
N ILE B 688 -10.41 -0.71 -44.60
CA ILE B 688 -10.31 -1.77 -45.62
C ILE B 688 -11.66 -2.22 -46.12
N TYR B 689 -11.87 -2.14 -47.43
CA TYR B 689 -13.14 -2.53 -48.07
C TYR B 689 -12.94 -3.72 -49.00
N PRO B 690 -14.05 -4.40 -49.39
CA PRO B 690 -13.93 -5.53 -50.30
C PRO B 690 -13.96 -5.11 -51.79
N TRP B 691 -14.14 -3.82 -52.05
CA TRP B 691 -14.45 -3.32 -53.38
C TRP B 691 -13.31 -2.88 -54.32
N LEU B 692 -13.66 -2.74 -55.59
CA LEU B 692 -12.70 -2.40 -56.64
C LEU B 692 -12.87 -0.93 -57.09
N ASN B 693 -11.75 -0.27 -57.38
CA ASN B 693 -11.84 1.09 -57.93
C ASN B 693 -12.55 1.08 -59.27
N SER B 694 -12.24 0.06 -60.08
CA SER B 694 -12.81 0.01 -61.42
C SER B 694 -12.78 -1.42 -61.88
N THR B 695 -13.37 -1.70 -63.05
CA THR B 695 -13.40 -3.05 -63.64
C THR B 695 -11.99 -3.47 -64.13
N ASP B 696 -11.03 -2.53 -64.10
CA ASP B 696 -9.65 -2.88 -64.43
C ASP B 696 -9.04 -3.58 -63.16
N LEU B 697 -8.78 -4.89 -63.29
CA LEU B 697 -8.46 -5.73 -62.14
C LEU B 697 -7.06 -5.41 -61.68
N LYS B 698 -6.14 -5.52 -62.61
CA LYS B 698 -4.77 -5.09 -62.39
C LYS B 698 -4.66 -3.74 -61.69
N ALA B 699 -5.34 -2.73 -62.20
CA ALA B 699 -5.14 -1.38 -61.67
C ALA B 699 -5.85 -1.29 -60.31
N SER B 700 -6.97 -1.99 -60.15
CA SER B 700 -7.68 -1.98 -58.90
C SER B 700 -6.88 -2.67 -57.77
N SER B 701 -5.98 -3.60 -58.16
CA SER B 701 -5.21 -4.36 -57.17
C SER B 701 -3.99 -3.61 -56.70
N GLY B 702 -3.35 -2.89 -57.61
CA GLY B 702 -2.10 -2.21 -57.29
C GLY B 702 -0.92 -3.13 -56.95
N ASP B 703 -1.07 -4.45 -57.12
CA ASP B 703 0.03 -5.38 -56.87
C ASP B 703 1.10 -5.28 -57.95
N PRO B 704 2.35 -4.99 -57.56
CA PRO B 704 3.44 -4.99 -58.54
C PRO B 704 3.61 -6.33 -59.21
N TYR B 705 3.22 -7.40 -58.55
CA TYR B 705 3.33 -8.74 -59.15
C TYR B 705 2.10 -9.27 -59.87
N TYR B 706 1.06 -8.43 -60.01
CA TYR B 706 -0.24 -8.88 -60.49
C TYR B 706 -0.12 -9.53 -61.85
N GLY B 707 -0.60 -10.75 -61.99
CA GLY B 707 -0.61 -11.42 -63.29
C GLY B 707 0.70 -11.94 -63.78
N VAL B 708 1.75 -11.87 -62.94
CA VAL B 708 3.11 -12.29 -63.33
C VAL B 708 3.43 -13.66 -62.73
N ASP B 709 3.65 -14.61 -63.61
CA ASP B 709 4.02 -15.97 -63.26
C ASP B 709 3.03 -16.65 -62.35
N THR B 710 1.75 -16.36 -62.50
CA THR B 710 0.79 -16.79 -61.48
C THR B 710 0.73 -18.28 -61.26
N ALA B 711 0.60 -19.08 -62.33
CA ALA B 711 0.46 -20.51 -62.18
C ALA B 711 1.70 -21.13 -61.51
N GLU B 712 2.87 -20.58 -61.80
CA GLU B 712 4.10 -21.12 -61.19
C GLU B 712 4.15 -20.82 -59.69
N HIS B 713 3.31 -19.88 -59.20
CA HIS B 713 3.30 -19.49 -57.78
C HIS B 713 2.09 -20.14 -57.02
N VAL B 714 1.29 -20.90 -57.74
CA VAL B 714 0.19 -21.69 -57.18
C VAL B 714 0.61 -23.16 -57.13
N PRO B 715 0.90 -23.69 -55.90
CA PRO B 715 1.38 -25.09 -55.79
C PRO B 715 0.40 -26.07 -56.40
N GLU B 716 0.91 -27.17 -56.90
CA GLU B 716 0.06 -28.22 -57.46
C GLU B 716 -1.07 -28.67 -56.50
N GLY B 717 -2.27 -28.81 -57.06
CA GLY B 717 -3.47 -29.23 -56.31
C GLY B 717 -4.15 -28.09 -55.52
N ALA B 718 -3.56 -26.90 -55.49
CA ALA B 718 -4.16 -25.87 -54.63
C ALA B 718 -5.53 -25.47 -55.13
N THR B 719 -5.85 -25.76 -56.40
CA THR B 719 -7.20 -25.45 -56.91
C THR B 719 -8.06 -26.69 -57.18
N ASP B 720 -7.62 -27.83 -56.69
CA ASP B 720 -8.34 -29.07 -56.89
C ASP B 720 -9.61 -29.21 -56.03
N GLY B 721 -10.78 -29.02 -56.61
CA GLY B 721 -12.05 -29.10 -55.91
C GLY B 721 -12.69 -30.48 -55.85
N SER B 722 -11.98 -31.51 -56.25
CA SER B 722 -12.58 -32.82 -56.43
C SER B 722 -12.52 -33.60 -55.11
N PRO B 723 -13.28 -34.69 -54.99
CA PRO B 723 -13.25 -35.44 -53.73
C PRO B 723 -11.84 -35.85 -53.39
N GLN B 724 -11.51 -35.78 -52.10
CA GLN B 724 -10.16 -36.06 -51.60
C GLN B 724 -10.19 -37.29 -50.71
N PRO B 725 -9.04 -38.01 -50.62
CA PRO B 725 -8.86 -39.12 -49.69
C PRO B 725 -8.93 -38.58 -48.25
N VAL B 726 -9.52 -39.35 -47.35
CA VAL B 726 -9.56 -38.96 -45.94
C VAL B 726 -8.31 -39.59 -45.33
N LEU B 727 -7.53 -38.83 -44.56
CA LEU B 727 -6.31 -39.40 -44.03
C LEU B 727 -6.63 -40.50 -42.97
N PRO B 728 -5.74 -41.50 -42.85
CA PRO B 728 -5.93 -42.59 -41.88
C PRO B 728 -6.06 -42.10 -40.42
N ALA B 729 -5.32 -41.07 -40.04
CA ALA B 729 -5.40 -40.50 -38.67
C ALA B 729 -6.50 -39.45 -38.58
N GLY B 730 -7.29 -39.33 -39.66
CA GLY B 730 -8.29 -38.26 -39.84
C GLY B 730 -9.73 -38.75 -39.74
N GLY B 731 -10.69 -37.96 -40.16
CA GLY B 731 -12.02 -38.51 -40.28
C GLY B 731 -12.97 -38.26 -39.14
N GLY B 732 -12.53 -37.62 -38.08
CA GLY B 732 -13.41 -37.44 -36.96
C GLY B 732 -13.23 -36.04 -36.51
N SER B 733 -13.38 -35.77 -35.21
CA SER B 733 -13.08 -34.45 -34.68
C SER B 733 -12.00 -34.60 -33.65
N GLY B 734 -10.85 -33.93 -33.85
CA GLY B 734 -9.65 -34.20 -33.08
C GLY B 734 -8.90 -35.46 -33.51
N GLY B 735 -9.17 -35.90 -34.75
CA GLY B 735 -8.53 -37.10 -35.30
C GLY B 735 -9.57 -38.20 -35.42
N ASN B 736 -9.19 -39.30 -36.05
CA ASN B 736 -10.03 -40.51 -36.23
C ASN B 736 -10.88 -40.95 -35.00
N PRO B 737 -12.18 -41.22 -35.17
CA PRO B 737 -12.85 -41.54 -33.90
C PRO B 737 -12.26 -42.75 -33.14
N ARG B 738 -11.68 -43.70 -33.86
CA ARG B 738 -11.02 -44.89 -33.32
C ARG B 738 -10.03 -44.51 -32.18
N LEU B 739 -9.52 -43.30 -32.19
CA LEU B 739 -8.47 -43.13 -31.26
C LEU B 739 -9.02 -42.75 -29.87
N TYR B 740 -10.34 -42.55 -29.82
CA TYR B 740 -11.06 -42.27 -28.56
C TYR B 740 -11.81 -43.43 -27.90
N ASP B 741 -11.68 -44.61 -28.51
CA ASP B 741 -12.08 -45.86 -27.91
C ASP B 741 -11.35 -46.02 -26.59
N GLU B 742 -12.10 -46.44 -25.60
CA GLU B 742 -11.56 -46.69 -24.31
C GLU B 742 -11.10 -48.14 -24.29
N LEU B 743 -9.81 -48.35 -24.12
CA LEU B 743 -9.19 -49.66 -24.18
C LEU B 743 -8.94 -50.27 -22.79
N ILE B 744 -8.58 -49.46 -21.79
CA ILE B 744 -8.26 -49.97 -20.48
C ILE B 744 -8.90 -49.12 -19.39
N ARG B 745 -9.49 -49.76 -18.38
CA ARG B 745 -9.98 -49.03 -17.21
C ARG B 745 -9.01 -49.21 -16.04
N VAL B 746 -8.70 -48.11 -15.34
CA VAL B 746 -7.78 -48.09 -14.18
C VAL B 746 -8.51 -47.52 -12.93
N SER B 747 -8.28 -48.14 -11.77
CA SER B 747 -8.90 -47.72 -10.54
C SER B 747 -7.95 -47.71 -9.38
N VAL B 748 -8.17 -46.80 -8.45
CA VAL B 748 -7.44 -46.80 -7.19
C VAL B 748 -8.32 -46.18 -6.13
N THR B 749 -7.95 -46.43 -4.89
CA THR B 749 -8.57 -45.89 -3.73
C THR B 749 -7.70 -44.78 -3.17
N VAL B 750 -8.36 -43.67 -2.87
CA VAL B 750 -7.71 -42.50 -2.34
C VAL B 750 -8.36 -42.17 -1.00
N LYS B 751 -7.53 -42.02 0.05
CA LYS B 751 -8.01 -41.75 1.40
C LYS B 751 -7.35 -40.48 1.94
N ASN B 752 -8.14 -39.63 2.61
CA ASN B 752 -7.59 -38.44 3.33
C ASN B 752 -7.20 -38.99 4.69
N THR B 753 -5.91 -39.03 4.99
CA THR B 753 -5.46 -39.64 6.24
C THR B 753 -5.03 -38.58 7.23
N GLY B 754 -5.23 -37.29 6.95
CA GLY B 754 -4.88 -36.25 7.90
C GLY B 754 -6.12 -35.76 8.60
N ARG B 755 -6.11 -34.50 9.02
CA ARG B 755 -7.16 -33.97 9.92
C ARG B 755 -7.88 -32.78 9.30
N VAL B 756 -7.58 -32.49 8.04
CA VAL B 756 -8.22 -31.33 7.36
C VAL B 756 -8.87 -31.81 6.05
N ALA B 757 -10.16 -31.55 5.89
CA ALA B 757 -10.80 -31.57 4.55
C ALA B 757 -9.90 -30.91 3.47
N GLY B 758 -9.88 -31.48 2.28
CA GLY B 758 -9.07 -30.93 1.24
C GLY B 758 -9.14 -31.72 -0.04
N ASP B 759 -8.35 -31.31 -1.03
CA ASP B 759 -8.38 -31.97 -2.31
C ASP B 759 -7.11 -32.72 -2.59
N ALA B 760 -7.29 -33.89 -3.17
CA ALA B 760 -6.20 -34.71 -3.61
C ALA B 760 -6.18 -34.54 -5.12
N VAL B 761 -4.99 -34.56 -5.71
CA VAL B 761 -4.87 -34.62 -7.15
C VAL B 761 -4.16 -35.92 -7.54
N PRO B 762 -4.93 -37.02 -7.70
CA PRO B 762 -4.35 -38.25 -8.25
C PRO B 762 -3.85 -38.07 -9.69
N GLN B 763 -2.69 -38.65 -10.04
CA GLN B 763 -2.14 -38.49 -11.38
C GLN B 763 -1.74 -39.86 -11.93
N LEU B 764 -2.13 -40.10 -13.18
CA LEU B 764 -1.81 -41.37 -13.84
C LEU B 764 -0.87 -41.12 -15.02
N TYR B 765 0.26 -41.81 -14.99
CA TYR B 765 1.34 -41.69 -15.98
C TYR B 765 1.43 -43.05 -16.67
N VAL B 766 1.79 -43.05 -17.93
CA VAL B 766 2.08 -44.33 -18.56
C VAL B 766 3.51 -44.30 -19.00
N SER B 767 4.03 -45.49 -19.19
CA SER B 767 5.31 -45.71 -19.89
C SER B 767 4.96 -46.49 -21.15
N LEU B 768 5.18 -45.87 -22.30
CA LEU B 768 4.82 -46.45 -23.57
C LEU B 768 5.89 -47.43 -24.09
N GLY B 769 7.09 -47.40 -23.50
CA GLY B 769 8.20 -48.32 -23.83
C GLY B 769 8.93 -48.00 -25.12
N GLY B 770 10.09 -48.59 -25.31
CA GLY B 770 10.89 -48.28 -26.50
C GLY B 770 12.04 -47.37 -26.15
N PRO B 771 13.17 -47.47 -26.90
CA PRO B 771 14.39 -46.71 -26.60
C PRO B 771 14.20 -45.20 -26.64
N ASN B 772 13.21 -44.69 -27.35
CA ASN B 772 13.07 -43.25 -27.45
C ASN B 772 11.96 -42.62 -26.66
N GLU B 773 11.28 -43.36 -25.81
CA GLU B 773 10.16 -42.81 -25.16
C GLU B 773 10.51 -42.25 -23.80
N PRO B 774 9.85 -41.16 -23.39
CA PRO B 774 9.99 -40.68 -22.02
C PRO B 774 9.67 -41.81 -21.01
N LYS B 775 10.38 -41.84 -19.88
CA LYS B 775 10.14 -42.85 -18.83
C LYS B 775 8.72 -42.84 -18.37
N VAL B 776 8.16 -41.65 -18.12
CA VAL B 776 6.74 -41.53 -17.69
C VAL B 776 6.11 -40.36 -18.46
N VAL B 777 4.83 -40.49 -18.83
CA VAL B 777 4.09 -39.41 -19.48
C VAL B 777 2.68 -39.33 -18.87
N LEU B 778 2.29 -38.15 -18.40
CA LEU B 778 0.97 -37.94 -17.78
C LEU B 778 -0.16 -38.32 -18.73
N ARG B 779 -1.24 -38.91 -18.24
CA ARG B 779 -2.38 -39.23 -19.13
C ARG B 779 -3.71 -38.88 -18.53
N LYS B 780 -3.89 -39.02 -17.23
CA LYS B 780 -5.16 -38.68 -16.57
C LYS B 780 -4.90 -38.06 -15.20
N PHE B 781 -5.88 -37.32 -14.71
CA PHE B 781 -5.79 -36.71 -13.39
C PHE B 781 -7.18 -36.25 -13.05
N ASP B 782 -7.37 -35.89 -11.80
CA ASP B 782 -8.61 -35.28 -11.32
C ASP B 782 -8.28 -34.61 -10.00
N ARG B 783 -9.22 -33.79 -9.53
CA ARG B 783 -9.09 -33.16 -8.27
C ARG B 783 -10.28 -33.61 -7.43
N LEU B 784 -10.01 -34.46 -6.44
CA LEU B 784 -11.01 -35.09 -5.62
C LEU B 784 -11.01 -34.53 -4.18
N THR B 785 -12.20 -34.10 -3.73
CA THR B 785 -12.40 -33.51 -2.45
C THR B 785 -12.70 -34.58 -1.39
N LEU B 786 -11.92 -34.64 -0.32
CA LEU B 786 -12.10 -35.64 0.70
C LEU B 786 -12.05 -35.04 2.12
N LYS B 787 -12.97 -35.43 2.97
CA LYS B 787 -12.88 -34.99 4.36
C LYS B 787 -11.94 -35.91 5.11
N PRO B 788 -11.55 -35.53 6.36
CA PRO B 788 -10.61 -36.38 7.10
C PRO B 788 -11.17 -37.80 7.17
N SER B 789 -10.34 -38.82 6.82
CA SER B 789 -10.73 -40.23 6.87
C SER B 789 -11.59 -40.65 5.70
N GLU B 790 -12.11 -39.73 4.91
CA GLU B 790 -12.96 -40.11 3.80
C GLU B 790 -12.16 -40.78 2.70
N GLU B 791 -12.74 -41.80 2.06
CA GLU B 791 -12.10 -42.51 0.95
C GLU B 791 -12.96 -42.38 -0.27
N THR B 792 -12.35 -42.51 -1.43
CA THR B 792 -13.10 -42.62 -2.67
C THR B 792 -12.37 -43.55 -3.67
N VAL B 793 -13.13 -44.16 -4.58
CA VAL B 793 -12.48 -44.82 -5.70
C VAL B 793 -12.32 -43.86 -6.89
N TRP B 794 -11.11 -43.73 -7.40
CA TRP B 794 -10.91 -42.97 -8.61
C TRP B 794 -10.79 -43.98 -9.76
N THR B 795 -11.74 -43.88 -10.69
CA THR B 795 -11.72 -44.70 -11.87
C THR B 795 -11.54 -43.84 -13.09
N THR B 796 -10.68 -44.31 -13.99
CA THR B 796 -10.43 -43.57 -15.22
C THR B 796 -10.14 -44.55 -16.43
N THR B 797 -10.14 -44.06 -17.66
CA THR B 797 -9.92 -44.99 -18.75
C THR B 797 -8.75 -44.53 -19.61
N LEU B 798 -8.08 -45.46 -20.31
CA LEU B 798 -7.07 -45.08 -21.31
C LEU B 798 -7.62 -45.29 -22.72
N THR B 799 -7.55 -44.26 -23.53
CA THR B 799 -7.96 -44.39 -24.91
C THR B 799 -6.88 -45.07 -25.76
N ARG B 800 -7.24 -45.46 -27.00
CA ARG B 800 -6.22 -45.83 -27.98
C ARG B 800 -5.17 -44.68 -28.19
N ARG B 801 -5.62 -43.43 -28.35
CA ARG B 801 -4.66 -42.34 -28.41
C ARG B 801 -3.67 -42.34 -27.24
N ASP B 802 -4.21 -42.49 -26.01
CA ASP B 802 -3.39 -42.47 -24.80
C ASP B 802 -2.27 -43.50 -24.83
N LEU B 803 -2.45 -44.59 -25.58
CA LEU B 803 -1.43 -45.67 -25.62
C LEU B 803 -0.53 -45.69 -26.85
N SER B 804 -0.63 -44.67 -27.69
CA SER B 804 -0.06 -44.68 -29.02
C SER B 804 1.18 -43.78 -29.17
N ASN B 805 1.93 -44.01 -30.22
CA ASN B 805 2.98 -43.14 -30.63
C ASN B 805 2.70 -42.80 -32.07
N TRP B 806 3.16 -41.64 -32.51
CA TRP B 806 2.85 -41.27 -33.88
C TRP B 806 3.85 -41.96 -34.82
N ASP B 807 3.35 -42.78 -35.74
CA ASP B 807 4.25 -43.50 -36.66
C ASP B 807 4.37 -42.73 -37.96
N VAL B 808 5.53 -42.15 -38.19
CA VAL B 808 5.82 -41.33 -39.37
C VAL B 808 5.60 -42.08 -40.72
N ALA B 809 6.07 -43.33 -40.81
CA ALA B 809 5.89 -44.14 -42.01
C ALA B 809 4.39 -44.37 -42.30
N ALA B 810 3.60 -44.70 -41.28
CA ALA B 810 2.18 -44.97 -41.47
C ALA B 810 1.33 -43.68 -41.53
N GLN B 811 1.90 -42.55 -41.10
CA GLN B 811 1.12 -41.32 -40.95
C GLN B 811 -0.09 -41.61 -40.07
N ASP B 812 0.15 -42.33 -38.97
CA ASP B 812 -0.93 -42.68 -38.05
C ASP B 812 -0.42 -42.94 -36.60
N TRP B 813 -1.36 -42.95 -35.66
CA TRP B 813 -1.10 -43.39 -34.31
C TRP B 813 -1.14 -44.90 -34.22
N VAL B 814 -0.07 -45.47 -33.69
CA VAL B 814 0.12 -46.92 -33.56
C VAL B 814 0.42 -47.26 -32.10
N ILE B 815 -0.16 -48.34 -31.59
CA ILE B 815 0.25 -48.86 -30.28
C ILE B 815 1.45 -49.79 -30.52
N THR B 816 2.61 -49.37 -30.05
CA THR B 816 3.78 -50.10 -30.41
C THR B 816 3.85 -51.39 -29.56
N SER B 817 4.73 -52.30 -29.99
CA SER B 817 4.79 -53.64 -29.41
C SER B 817 5.62 -53.68 -28.13
N TYR B 818 6.33 -52.62 -27.79
CA TYR B 818 7.02 -52.55 -26.51
C TYR B 818 5.98 -52.62 -25.40
N PRO B 819 6.31 -53.30 -24.28
CA PRO B 819 5.31 -53.48 -23.20
C PRO B 819 5.17 -52.17 -22.44
N LYS B 820 3.99 -51.89 -21.91
CA LYS B 820 3.73 -50.59 -21.32
C LYS B 820 3.39 -50.76 -19.88
N LYS B 821 3.69 -49.74 -19.08
CA LYS B 821 3.36 -49.78 -17.66
C LYS B 821 2.43 -48.64 -17.33
N VAL B 822 1.71 -48.75 -16.22
CA VAL B 822 0.91 -47.64 -15.71
C VAL B 822 1.37 -47.28 -14.30
N HIS B 823 1.45 -45.97 -13.99
CA HIS B 823 1.79 -45.50 -12.64
C HIS B 823 0.78 -44.47 -12.09
N VAL B 824 0.39 -44.62 -10.83
CA VAL B 824 -0.54 -43.68 -10.15
C VAL B 824 0.08 -43.22 -8.83
N GLY B 825 -0.06 -41.92 -8.59
CA GLY B 825 0.51 -41.33 -7.40
C GLY B 825 0.16 -39.85 -7.30
N SER B 826 0.96 -39.16 -6.49
CA SER B 826 0.71 -37.74 -6.14
C SER B 826 1.60 -36.78 -6.92
N SER B 827 2.55 -37.31 -7.73
CA SER B 827 3.48 -36.50 -8.51
C SER B 827 4.24 -37.34 -9.54
N SER B 828 4.99 -36.69 -10.44
CA SER B 828 5.69 -37.44 -11.48
C SER B 828 6.83 -38.29 -10.91
N ARG B 829 7.20 -37.98 -9.65
CA ARG B 829 8.29 -38.67 -8.93
C ARG B 829 7.80 -39.50 -7.74
N GLN B 830 6.52 -39.38 -7.38
CA GLN B 830 5.98 -40.06 -6.21
C GLN B 830 4.86 -40.91 -6.72
N LEU B 831 5.22 -42.17 -7.02
CA LEU B 831 4.36 -43.06 -7.78
C LEU B 831 4.43 -44.42 -7.15
N PRO B 832 3.70 -44.59 -6.02
CA PRO B 832 3.83 -45.85 -5.32
C PRO B 832 3.09 -46.98 -6.00
N LEU B 833 2.14 -46.66 -6.88
CA LEU B 833 1.31 -47.70 -7.51
C LEU B 833 1.68 -47.85 -9.01
N HIS B 834 2.02 -49.08 -9.40
CA HIS B 834 2.44 -49.35 -10.76
C HIS B 834 2.10 -50.79 -11.08
N ALA B 835 1.88 -51.07 -12.36
CA ALA B 835 1.59 -52.40 -12.86
C ALA B 835 1.92 -52.45 -14.35
N ALA B 836 2.11 -53.66 -14.84
CA ALA B 836 2.28 -53.91 -16.27
C ALA B 836 0.90 -53.80 -16.90
N LEU B 837 0.80 -53.20 -18.08
CA LEU B 837 -0.50 -53.17 -18.75
C LEU B 837 -0.67 -54.34 -19.68
N PRO B 838 -1.90 -54.89 -19.75
CA PRO B 838 -2.08 -55.99 -20.70
C PRO B 838 -2.02 -55.44 -22.12
N LYS B 839 -1.40 -56.20 -23.03
CA LYS B 839 -1.35 -55.95 -24.47
C LYS B 839 -2.76 -55.62 -25.03
N VAL B 840 -2.89 -54.50 -25.70
CA VAL B 840 -4.21 -54.14 -26.27
C VAL B 840 -3.84 -53.56 -27.61
N GLN B 841 -4.77 -53.42 -28.54
CA GLN B 841 -4.38 -53.01 -29.92
C GLN B 841 -5.29 -51.99 -30.58
C1 NAG C . 21.19 5.62 44.20
C2 NAG C . 21.38 4.75 45.46
C3 NAG C . 22.17 3.49 45.19
C4 NAG C . 21.67 2.78 43.91
C5 NAG C . 21.46 3.76 42.76
C6 NAG C . 20.88 3.11 41.50
C7 NAG C . 21.25 5.78 47.65
C8 NAG C . 22.01 6.62 48.64
N2 NAG C . 21.94 5.50 46.54
O3 NAG C . 21.91 2.65 46.30
O4 NAG C . 22.67 1.85 43.53
O5 NAG C . 20.62 4.83 43.16
O6 NAG C . 19.51 2.83 41.68
O7 NAG C . 20.11 5.37 47.91
C1 NAG C . 22.27 0.49 43.66
C2 NAG C . 23.37 -0.30 42.96
C3 NAG C . 23.15 -1.78 43.14
C4 NAG C . 23.01 -2.20 44.61
C5 NAG C . 21.81 -1.35 45.05
C6 NAG C . 21.14 -1.71 46.38
C7 NAG C . 24.28 0.45 40.83
C8 NAG C . 23.96 0.64 39.38
N2 NAG C . 23.29 -0.04 41.56
O3 NAG C . 24.20 -2.45 42.47
O4 NAG C . 22.72 -3.60 44.65
O5 NAG C . 22.16 0.03 44.99
O6 NAG C . 21.71 -0.89 47.36
O7 NAG C . 25.41 0.72 41.25
C1 BMA C . 23.73 -4.39 45.32
C2 BMA C . 23.13 -5.21 46.46
C3 BMA C . 23.84 -6.54 46.74
C4 BMA C . 23.95 -7.27 45.38
C5 BMA C . 24.17 -6.40 44.10
C6 BMA C . 23.26 -6.88 43.00
O2 BMA C . 21.81 -5.49 46.09
O3 BMA C . 23.22 -7.28 47.84
O4 BMA C . 24.94 -8.29 45.43
O5 BMA C . 23.71 -5.06 44.08
O6 BMA C . 24.05 -7.35 41.97
C1 MAN C . 23.40 -8.44 41.34
C2 MAN C . 21.95 -8.80 41.65
C3 MAN C . 21.88 -10.07 42.49
C4 MAN C . 22.79 -11.18 41.91
C5 MAN C . 24.24 -10.78 41.50
C6 MAN C . 24.99 -11.79 40.56
O2 MAN C . 21.22 -8.95 40.45
O3 MAN C . 20.47 -10.35 42.56
O4 MAN C . 22.98 -12.18 42.86
O5 MAN C . 24.25 -9.50 40.87
O6 MAN C . 25.11 -13.16 40.96
C1 NAG D . 12.55 40.15 29.79
C2 NAG D . 12.04 39.81 31.19
C3 NAG D . 10.81 40.66 31.50
C4 NAG D . 11.12 42.12 31.25
C5 NAG D . 11.65 42.28 29.83
C6 NAG D . 12.09 43.71 29.52
C7 NAG D . 12.30 37.55 32.01
C8 NAG D . 11.71 36.15 32.13
N2 NAG D . 11.58 38.45 31.34
O3 NAG D . 10.35 40.42 32.82
O4 NAG D . 9.98 42.94 31.40
O5 NAG D . 12.82 41.51 29.84
O6 NAG D . 12.76 44.27 30.68
O7 NAG D . 13.40 37.87 32.47
C1 NAG D . 10.12 43.81 32.53
C2 NAG D . 9.04 44.87 32.34
C3 NAG D . 9.13 45.87 33.49
C4 NAG D . 8.99 45.14 34.85
C5 NAG D . 10.11 44.07 34.90
C6 NAG D . 10.22 43.29 36.22
C7 NAG D . 8.24 45.21 30.11
C8 NAG D . 8.42 45.86 28.76
N2 NAG D . 9.16 45.49 31.03
O3 NAG D . 8.18 46.89 33.30
O4 NAG D . 9.07 46.04 35.95
O5 NAG D . 9.96 43.17 33.79
O6 NAG D . 9.09 42.46 36.31
O7 NAG D . 7.32 44.43 30.38
C1 BMA D . 7.90 46.84 36.30
C2 BMA D . 8.29 46.92 37.77
C3 BMA D . 7.71 48.12 38.50
C4 BMA D . 7.36 49.33 37.61
C5 BMA D . 7.11 49.09 36.11
C6 BMA D . 7.17 50.41 35.28
O2 BMA D . 9.68 47.11 37.90
O3 BMA D . 8.71 48.47 39.46
O4 BMA D . 6.16 49.82 38.13
O5 BMA D . 8.10 48.13 35.76
O6 BMA D . 6.64 50.41 33.96
C1 NAG E . 31.07 18.91 39.05
C2 NAG E . 31.58 17.74 38.23
C3 NAG E . 32.75 18.16 37.32
C4 NAG E . 32.30 19.24 36.37
C5 NAG E . 31.65 20.37 37.20
C6 NAG E . 31.04 21.48 36.33
C7 NAG E . 31.44 15.40 39.12
C8 NAG E . 31.93 14.45 40.21
N2 NAG E . 31.89 16.65 39.15
O3 NAG E . 33.19 17.05 36.55
O4 NAG E . 33.40 19.82 35.71
O5 NAG E . 30.69 19.93 38.15
O6 NAG E . 30.60 22.57 37.13
O7 NAG E . 30.68 14.98 38.25
C1 NAG E . 33.90 19.12 34.58
C2 NAG E . 34.44 20.23 33.67
C3 NAG E . 35.15 19.65 32.46
C4 NAG E . 36.21 18.61 32.86
C5 NAG E . 35.52 17.58 33.75
C6 NAG E . 36.51 16.51 34.22
C7 NAG E . 32.23 20.83 32.70
C8 NAG E . 31.89 19.41 32.28
N2 NAG E . 33.35 21.13 33.32
O3 NAG E . 35.70 20.71 31.73
O4 NAG E . 36.83 17.97 31.75
O5 NAG E . 34.93 18.23 34.87
O6 NAG E . 36.77 16.70 35.60
O7 NAG E . 31.40 21.71 32.47
C1 NAG F . 30.64 23.95 47.01
C2 NAG F . 31.58 25.08 46.57
C3 NAG F . 31.18 25.70 45.22
C4 NAG F . 30.83 24.59 44.20
C5 NAG F . 29.99 23.45 44.82
C6 NAG F . 29.87 22.26 43.90
C7 NAG F . 32.79 26.36 48.32
C8 NAG F . 32.76 27.38 49.42
N2 NAG F . 31.64 26.07 47.64
O3 NAG F . 32.22 26.56 44.73
O4 NAG F . 30.09 25.07 43.08
O5 NAG F . 30.52 22.94 46.03
O6 NAG F . 31.18 21.78 43.65
O7 NAG F . 33.86 25.83 48.04
C1 NAG F . 30.79 25.73 42.02
C2 NAG F . 29.94 25.61 40.76
C3 NAG F . 30.44 26.51 39.63
C4 NAG F . 30.69 27.93 40.15
C5 NAG F . 31.50 27.90 41.44
C6 NAG F . 31.57 29.19 42.23
C7 NAG F . 28.85 23.43 40.65
C8 NAG F . 29.10 21.98 40.37
N2 NAG F . 29.90 24.19 40.48
O3 NAG F . 29.43 26.57 38.64
O4 NAG F . 31.39 28.62 39.13
O5 NAG F . 30.82 27.08 42.35
O6 NAG F . 32.53 28.99 43.27
O7 NAG F . 27.72 23.83 40.99
C1 BMA F . 30.84 29.90 38.91
C2 BMA F . 31.85 30.31 37.86
C3 BMA F . 31.39 31.58 37.18
C4 BMA F . 29.98 31.43 36.63
C5 BMA F . 29.07 30.86 37.74
C6 BMA F . 27.66 30.61 37.26
O2 BMA F . 31.90 29.35 36.86
O3 BMA F . 32.34 31.92 36.23
O4 BMA F . 29.52 32.71 36.28
O5 BMA F . 29.62 29.67 38.26
O6 BMA F . 27.75 29.94 36.00
C1 MAN F . 26.46 29.53 35.54
C2 MAN F . 26.82 28.83 34.23
C3 MAN F . 27.18 29.85 33.17
C4 MAN F . 26.11 30.93 33.11
C5 MAN F . 25.94 31.58 34.46
C6 MAN F . 24.91 32.70 34.42
O2 MAN F . 25.68 28.17 33.73
O3 MAN F . 27.18 29.29 31.87
O4 MAN F . 26.47 31.88 32.16
O5 MAN F . 25.52 30.59 35.37
O6 MAN F . 24.71 32.80 35.80
C1 MAN F . 28.53 29.10 31.43
C2 MAN F . 28.81 29.31 29.92
C3 MAN F . 27.93 28.35 29.15
C4 MAN F . 28.29 26.95 29.59
C5 MAN F . 28.17 26.76 31.09
C6 MAN F . 28.86 25.46 31.43
O2 MAN F . 30.17 29.05 29.57
O3 MAN F . 28.08 28.44 27.76
O4 MAN F . 27.33 26.10 29.09
O5 MAN F . 28.76 27.80 31.86
O6 MAN F . 28.54 25.33 32.80
C1 MAN F . 31.12 30.16 29.71
C2 MAN F . 32.31 29.72 28.84
C3 MAN F . 32.90 28.46 29.50
C4 MAN F . 33.33 28.75 30.93
C5 MAN F . 32.07 29.22 31.70
C6 MAN F . 32.26 29.41 33.21
O2 MAN F . 33.30 30.71 28.73
O3 MAN F . 33.93 27.86 28.75
O4 MAN F . 33.80 27.53 31.44
O5 MAN F . 31.54 30.40 31.07
O6 MAN F . 31.09 29.89 33.81
C1 MAN F . 23.97 33.93 36.23
C2 MAN F . 24.53 34.52 37.56
C3 MAN F . 24.72 33.41 38.57
C4 MAN F . 23.37 32.73 38.75
C5 MAN F . 22.81 32.31 37.37
C6 MAN F . 21.45 31.62 37.42
O2 MAN F . 23.55 35.38 38.11
O3 MAN F . 25.07 33.99 39.78
O4 MAN F . 23.43 31.69 39.73
O5 MAN F . 22.69 33.44 36.50
O6 MAN F . 21.18 31.18 36.13
C1 MAN F . 23.60 36.70 37.54
C2 MAN F . 23.00 37.71 38.54
C3 MAN F . 21.51 37.50 38.75
C4 MAN F . 20.78 37.46 37.38
C5 MAN F . 21.49 36.56 36.35
C6 MAN F . 20.89 36.82 34.97
O2 MAN F . 23.16 39.01 38.01
O3 MAN F . 21.08 38.66 39.40
O4 MAN F . 19.38 37.19 37.50
O5 MAN F . 22.91 36.77 36.31
O6 MAN F . 21.35 35.79 34.13
C1 MAN F . 32.31 33.36 36.10
C2 MAN F . 32.78 33.69 34.68
C3 MAN F . 34.18 33.14 34.46
C4 MAN F . 35.14 33.56 35.57
C5 MAN F . 34.52 33.34 36.94
C6 MAN F . 35.46 33.94 37.96
O2 MAN F . 32.82 35.09 34.55
O3 MAN F . 34.69 33.69 33.29
O4 MAN F . 36.31 32.78 35.50
O5 MAN F . 33.20 33.89 37.06
O6 MAN F . 34.87 33.82 39.24
C1 MAN F . 31.81 35.68 33.78
C2 MAN F . 32.62 36.62 32.89
C3 MAN F . 33.15 37.85 33.68
C4 MAN F . 32.23 38.40 34.75
C5 MAN F . 31.55 37.25 35.50
C6 MAN F . 30.52 37.75 36.50
O2 MAN F . 31.94 36.85 31.66
O3 MAN F . 33.46 38.93 32.85
O4 MAN F . 33.02 39.17 35.63
O5 MAN F . 30.92 36.39 34.60
O6 MAN F . 30.67 36.95 37.67
C1 NAG G . 12.24 7.97 1.98
C2 NAG G . 12.26 8.63 0.59
C3 NAG G . 13.65 9.09 0.13
C4 NAG G . 14.41 9.86 1.23
C5 NAG G . 14.39 9.03 2.54
C6 NAG G . 14.92 9.74 3.75
C7 NAG G . 10.52 7.64 -0.81
C8 NAG G . 10.18 6.51 -1.75
N2 NAG G . 11.75 7.65 -0.34
O3 NAG G . 13.44 9.85 -1.05
O4 NAG G . 15.73 10.12 0.83
O5 NAG G . 13.08 8.60 2.93
O6 NAG G . 14.17 10.94 3.87
O7 NAG G . 9.68 8.51 -0.52
C1 NAG G . 16.11 11.51 0.81
C2 NAG G . 17.65 11.57 0.75
C3 NAG G . 18.22 12.96 0.59
C4 NAG G . 17.40 13.90 -0.29
C5 NAG G . 15.88 13.61 -0.31
C6 NAG G . 15.16 14.18 -1.54
C7 NAG G . 18.47 9.76 2.08
C8 NAG G . 18.95 9.27 3.43
N2 NAG G . 18.14 11.05 2.01
O3 NAG G . 19.50 12.80 0.05
O4 NAG G . 17.60 15.21 0.20
O5 NAG G . 15.58 12.22 -0.28
O6 NAG G . 13.88 14.69 -1.18
O7 NAG G . 18.39 9.00 1.08
C1 BMA G . 18.65 15.96 -0.46
C2 BMA G . 18.37 17.46 -0.78
C3 BMA G . 19.57 18.02 -1.53
C4 BMA G . 20.84 17.79 -0.67
C5 BMA G . 21.03 16.35 -0.15
C6 BMA G . 22.10 16.29 0.96
O2 BMA G . 18.04 18.28 0.35
O3 BMA G . 19.28 19.38 -1.86
O4 BMA G . 21.99 18.14 -1.40
O5 BMA G . 19.81 15.79 0.35
O6 BMA G . 22.54 14.97 1.24
C1 NAG H . 9.65 24.06 0.38
C2 NAG H . 10.42 24.13 -0.94
C3 NAG H . 10.42 22.82 -1.68
C4 NAG H . 10.76 21.64 -0.76
C5 NAG H . 9.93 21.69 0.54
C6 NAG H . 10.32 20.64 1.59
C7 NAG H . 10.19 26.21 -2.02
C8 NAG H . 9.39 27.06 -2.97
N2 NAG H . 9.71 25.01 -1.83
O3 NAG H . 11.38 23.04 -2.69
O4 NAG H . 10.48 20.41 -1.42
O5 NAG H . 10.10 22.95 1.15
O6 NAG H . 11.72 20.59 1.77
O7 NAG H . 11.22 26.60 -1.44
C1 NAG H . 11.50 19.94 -2.31
C2 NAG H . 11.31 18.47 -2.51
C3 NAG H . 12.30 17.90 -3.55
C4 NAG H . 12.38 18.77 -4.82
C5 NAG H . 12.55 20.19 -4.31
C6 NAG H . 12.85 21.30 -5.33
C7 NAG H . 10.28 17.33 -0.72
C8 NAG H . 10.35 16.55 0.58
N2 NAG H . 11.43 17.77 -1.25
O3 NAG H . 11.92 16.57 -3.80
O4 NAG H . 13.54 18.44 -5.58
O5 NAG H . 11.39 20.50 -3.58
O6 NAG H . 11.77 21.30 -6.18
O7 NAG H . 9.20 17.55 -1.31
C1 BMA H . 13.21 17.84 -6.86
C2 BMA H . 14.47 17.81 -7.73
C3 BMA H . 14.06 17.48 -9.19
C4 BMA H . 13.21 16.20 -9.32
C5 BMA H . 12.00 16.30 -8.37
C6 BMA H . 11.34 14.94 -8.44
O2 BMA H . 15.37 16.86 -7.22
O3 BMA H . 15.18 17.41 -10.06
O4 BMA H . 12.77 15.95 -10.66
O5 BMA H . 12.44 16.62 -7.04
O6 BMA H . 12.04 14.10 -7.56
C1 MAN H . 11.90 12.68 -7.70
C2 MAN H . 13.05 11.71 -7.40
C3 MAN H . 13.92 11.48 -8.63
C4 MAN H . 12.99 11.07 -9.77
C5 MAN H . 11.94 12.19 -9.98
C6 MAN H . 11.00 12.04 -11.18
O2 MAN H . 12.57 10.50 -6.90
O3 MAN H . 15.11 10.71 -8.38
O4 MAN H . 13.75 11.00 -10.93
O5 MAN H . 11.15 12.34 -8.83
O6 MAN H . 10.25 10.85 -10.94
C1 MAN H . 9.61 10.25 -12.12
C2 MAN H . 8.67 9.07 -11.82
C3 MAN H . 9.50 7.98 -11.19
C4 MAN H . 10.47 7.44 -12.22
C5 MAN H . 11.29 8.62 -12.70
C6 MAN H . 11.99 8.13 -13.96
O2 MAN H . 8.10 8.47 -12.97
O3 MAN H . 8.71 6.92 -10.69
O4 MAN H . 11.32 6.47 -11.64
O5 MAN H . 10.49 9.73 -13.06
O6 MAN H . 13.26 8.71 -13.84
C1 MAN H . 7.04 9.26 -13.56
C2 MAN H . 6.11 8.23 -14.16
C3 MAN H . 6.87 7.46 -15.26
C4 MAN H . 7.56 8.36 -16.27
C5 MAN H . 8.29 9.55 -15.61
C6 MAN H . 8.75 10.55 -16.69
O2 MAN H . 4.95 8.87 -14.66
O3 MAN H . 6.01 6.66 -16.00
O4 MAN H . 8.41 7.54 -17.02
O5 MAN H . 7.47 10.14 -14.58
O6 MAN H . 8.98 11.83 -16.17
C1 MAN H . 14.95 18.20 -11.28
C2 MAN H . 15.88 17.67 -12.37
C3 MAN H . 17.29 17.80 -11.78
C4 MAN H . 17.66 19.20 -11.29
C5 MAN H . 16.46 19.85 -10.58
C6 MAN H . 16.63 21.34 -10.30
O2 MAN H . 15.68 18.31 -13.63
O3 MAN H . 18.23 17.37 -12.71
O4 MAN H . 18.70 19.05 -10.37
O5 MAN H . 15.23 19.59 -11.27
O6 MAN H . 15.40 21.78 -9.74
C1 NAG I . -12.52 20.71 -14.53
C2 NAG I . -11.56 21.25 -15.53
C3 NAG I . -12.12 21.02 -16.94
C4 NAG I . -12.43 19.54 -17.24
C5 NAG I . -13.32 19.01 -16.15
C6 NAG I . -13.35 17.47 -16.32
C7 NAG I . -10.43 23.33 -15.24
C8 NAG I . -10.59 24.80 -14.97
N2 NAG I . -11.54 22.65 -15.24
O3 NAG I . -11.21 21.54 -17.91
O4 NAG I . -13.05 19.29 -18.51
O5 NAG I . -12.81 19.36 -14.86
O6 NAG I . -14.66 17.04 -16.02
O7 NAG I . -9.33 22.81 -15.47
C1 NAG I . -12.15 18.89 -19.54
C2 NAG I . -12.96 18.24 -20.66
C3 NAG I . -12.03 17.92 -21.83
C4 NAG I . -11.18 19.12 -22.23
C5 NAG I . -10.54 19.85 -21.04
C6 NAG I . -10.11 21.24 -21.49
C7 NAG I . -14.84 16.89 -19.96
C8 NAG I . -15.25 15.53 -19.44
N2 NAG I . -13.53 17.02 -20.19
O3 NAG I . -12.79 17.55 -22.96
O4 NAG I . -10.19 18.66 -23.11
O5 NAG I . -11.52 20.02 -20.03
O6 NAG I . -11.27 21.91 -22.01
O7 NAG I . -15.64 17.82 -20.16
C1 BMA I . -10.44 19.18 -24.42
C2 BMA I . -9.05 19.25 -25.04
C3 BMA I . -9.15 19.86 -26.43
C4 BMA I . -10.19 19.11 -27.26
C5 BMA I . -11.58 19.19 -26.57
C6 BMA I . -12.71 18.41 -27.24
O2 BMA I . -8.36 18.02 -24.98
O3 BMA I . -7.87 20.02 -27.02
O4 BMA I . -10.21 19.71 -28.53
O5 BMA I . -11.45 18.66 -25.27
O6 BMA I . -12.20 17.08 -27.47
C1 MAN I . -13.11 16.14 -28.11
C2 MAN I . -12.31 14.83 -28.17
C3 MAN I . -11.07 14.95 -29.10
C4 MAN I . -11.49 15.49 -30.46
C5 MAN I . -12.30 16.80 -30.33
C6 MAN I . -12.63 17.59 -31.63
O2 MAN I . -13.11 13.76 -28.68
O3 MAN I . -10.61 13.65 -29.31
O4 MAN I . -10.29 15.61 -31.15
O5 MAN I . -13.42 16.52 -29.47
O6 MAN I . -13.96 18.16 -31.86
C1 MAN I . -9.21 13.45 -29.34
C2 MAN I . -8.92 11.96 -29.44
C3 MAN I . -9.27 11.27 -28.15
C4 MAN I . -8.45 11.91 -27.01
C5 MAN I . -8.90 13.38 -26.99
C6 MAN I . -8.43 14.34 -25.86
O2 MAN I . -7.55 11.70 -29.57
O3 MAN I . -9.14 9.86 -28.29
O4 MAN I . -8.88 11.25 -25.88
O5 MAN I . -8.54 13.95 -28.22
O6 MAN I . -7.15 13.96 -25.47
C1 MAN I . -7.08 11.93 -30.92
C2 MAN I . -6.17 10.77 -31.35
C3 MAN I . -4.95 10.69 -30.41
C4 MAN I . -4.18 12.02 -30.51
C5 MAN I . -5.17 13.18 -30.21
C6 MAN I . -4.53 14.54 -30.34
O2 MAN I . -5.75 10.91 -32.70
O3 MAN I . -4.18 9.49 -30.56
O4 MAN I . -3.14 12.04 -29.57
O5 MAN I . -6.35 13.15 -31.02
O6 MAN I . -5.49 15.30 -31.05
C1 NAG J . -18.38 -4.40 -45.68
C2 NAG J . -19.69 -3.91 -46.29
C3 NAG J . -19.83 -2.40 -46.28
C4 NAG J . -19.56 -1.87 -44.85
C5 NAG J . -18.27 -2.46 -44.30
C6 NAG J . -18.08 -2.19 -42.82
C7 NAG J . -20.66 -5.35 -47.95
C8 NAG J . -20.57 -5.76 -49.39
N2 NAG J . -19.76 -4.41 -47.64
O3 NAG J . -21.12 -2.02 -46.63
O4 NAG J . -19.38 -0.45 -44.93
O5 NAG J . -18.17 -3.86 -44.43
O6 NAG J . -19.21 -2.33 -41.99
O7 NAG J . -21.53 -5.80 -47.14
C1 NAG J . -20.48 0.27 -44.34
C2 NAG J . -20.12 1.77 -44.32
C3 NAG J . -21.29 2.62 -43.82
C4 NAG J . -22.51 2.39 -44.70
C5 NAG J . -22.79 0.89 -44.72
C6 NAG J . -23.90 0.57 -45.72
C7 NAG J . -17.90 2.54 -43.75
C8 NAG J . -16.83 2.67 -42.71
N2 NAG J . -19.04 1.95 -43.40
O3 NAG J . -20.89 3.96 -43.81
O4 NAG J . -23.69 2.89 -44.12
O5 NAG J . -21.66 0.10 -45.08
O6 NAG J . -24.40 -0.65 -45.27
O7 NAG J . -17.68 2.95 -44.88
C1 BMA J . -24.11 4.18 -44.59
C2 BMA J . -25.61 4.34 -44.72
C3 BMA J . -25.83 5.83 -45.04
C4 BMA J . -25.13 6.78 -44.07
C5 BMA J . -23.63 6.42 -43.85
C6 BMA J . -23.06 7.27 -42.71
O2 BMA J . -26.30 3.97 -43.54
O3 BMA J . -27.20 6.14 -45.15
O4 BMA J . -25.23 8.06 -44.56
O5 BMA J . -23.64 5.03 -43.52
O6 BMA J . -23.99 7.05 -41.65
C1 MAN J . -27.57 5.79 -46.48
C2 MAN J . -28.77 6.72 -46.59
C3 MAN J . -29.84 6.18 -45.65
C4 MAN J . -30.18 4.78 -46.12
C5 MAN J . -28.93 3.92 -46.11
C6 MAN J . -29.18 2.49 -46.57
O2 MAN J . -29.26 6.59 -47.91
O3 MAN J . -30.95 7.01 -45.76
O4 MAN J . -31.11 4.26 -45.19
O5 MAN J . -27.92 4.51 -46.92
O6 MAN J . -27.93 1.84 -46.64
C1 MAN J . -28.91 7.70 -48.70
C2 MAN J . -30.15 8.00 -49.55
C3 MAN J . -30.37 6.83 -50.50
C4 MAN J . -29.08 6.55 -51.28
C5 MAN J . -27.92 6.28 -50.31
C6 MAN J . -26.64 5.89 -51.04
O2 MAN J . -29.93 9.04 -50.45
O3 MAN J . -31.38 7.19 -51.40
O4 MAN J . -29.30 5.41 -52.07
O5 MAN J . -27.75 7.41 -49.47
O6 MAN J . -25.50 6.25 -50.29
C1 MAN J . -30.21 10.37 -50.02
C2 MAN J . -30.29 11.18 -51.33
C3 MAN J . -28.91 11.43 -51.94
C4 MAN J . -27.96 11.98 -50.89
C5 MAN J . -27.92 11.04 -49.69
C6 MAN J . -26.89 11.49 -48.66
O2 MAN J . -30.86 12.41 -51.05
O3 MAN J . -28.99 12.35 -52.99
O4 MAN J . -26.65 12.12 -51.44
O5 MAN J . -29.24 10.96 -49.15
O6 MAN J . -27.50 11.39 -47.40
C1 MAN J . -24.13 8.07 -40.68
C2 MAN J . -24.98 7.54 -39.51
C3 MAN J . -26.47 7.82 -39.72
C4 MAN J . -26.67 9.29 -40.08
C5 MAN J . -25.64 9.81 -41.16
C6 MAN J . -25.76 11.25 -41.72
O2 MAN J . -24.56 8.22 -38.33
O3 MAN J . -27.33 7.35 -38.67
O4 MAN J . -27.96 9.23 -40.63
O5 MAN J . -24.30 9.46 -40.85
O6 MAN J . -25.48 12.41 -40.91
C1 NAG K . 9.41 -30.21 -40.97
C2 NAG K . 8.05 -30.84 -41.34
C3 NAG K . 7.91 -32.24 -40.78
C4 NAG K . 9.05 -33.04 -41.38
C5 NAG K . 10.39 -32.39 -40.99
C6 NAG K . 11.65 -33.07 -41.56
C7 NAG K . 6.34 -29.16 -41.50
C8 NAG K . 5.21 -28.52 -40.73
N2 NAG K . 6.95 -30.11 -40.80
O3 NAG K . 6.68 -32.74 -41.21
O4 NAG K . 8.98 -34.37 -40.87
O5 NAG K . 10.41 -31.05 -41.46
O6 NAG K . 11.52 -33.16 -42.98
O7 NAG K . 6.62 -28.80 -42.67
C1 NAG K . 8.91 -35.28 -41.97
C2 NAG K . 9.34 -36.69 -41.51
C3 NAG K . 9.18 -37.65 -42.70
C4 NAG K . 7.83 -37.50 -43.43
C5 NAG K . 7.58 -36.01 -43.77
C6 NAG K . 6.28 -35.67 -44.52
C7 NAG K . 10.92 -36.68 -39.58
C8 NAG K . 12.36 -36.68 -39.12
N2 NAG K . 10.67 -36.73 -40.91
O3 NAG K . 9.34 -38.97 -42.22
O4 NAG K . 7.81 -38.29 -44.60
O5 NAG K . 7.61 -35.25 -42.57
O6 NAG K . 5.19 -36.14 -43.75
O7 NAG K . 9.99 -36.58 -38.74
C1 BMA K . 7.29 -39.64 -44.48
C2 BMA K . 6.66 -39.86 -45.87
C3 BMA K . 6.20 -41.32 -46.03
C4 BMA K . 7.38 -42.27 -45.70
C5 BMA K . 8.17 -41.88 -44.44
C6 BMA K . 9.55 -42.51 -44.40
O2 BMA K . 7.56 -39.49 -46.91
O3 BMA K . 5.68 -41.55 -47.34
O4 BMA K . 6.85 -43.56 -45.54
O5 BMA K . 8.43 -40.49 -44.36
O6 BMA K . 10.16 -42.25 -43.15
C1 MAN K . 11.59 -42.11 -43.29
C2 MAN K . 11.94 -41.97 -41.80
C3 MAN K . 12.43 -40.55 -41.41
C4 MAN K . 13.38 -39.91 -42.50
C5 MAN K . 12.84 -40.21 -43.93
C6 MAN K . 13.35 -39.47 -45.21
O2 MAN K . 12.95 -42.91 -41.49
O3 MAN K . 12.85 -40.54 -40.02
O4 MAN K . 13.47 -38.50 -42.36
O5 MAN K . 12.67 -41.62 -44.12
O6 MAN K . 14.74 -39.43 -45.55
C1 NAG L . -2.85 -6.18 -52.96
C2 NAG L . -2.91 -4.76 -52.38
C3 NAG L . -1.59 -4.06 -52.69
C4 NAG L . -0.37 -4.86 -52.22
C5 NAG L . -0.48 -6.27 -52.76
C6 NAG L . 0.49 -7.10 -51.97
C7 NAG L . -4.84 -3.25 -52.20
C8 NAG L . -5.86 -2.47 -52.98
N2 NAG L . -4.00 -3.98 -52.94
O3 NAG L . -1.53 -2.82 -52.03
O4 NAG L . 0.80 -4.38 -52.83
O5 NAG L . -1.71 -6.83 -52.44
O6 NAG L . 0.60 -8.40 -52.44
O7 NAG L . -4.81 -3.17 -50.96
C1 NAG L . 1.56 -3.38 -52.19
C2 NAG L . 3.07 -3.67 -52.32
C3 NAG L . 3.92 -2.46 -51.96
C4 NAG L . 3.53 -1.22 -52.76
C5 NAG L . 2.05 -1.03 -52.35
C6 NAG L . 1.43 0.26 -52.90
C7 NAG L . 3.32 -4.92 -50.19
C8 NAG L . 3.73 -6.24 -49.57
N2 NAG L . 3.42 -4.82 -51.52
O3 NAG L . 5.28 -2.79 -52.10
O4 NAG L . 4.39 -0.08 -52.54
O5 NAG L . 1.25 -2.14 -52.80
O6 NAG L . 1.41 0.01 -54.28
O7 NAG L . 2.93 -3.99 -49.47
C1 NAG M . -5.38 -12.42 -59.56
C2 NAG M . -4.04 -12.50 -60.26
C3 NAG M . -2.94 -12.69 -59.22
C4 NAG M . -3.01 -11.72 -58.02
C5 NAG M . -4.46 -11.79 -57.56
C6 NAG M . -4.67 -10.93 -56.31
C7 NAG M . -4.09 -13.48 -62.47
C8 NAG M . -4.20 -14.66 -63.39
N2 NAG M . -4.13 -13.64 -61.14
O3 NAG M . -1.70 -12.57 -59.86
O4 NAG M . -2.35 -12.22 -56.90
O5 NAG M . -5.32 -11.39 -58.61
O6 NAG M . -4.48 -9.58 -56.70
O7 NAG M . -3.92 -12.37 -62.95
C1 NAG M . -0.93 -12.16 -56.85
C2 NAG M . -0.53 -12.28 -55.40
C3 NAG M . 1.00 -12.22 -55.31
C4 NAG M . 1.73 -13.17 -56.31
C5 NAG M . 1.11 -13.01 -57.69
C6 NAG M . 1.64 -14.04 -58.66
C7 NAG M . -2.01 -11.15 -53.81
C8 NAG M . -2.52 -9.85 -53.29
N2 NAG M . -1.10 -11.12 -54.77
O3 NAG M . 1.38 -12.55 -54.01
O4 NAG M . 3.09 -12.78 -56.36
O5 NAG M . -0.30 -13.18 -57.59
O6 NAG M . 1.24 -13.61 -59.93
O7 NAG M . -2.43 -12.22 -53.36
C1 BMA M . 4.03 -13.81 -56.17
C2 BMA M . 5.44 -13.26 -56.30
C3 BMA M . 6.45 -14.39 -56.03
C4 BMA M . 6.18 -14.89 -54.64
C5 BMA M . 4.74 -15.40 -54.58
C6 BMA M . 4.49 -15.91 -53.16
O2 BMA M . 5.60 -12.19 -55.38
O3 BMA M . 7.76 -13.89 -56.00
O4 BMA M . 7.09 -15.87 -54.26
O5 BMA M . 3.83 -14.33 -54.89
O6 BMA M . 4.90 -14.91 -52.24
C1 MAN M . 4.58 -15.30 -50.87
C2 MAN M . 5.15 -14.34 -49.83
C3 MAN M . 6.64 -14.59 -49.80
C4 MAN M . 6.81 -16.01 -49.31
C5 MAN M . 6.33 -16.92 -50.40
C6 MAN M . 6.55 -18.41 -50.07
O2 MAN M . 4.52 -14.55 -48.57
O3 MAN M . 7.39 -13.82 -48.92
O4 MAN M . 8.17 -16.27 -49.05
O5 MAN M . 4.94 -16.65 -50.55
O6 MAN M . 5.97 -19.08 -51.18
C1 MAN M . 7.85 -12.54 -49.30
C2 MAN M . 9.04 -12.22 -48.40
C3 MAN M . 8.53 -11.95 -46.99
C4 MAN M . 7.61 -10.76 -47.01
C5 MAN M . 6.45 -11.03 -47.96
C6 MAN M . 5.71 -9.71 -48.19
O2 MAN M . 9.71 -11.06 -48.88
O3 MAN M . 9.59 -11.57 -46.20
O4 MAN M . 7.15 -10.45 -45.74
O5 MAN M . 6.87 -11.52 -49.25
O6 MAN M . 4.49 -10.24 -48.62
C1 MAN M . 10.52 -11.29 -50.08
C2 MAN M . 11.38 -10.02 -50.20
C3 MAN M . 10.48 -8.87 -50.70
C4 MAN M . 9.72 -9.21 -51.98
C5 MAN M . 9.03 -10.59 -51.92
C6 MAN M . 8.61 -11.02 -53.31
O2 MAN M . 12.52 -10.28 -51.00
O3 MAN M . 11.22 -7.68 -50.88
O4 MAN M . 8.73 -8.23 -52.15
O5 MAN M . 9.85 -11.62 -51.33
O6 MAN M . 7.60 -11.97 -53.10
C1 MAN M . 5.85 -20.50 -51.10
C2 MAN M . 5.47 -21.05 -52.48
C3 MAN M . 4.10 -20.55 -52.92
C4 MAN M . 3.00 -20.85 -51.89
C5 MAN M . 3.49 -20.41 -50.51
C6 MAN M . 2.51 -20.90 -49.47
O2 MAN M . 5.30 -22.45 -52.40
O3 MAN M . 3.73 -21.18 -54.13
O4 MAN M . 1.78 -20.21 -52.27
O5 MAN M . 4.85 -20.85 -50.18
O6 MAN M . 2.86 -20.35 -48.24
C1 MAN M . 6.54 -23.14 -52.48
C2 MAN M . 6.23 -24.52 -53.06
C3 MAN M . 5.43 -25.37 -52.06
C4 MAN M . 6.03 -25.36 -50.64
C5 MAN M . 6.47 -23.97 -50.18
C6 MAN M . 7.44 -24.17 -49.00
O2 MAN M . 7.50 -25.10 -53.29
O3 MAN M . 5.39 -26.71 -52.48
O4 MAN M . 5.14 -25.93 -49.68
O5 MAN M . 7.15 -23.24 -51.21
O6 MAN M . 7.64 -22.88 -48.41
C1 MAN M . 8.81 -14.70 -56.54
C2 MAN M . 10.09 -14.00 -56.06
C3 MAN M . 10.37 -12.74 -56.84
C4 MAN M . 10.25 -12.95 -58.34
C5 MAN M . 8.94 -13.64 -58.71
C6 MAN M . 8.89 -14.06 -60.20
O2 MAN M . 11.26 -14.79 -56.15
O3 MAN M . 11.68 -12.26 -56.54
O4 MAN M . 10.27 -11.68 -58.95
O5 MAN M . 8.71 -14.81 -57.94
O6 MAN M . 7.57 -14.54 -60.53
C1 MAN M . 11.58 -15.76 -55.12
C2 MAN M . 13.13 -15.76 -55.05
C3 MAN M . 13.63 -16.39 -56.38
C4 MAN M . 12.90 -17.67 -56.79
C5 MAN M . 11.40 -17.47 -56.75
C6 MAN M . 10.83 -18.83 -57.13
O2 MAN M . 13.81 -16.18 -53.85
O3 MAN M . 15.02 -16.64 -56.44
O4 MAN M . 13.15 -18.02 -58.12
O5 MAN M . 11.01 -17.01 -55.47
O6 MAN M . 9.58 -18.95 -56.50
C1 NAG N . 8.49 1.12 -11.81
C2 NAG N . 9.81 0.99 -11.06
C3 NAG N . 10.96 1.56 -11.90
C4 NAG N . 10.93 1.10 -13.36
C5 NAG N . 9.54 1.32 -13.96
C6 NAG N . 9.45 0.81 -15.41
C7 NAG N . 9.36 1.12 -8.61
C8 NAG N . 9.13 1.99 -7.38
N2 NAG N . 9.60 1.69 -9.81
O3 NAG N . 12.19 1.24 -11.28
O4 NAG N . 11.74 1.94 -14.13
O5 NAG N . 8.57 0.67 -13.14
O6 NAG N . 9.80 -0.58 -15.40
O7 NAG N . 9.33 -0.10 -8.45
C1 NAG N . 12.75 1.35 -14.95
C2 NAG N . 13.42 2.38 -15.90
C3 NAG N . 14.47 1.64 -16.77
C4 NAG N . 15.38 0.72 -15.93
C5 NAG N . 14.60 -0.12 -14.91
C6 NAG N . 15.54 -0.85 -13.93
C7 NAG N . 11.86 4.27 -16.47
C8 NAG N . 10.89 4.78 -17.50
N2 NAG N . 12.44 3.08 -16.75
O3 NAG N . 15.30 2.58 -17.41
O4 NAG N . 16.20 -0.10 -16.75
O5 NAG N . 13.75 0.75 -14.16
O6 NAG N . 14.97 -2.06 -13.50
O7 NAG N . 12.04 4.94 -15.42
C1 BMA N . 17.58 0.35 -16.91
C2 BMA N . 18.54 -0.85 -17.02
C3 BMA N . 19.89 -0.41 -17.60
C4 BMA N . 19.58 0.21 -18.98
C5 BMA N . 18.48 1.31 -19.00
C6 BMA N . 18.01 1.58 -20.46
O2 BMA N . 18.01 -1.88 -17.85
O3 BMA N . 20.79 -1.52 -17.68
O4 BMA N . 20.75 0.78 -19.53
O5 BMA N . 17.36 0.92 -18.19
O6 BMA N . 17.53 2.89 -20.73
C1 NAG O . 18.51 -11.70 -14.08
C2 NAG O . 19.83 -10.91 -13.86
C3 NAG O . 19.61 -9.72 -12.95
C4 NAG O . 18.35 -8.94 -13.34
C5 NAG O . 17.18 -9.87 -13.55
C6 NAG O . 15.97 -9.08 -14.04
C7 NAG O . 21.80 -12.17 -14.27
C8 NAG O . 22.93 -13.04 -13.78
N2 NAG O . 20.92 -11.73 -13.37
O3 NAG O . 20.75 -8.92 -13.09
O4 NAG O . 17.95 -8.05 -12.31
O5 NAG O . 17.54 -10.81 -14.53
O6 NAG O . 16.20 -8.53 -15.32
O7 NAG O . 21.68 -11.88 -15.45
C1 NAG O . 18.56 -6.75 -12.40
C2 NAG O . 17.70 -5.79 -11.62
C3 NAG O . 18.34 -4.43 -11.38
C4 NAG O . 19.75 -4.57 -10.80
C5 NAG O . 20.45 -5.55 -11.75
C6 NAG O . 21.94 -5.83 -11.49
C7 NAG O . 15.38 -6.06 -11.80
C8 NAG O . 14.11 -5.82 -12.57
N2 NAG O . 16.49 -5.59 -12.33
O3 NAG O . 17.53 -3.75 -10.47
O4 NAG O . 20.35 -3.28 -10.76
O5 NAG O . 19.76 -6.79 -11.71
O6 NAG O . 22.12 -6.26 -10.15
O7 NAG O . 15.44 -6.63 -10.70
C1 BMA O . 21.11 -2.93 -9.59
C2 BMA O . 22.20 -1.89 -9.93
C3 BMA O . 22.84 -1.36 -8.65
C4 BMA O . 21.77 -0.77 -7.75
C5 BMA O . 20.75 -1.90 -7.49
C6 BMA O . 19.64 -1.38 -6.61
O2 BMA O . 21.69 -0.79 -10.63
O3 BMA O . 23.84 -0.39 -8.87
O4 BMA O . 22.41 -0.44 -6.54
O5 BMA O . 20.16 -2.42 -8.68
O6 BMA O . 18.94 -0.43 -7.34
C1 MAN O . 18.03 0.12 -6.40
C2 MAN O . 17.73 1.42 -7.17
C3 MAN O . 18.75 2.54 -6.88
C4 MAN O . 18.93 2.70 -5.38
C5 MAN O . 19.32 1.33 -4.76
C6 MAN O . 19.51 1.31 -3.23
O2 MAN O . 16.49 1.92 -6.84
O3 MAN O . 18.39 3.76 -7.48
O4 MAN O . 19.99 3.59 -5.26
O5 MAN O . 18.28 0.43 -5.04
O6 MAN O . 18.32 1.83 -2.66
C1 MAN O . 18.59 2.27 -1.35
C2 MAN O . 17.21 2.32 -0.70
C3 MAN O . 16.39 3.41 -1.38
C4 MAN O . 17.08 4.78 -1.28
C5 MAN O . 18.43 4.64 -1.95
C6 MAN O . 19.16 5.94 -1.80
O2 MAN O . 17.29 2.69 0.67
O3 MAN O . 15.17 3.48 -0.73
O4 MAN O . 16.35 5.83 -1.88
O5 MAN O . 19.17 3.57 -1.34
O6 MAN O . 20.49 5.64 -2.11
C1 MAN O . 17.77 1.67 1.55
C2 MAN O . 17.26 1.95 2.96
C3 MAN O . 17.87 3.26 3.47
C4 MAN O . 19.37 3.00 3.57
C5 MAN O . 19.93 2.68 2.19
C6 MAN O . 21.38 2.24 2.28
O2 MAN O . 17.66 0.95 3.89
O3 MAN O . 17.29 3.58 4.72
O4 MAN O . 19.99 4.17 3.98
O5 MAN O . 19.19 1.66 1.50
O6 MAN O . 21.76 2.07 0.93
C1 MAN O . 25.13 -0.87 -8.30
C2 MAN O . 25.87 0.34 -7.69
C3 MAN O . 26.24 1.34 -8.81
C4 MAN O . 26.66 0.66 -10.14
C5 MAN O . 26.06 -0.77 -10.34
C6 MAN O . 26.49 -1.56 -11.57
O2 MAN O . 27.03 -0.06 -6.95
O3 MAN O . 27.26 2.20 -8.34
O4 MAN O . 26.13 1.45 -11.17
O5 MAN O . 26.07 -1.53 -9.13
O6 MAN O . 25.33 -1.68 -12.40
C1 NAG P . 17.62 -18.50 12.16
C2 NAG P . 19.07 -18.13 12.01
C3 NAG P . 19.70 -17.74 13.33
C4 NAG P . 18.85 -16.69 14.10
C5 NAG P . 17.40 -17.13 14.12
C6 NAG P . 16.44 -16.12 14.75
C7 NAG P . 20.69 -18.92 10.38
C8 NAG P . 21.38 -20.10 9.75
N2 NAG P . 19.79 -19.20 11.33
O3 NAG P . 20.97 -17.21 13.04
O4 NAG P . 19.20 -16.64 15.46
O5 NAG P . 16.99 -17.44 12.83
O6 NAG P . 15.59 -16.90 15.58
O7 NAG P . 20.96 -17.76 10.01
C1 NAG P . 20.04 -15.52 15.70
C2 NAG P . 20.02 -15.26 17.19
C3 NAG P . 21.05 -14.19 17.52
C4 NAG P . 22.43 -14.56 17.00
C5 NAG P . 22.36 -14.93 15.50
C6 NAG P . 23.73 -15.41 14.94
C7 NAG P . 17.98 -15.54 18.34
C8 NAG P . 16.64 -14.99 18.79
N2 NAG P . 18.73 -14.76 17.58
O3 NAG P . 21.15 -13.99 18.92
O4 NAG P . 23.25 -13.42 17.18
O5 NAG P . 21.32 -15.89 15.29
O6 NAG P . 24.21 -16.51 15.74
O7 NAG P . 18.38 -16.66 18.62
C1 BMA P . 24.40 -13.56 18.03
C2 BMA P . 25.52 -12.64 17.49
C3 BMA P . 26.70 -12.66 18.48
C4 BMA P . 26.29 -12.51 19.94
C5 BMA P . 25.11 -13.43 20.23
C6 BMA P . 24.52 -13.10 21.56
O2 BMA P . 25.09 -11.32 17.22
O3 BMA P . 27.69 -11.71 18.12
O4 BMA P . 27.38 -12.93 20.72
O5 BMA P . 24.14 -13.05 19.30
O6 BMA P . 24.44 -11.63 21.66
C1 MAN P . 23.71 -11.38 22.86
C2 MAN P . 23.42 -9.90 22.77
C3 MAN P . 24.67 -9.05 22.70
C4 MAN P . 25.62 -9.43 23.81
C5 MAN P . 25.75 -10.95 23.96
C6 MAN P . 26.55 -11.35 25.20
O2 MAN P . 22.66 -9.72 23.95
O3 MAN P . 24.29 -7.73 22.91
O4 MAN P . 26.87 -8.95 23.39
O5 MAN P . 24.47 -11.59 24.04
O6 MAN P . 27.21 -12.57 24.91
C1 MAN P . 24.74 -6.74 21.98
C2 MAN P . 24.02 -5.42 22.34
C3 MAN P . 22.51 -5.49 22.06
C4 MAN P . 22.28 -5.88 20.59
C5 MAN P . 23.06 -7.17 20.33
C6 MAN P . 22.87 -7.77 18.92
O2 MAN P . 24.46 -4.34 21.55
O3 MAN P . 21.94 -4.22 22.31
O4 MAN P . 20.91 -6.06 20.32
O5 MAN P . 24.45 -7.03 20.63
O6 MAN P . 23.54 -6.93 18.03
C1 MAN P . 25.71 -3.76 21.99
C2 MAN P . 25.61 -2.26 21.67
C3 MAN P . 25.72 -2.00 20.15
C4 MAN P . 26.99 -2.70 19.58
C5 MAN P . 26.91 -4.17 19.96
C6 MAN P . 28.07 -4.92 19.32
O2 MAN P . 26.57 -1.55 22.43
O3 MAN P . 25.52 -0.63 19.82
O4 MAN P . 27.08 -2.70 18.17
O5 MAN P . 26.86 -4.31 21.39
O6 MAN P . 28.90 -5.37 20.37
C1 MAN P . 28.34 -12.68 25.76
C2 MAN P . 28.92 -14.08 25.64
C3 MAN P . 27.81 -15.07 26.12
C4 MAN P . 27.20 -14.71 27.48
C5 MAN P . 26.99 -13.22 27.75
C6 MAN P . 27.14 -12.89 29.23
O2 MAN P . 30.14 -14.15 26.38
O3 MAN P . 28.30 -16.39 26.17
O4 MAN P . 25.91 -15.27 27.59
O5 MAN P . 27.96 -12.39 27.10
O6 MAN P . 26.58 -13.93 30.00
C1 MAN P . 28.86 -12.40 17.58
C2 MAN P . 30.32 -12.28 18.11
C3 MAN P . 31.11 -11.08 17.53
C4 MAN P . 30.53 -10.45 16.23
C5 MAN P . 29.07 -10.74 15.88
C6 MAN P . 28.85 -10.55 14.38
O2 MAN P . 31.07 -13.49 18.00
O3 MAN P . 32.46 -11.47 17.40
O4 MAN P . 30.58 -9.05 16.32
O5 MAN P . 28.68 -12.05 16.21
O6 MAN P . 28.39 -9.23 14.18
C1 NAG Q . 33.51 29.90 16.92
C2 NAG Q . 34.95 29.79 16.41
C3 NAG Q . 35.89 30.06 17.57
C4 NAG Q . 35.50 31.46 18.08
C5 NAG Q . 34.06 31.45 18.61
C6 NAG Q . 33.70 32.82 19.16
C7 NAG Q . 35.64 28.35 14.49
C8 NAG Q . 35.88 26.95 14.00
N2 NAG Q . 35.23 28.50 15.77
O3 NAG Q . 37.23 30.00 17.14
O4 NAG Q . 36.31 31.88 19.14
O5 NAG Q . 33.19 31.13 17.55
O6 NAG Q . 34.16 33.77 18.22
O7 NAG Q . 35.81 29.29 13.71
C1 NAG R . 36.71 9.74 41.70
C2 NAG R . 37.24 10.55 40.55
C3 NAG R . 37.22 9.68 39.28
C4 NAG R . 37.93 8.34 39.53
C5 NAG R . 37.15 7.67 40.64
C6 NAG R . 37.52 6.22 41.01
C7 NAG R . 36.93 12.86 40.75
C8 NAG R . 36.11 14.12 40.70
N2 NAG R . 36.38 11.70 40.45
O3 NAG R . 37.81 10.40 38.24
O4 NAG R . 37.84 7.51 38.40
O5 NAG R . 37.32 8.48 41.76
O6 NAG R . 38.90 6.03 40.99
O7 NAG R . 38.11 12.91 41.07
C1 MRD S . -21.55 -2.43 -8.96
C2 MRD S . -22.68 -1.39 -8.84
O2 MRD S . -22.92 -0.74 -10.09
CM MRD S . -23.95 -2.08 -8.34
C3 MRD S . -22.29 -0.28 -7.84
C4 MRD S . -20.85 0.17 -8.09
O4 MRD S . -20.33 0.87 -6.96
C5 MRD S . -20.84 1.02 -9.32
C1 MPD T . 12.45 1.85 18.28
C2 MPD T . 13.45 0.98 19.02
O2 MPD T . 12.84 -0.32 19.28
CM MPD T . 13.82 1.66 20.32
C3 MPD T . 14.73 0.76 18.19
C4 MPD T . 15.97 1.34 18.91
O4 MPD T . 16.34 0.43 19.92
C5 MPD T . 17.10 1.58 17.92
C1 MPD U . 20.72 11.35 20.83
C2 MPD U . 19.90 12.62 20.52
O2 MPD U . 20.06 13.57 21.60
CM MPD U . 20.52 13.24 19.26
C3 MPD U . 18.38 12.43 20.29
C4 MPD U . 17.48 11.90 21.41
O4 MPD U . 16.15 12.36 21.24
C5 MPD U . 17.39 10.37 21.30
C1 CTS V . 14.50 16.44 23.95
C2 CTS V . 13.11 17.00 23.78
C3 CTS V . 12.17 16.63 24.91
C4 CTS V . 12.19 15.12 25.15
C5 CTS V . 13.68 14.77 25.42
C6 CTS V . 13.95 13.33 25.62
O2 CTS V . 13.15 18.41 23.78
O3 CTS V . 10.90 17.12 24.56
O4 CTS V . 11.35 14.73 26.23
O6 CTS V . 13.26 12.60 24.57
N CTS V . 14.39 15.01 24.16
C7 CTS V . 15.46 13.28 25.37
C8 CTS V . 15.72 14.39 24.35
C1 NAG W . 20.16 -6.07 -43.32
C2 NAG W . 20.47 -4.70 -43.90
C3 NAG W . 20.35 -4.82 -45.42
C4 NAG W . 21.08 -6.06 -45.92
C5 NAG W . 20.56 -7.31 -45.20
C6 NAG W . 21.16 -8.59 -45.76
C7 NAG W . 18.24 -3.56 -43.42
C8 NAG W . 17.55 -2.46 -42.66
N2 NAG W . 19.60 -3.67 -43.28
O3 NAG W . 20.94 -3.72 -46.02
O4 NAG W . 20.84 -6.26 -47.28
O5 NAG W . 20.91 -7.12 -43.84
O6 NAG W . 22.55 -8.56 -45.50
O7 NAG W . 17.55 -4.29 -44.14
C1 NAG X . -1.26 -46.49 2.11
C2 NAG X . 0.19 -46.76 2.49
C3 NAG X . 0.49 -48.26 2.76
C4 NAG X . -0.67 -49.15 3.27
C5 NAG X . -2.02 -48.62 2.80
C6 NAG X . -3.19 -49.27 3.56
C7 NAG X . 2.08 -45.46 1.57
C8 NAG X . 2.87 -45.16 0.33
N2 NAG X . 1.05 -46.31 1.40
O3 NAG X . 1.55 -48.32 3.70
O4 NAG X . -0.59 -50.47 2.77
O5 NAG X . -2.04 -47.23 3.02
O6 NAG X . -4.36 -49.16 2.76
O7 NAG X . 2.37 -44.98 2.67
C1 NAG Y . -8.20 3.44 -55.52
C2 NAG Y . -6.67 3.49 -55.50
C3 NAG Y . -6.19 4.37 -54.35
C4 NAG Y . -6.79 5.74 -54.45
C5 NAG Y . -8.30 5.58 -54.35
C6 NAG Y . -9.01 6.92 -54.46
C7 NAG Y . -5.22 1.66 -56.20
C8 NAG Y . -4.66 0.31 -55.86
N2 NAG Y . -6.05 2.18 -55.31
O3 NAG Y . -4.81 4.52 -54.35
O4 NAG Y . -6.32 6.44 -53.33
O5 NAG Y . -8.74 4.74 -55.43
O6 NAG Y . -9.49 7.11 -55.79
O7 NAG Y . -4.93 2.22 -57.23
C1 MRD Z . 0.17 -2.65 -31.33
C2 MRD Z . 1.35 -3.02 -30.42
O2 MRD Z . 2.60 -2.76 -31.09
CM MRD Z . 1.31 -2.13 -29.17
C3 MRD Z . 1.34 -4.54 -30.06
C4 MRD Z . -0.04 -5.25 -29.86
O4 MRD Z . -0.87 -4.62 -28.89
C5 MRD Z . 0.20 -6.73 -29.46
C1 MRD AA . -7.00 0.98 -23.61
C2 MRD AA . -6.73 1.57 -22.23
O2 MRD AA . -7.89 2.09 -21.64
CM MRD AA . -6.11 0.49 -21.32
C3 MRD AA . -5.82 2.75 -22.45
C4 MRD AA . -5.78 2.97 -23.96
O4 MRD AA . -4.66 3.82 -24.11
C5 MRD AA . -7.06 3.63 -24.51
C1 MRD BA . 16.79 -31.92 -37.21
C2 MRD BA . 15.47 -31.68 -36.45
O2 MRD BA . 14.83 -32.94 -36.25
CM MRD BA . 15.75 -31.04 -35.10
C3 MRD BA . 14.52 -30.70 -37.18
C4 MRD BA . 14.04 -31.16 -38.57
O4 MRD BA . 13.18 -30.15 -39.16
C5 MRD BA . 13.32 -32.52 -38.51
C1 CTS CA . -0.40 -10.20 -31.11
C2 CTS CA . -0.38 -11.40 -30.11
C3 CTS CA . -1.75 -12.00 -30.00
C4 CTS CA . -2.83 -11.00 -29.63
C5 CTS CA . -2.78 -9.92 -30.72
C6 CTS CA . -3.71 -8.72 -30.55
O2 CTS CA . 0.51 -12.41 -30.61
O3 CTS CA . -1.81 -13.13 -29.11
O4 CTS CA . -4.06 -11.71 -29.68
O6 CTS CA . -3.81 -8.30 -29.19
N CTS CA . -1.46 -9.27 -30.69
C7 CTS CA . -2.99 -7.61 -31.30
C8 CTS CA . -1.65 -8.29 -31.73
#